data_1NAT
# 
_entry.id   1NAT 
# 
_audit_conform.dict_name       mmcif_pdbx.dic 
_audit_conform.dict_version    5.389 
_audit_conform.dict_location   http://mmcif.pdb.org/dictionaries/ascii/mmcif_pdbx.dic 
# 
loop_
_database_2.database_id 
_database_2.database_code 
_database_2.pdbx_database_accession 
_database_2.pdbx_DOI 
PDB   1NAT         pdb_00001nat 10.2210/pdb1nat/pdb 
WWPDB D_1000175213 ?            ?                   
# 
loop_
_pdbx_audit_revision_history.ordinal 
_pdbx_audit_revision_history.data_content_type 
_pdbx_audit_revision_history.major_revision 
_pdbx_audit_revision_history.minor_revision 
_pdbx_audit_revision_history.revision_date 
1 'Structure model' 1 0 1998-10-14 
2 'Structure model' 1 1 2008-03-24 
3 'Structure model' 1 2 2011-07-13 
4 'Structure model' 1 3 2024-02-14 
5 'Structure model' 1 4 2024-04-03 
# 
_pdbx_audit_revision_details.ordinal             1 
_pdbx_audit_revision_details.revision_ordinal    1 
_pdbx_audit_revision_details.data_content_type   'Structure model' 
_pdbx_audit_revision_details.provider            repository 
_pdbx_audit_revision_details.type                'Initial release' 
_pdbx_audit_revision_details.description         ? 
_pdbx_audit_revision_details.details             ? 
# 
loop_
_pdbx_audit_revision_group.ordinal 
_pdbx_audit_revision_group.revision_ordinal 
_pdbx_audit_revision_group.data_content_type 
_pdbx_audit_revision_group.group 
1 2 'Structure model' 'Version format compliance' 
2 3 'Structure model' 'Version format compliance' 
3 4 'Structure model' 'Data collection'           
4 4 'Structure model' 'Database references'       
5 4 'Structure model' Other                       
6 5 'Structure model' 'Refinement description'    
# 
loop_
_pdbx_audit_revision_category.ordinal 
_pdbx_audit_revision_category.revision_ordinal 
_pdbx_audit_revision_category.data_content_type 
_pdbx_audit_revision_category.category 
1 4 'Structure model' chem_comp_atom                
2 4 'Structure model' chem_comp_bond                
3 4 'Structure model' database_2                    
4 4 'Structure model' pdbx_database_status          
5 5 'Structure model' pdbx_initial_refinement_model 
# 
loop_
_pdbx_audit_revision_item.ordinal 
_pdbx_audit_revision_item.revision_ordinal 
_pdbx_audit_revision_item.data_content_type 
_pdbx_audit_revision_item.item 
1 4 'Structure model' '_database_2.pdbx_DOI'                
2 4 'Structure model' '_database_2.pdbx_database_accession' 
3 4 'Structure model' '_pdbx_database_status.process_site'  
# 
_pdbx_database_status.status_code                     REL 
_pdbx_database_status.entry_id                        1NAT 
_pdbx_database_status.recvd_initial_deposition_date   1997-09-09 
_pdbx_database_status.deposit_site                    ? 
_pdbx_database_status.process_site                    BNL 
_pdbx_database_status.SG_entry                        . 
_pdbx_database_status.pdb_format_compatible           Y 
_pdbx_database_status.status_code_mr                  ? 
_pdbx_database_status.status_code_sf                  ? 
_pdbx_database_status.status_code_cs                  ? 
_pdbx_database_status.status_code_nmr_data            ? 
_pdbx_database_status.methods_development_category    ? 
# 
loop_
_audit_author.name 
_audit_author.pdbx_ordinal 
Madhusudan        1 
'Zapf, J.'        2 
'Hoch, J.A.'      3 
'Whiteley, J.M.'  4 
'Xuong, N.H.'     5 
'Varughese, K.I.' 6 
# 
_citation.id                        primary 
_citation.title                     
;A response regulatory protein with the site of phosphorylation blocked by an arginine interaction: crystal structure of Spo0F from Bacillus subtilis.
;
_citation.journal_abbrev            Biochemistry 
_citation.journal_volume            36 
_citation.page_first                12739 
_citation.page_last                 12745 
_citation.year                      1997 
_citation.journal_id_ASTM           BICHAW 
_citation.country                   US 
_citation.journal_id_ISSN           0006-2960 
_citation.journal_id_CSD            0033 
_citation.book_publisher            ? 
_citation.pdbx_database_id_PubMed   9335530 
_citation.pdbx_database_id_DOI      10.1021/bi971276v 
# 
loop_
_citation_author.citation_id 
_citation_author.name 
_citation_author.ordinal 
_citation_author.identifier_ORCID 
primary 'Madhusudan, M.'  1 ? 
primary 'Zapf, J.'        2 ? 
primary 'Hoch, J.A.'      3 ? 
primary 'Whiteley, J.M.'  4 ? 
primary 'Xuong, N.H.'     5 ? 
primary 'Varughese, K.I.' 6 ? 
# 
loop_
_entity.id 
_entity.type 
_entity.src_method 
_entity.pdbx_description 
_entity.formula_weight 
_entity.pdbx_number_of_molecules 
_entity.pdbx_ec 
_entity.pdbx_mutation 
_entity.pdbx_fragment 
_entity.details 
1 polymer man 'SPORULATION RESPONSE REGULATORY PROTEIN' 14244.660 1  ? ? ? ? 
2 water   nat water                                     18.015    20 ? ? ? ? 
# 
_entity_name_com.entity_id   1 
_entity_name_com.name        SPO0F 
# 
_entity_poly.entity_id                      1 
_entity_poly.type                           'polypeptide(L)' 
_entity_poly.nstd_linkage                   no 
_entity_poly.nstd_monomer                   no 
_entity_poly.pdbx_seq_one_letter_code       
;MMNEKILIVDDQYGIRILLNEVFNKEGYQTFQAANGLQALDIVTKERPDLVLLDMKIPGMDGIEILKRMKVIDENIRVII
MTAYGELDMIQESKELGALTHFAKPFDIDEIRDAVKKYLPLKSN
;
_entity_poly.pdbx_seq_one_letter_code_can   
;MMNEKILIVDDQYGIRILLNEVFNKEGYQTFQAANGLQALDIVTKERPDLVLLDMKIPGMDGIEILKRMKVIDENIRVII
MTAYGELDMIQESKELGALTHFAKPFDIDEIRDAVKKYLPLKSN
;
_entity_poly.pdbx_strand_id                 A 
_entity_poly.pdbx_target_identifier         ? 
# 
_pdbx_entity_nonpoly.entity_id   2 
_pdbx_entity_nonpoly.name        water 
_pdbx_entity_nonpoly.comp_id     HOH 
# 
loop_
_entity_poly_seq.entity_id 
_entity_poly_seq.num 
_entity_poly_seq.mon_id 
_entity_poly_seq.hetero 
1 1   MET n 
1 2   MET n 
1 3   ASN n 
1 4   GLU n 
1 5   LYS n 
1 6   ILE n 
1 7   LEU n 
1 8   ILE n 
1 9   VAL n 
1 10  ASP n 
1 11  ASP n 
1 12  GLN n 
1 13  TYR n 
1 14  GLY n 
1 15  ILE n 
1 16  ARG n 
1 17  ILE n 
1 18  LEU n 
1 19  LEU n 
1 20  ASN n 
1 21  GLU n 
1 22  VAL n 
1 23  PHE n 
1 24  ASN n 
1 25  LYS n 
1 26  GLU n 
1 27  GLY n 
1 28  TYR n 
1 29  GLN n 
1 30  THR n 
1 31  PHE n 
1 32  GLN n 
1 33  ALA n 
1 34  ALA n 
1 35  ASN n 
1 36  GLY n 
1 37  LEU n 
1 38  GLN n 
1 39  ALA n 
1 40  LEU n 
1 41  ASP n 
1 42  ILE n 
1 43  VAL n 
1 44  THR n 
1 45  LYS n 
1 46  GLU n 
1 47  ARG n 
1 48  PRO n 
1 49  ASP n 
1 50  LEU n 
1 51  VAL n 
1 52  LEU n 
1 53  LEU n 
1 54  ASP n 
1 55  MET n 
1 56  LYS n 
1 57  ILE n 
1 58  PRO n 
1 59  GLY n 
1 60  MET n 
1 61  ASP n 
1 62  GLY n 
1 63  ILE n 
1 64  GLU n 
1 65  ILE n 
1 66  LEU n 
1 67  LYS n 
1 68  ARG n 
1 69  MET n 
1 70  LYS n 
1 71  VAL n 
1 72  ILE n 
1 73  ASP n 
1 74  GLU n 
1 75  ASN n 
1 76  ILE n 
1 77  ARG n 
1 78  VAL n 
1 79  ILE n 
1 80  ILE n 
1 81  MET n 
1 82  THR n 
1 83  ALA n 
1 84  TYR n 
1 85  GLY n 
1 86  GLU n 
1 87  LEU n 
1 88  ASP n 
1 89  MET n 
1 90  ILE n 
1 91  GLN n 
1 92  GLU n 
1 93  SER n 
1 94  LYS n 
1 95  GLU n 
1 96  LEU n 
1 97  GLY n 
1 98  ALA n 
1 99  LEU n 
1 100 THR n 
1 101 HIS n 
1 102 PHE n 
1 103 ALA n 
1 104 LYS n 
1 105 PRO n 
1 106 PHE n 
1 107 ASP n 
1 108 ILE n 
1 109 ASP n 
1 110 GLU n 
1 111 ILE n 
1 112 ARG n 
1 113 ASP n 
1 114 ALA n 
1 115 VAL n 
1 116 LYS n 
1 117 LYS n 
1 118 TYR n 
1 119 LEU n 
1 120 PRO n 
1 121 LEU n 
1 122 LYS n 
1 123 SER n 
1 124 ASN n 
# 
_entity_src_gen.entity_id                          1 
_entity_src_gen.pdbx_src_id                        1 
_entity_src_gen.pdbx_alt_source_flag               sample 
_entity_src_gen.pdbx_seq_type                      ? 
_entity_src_gen.pdbx_beg_seq_num                   ? 
_entity_src_gen.pdbx_end_seq_num                   ? 
_entity_src_gen.gene_src_common_name               ? 
_entity_src_gen.gene_src_genus                     Bacillus 
_entity_src_gen.pdbx_gene_src_gene                 SPO0F 
_entity_src_gen.gene_src_species                   ? 
_entity_src_gen.gene_src_strain                    ? 
_entity_src_gen.gene_src_tissue                    ? 
_entity_src_gen.gene_src_tissue_fraction           ? 
_entity_src_gen.gene_src_details                   ? 
_entity_src_gen.pdbx_gene_src_fragment             ? 
_entity_src_gen.pdbx_gene_src_scientific_name      'Bacillus subtilis' 
_entity_src_gen.pdbx_gene_src_ncbi_taxonomy_id     1423 
_entity_src_gen.pdbx_gene_src_variant              ? 
_entity_src_gen.pdbx_gene_src_cell_line            ? 
_entity_src_gen.pdbx_gene_src_atcc                 ? 
_entity_src_gen.pdbx_gene_src_organ                ? 
_entity_src_gen.pdbx_gene_src_organelle            ? 
_entity_src_gen.pdbx_gene_src_cell                 ? 
_entity_src_gen.pdbx_gene_src_cellular_location    ? 
_entity_src_gen.host_org_common_name               ? 
_entity_src_gen.pdbx_host_org_scientific_name      'Escherichia coli' 
_entity_src_gen.pdbx_host_org_ncbi_taxonomy_id     562 
_entity_src_gen.host_org_genus                     Escherichia 
_entity_src_gen.pdbx_host_org_gene                 SPO0F 
_entity_src_gen.pdbx_host_org_organ                ? 
_entity_src_gen.host_org_species                   ? 
_entity_src_gen.pdbx_host_org_tissue               ? 
_entity_src_gen.pdbx_host_org_tissue_fraction      ? 
_entity_src_gen.pdbx_host_org_strain               ? 
_entity_src_gen.pdbx_host_org_variant              ? 
_entity_src_gen.pdbx_host_org_cell_line            ? 
_entity_src_gen.pdbx_host_org_atcc                 ? 
_entity_src_gen.pdbx_host_org_culture_collection   ? 
_entity_src_gen.pdbx_host_org_cell                 ? 
_entity_src_gen.pdbx_host_org_organelle            ? 
_entity_src_gen.pdbx_host_org_cellular_location    ? 
_entity_src_gen.pdbx_host_org_vector_type          'T7 PROMOTER' 
_entity_src_gen.pdbx_host_org_vector               ? 
_entity_src_gen.host_org_details                   ? 
_entity_src_gen.expression_system_id               ? 
_entity_src_gen.plasmid_name                       PET20B 
_entity_src_gen.plasmid_details                    ? 
_entity_src_gen.pdbx_description                   ? 
# 
loop_
_chem_comp.id 
_chem_comp.type 
_chem_comp.mon_nstd_flag 
_chem_comp.name 
_chem_comp.pdbx_synonyms 
_chem_comp.formula 
_chem_comp.formula_weight 
ALA 'L-peptide linking' y ALANINE         ? 'C3 H7 N O2'     89.093  
ARG 'L-peptide linking' y ARGININE        ? 'C6 H15 N4 O2 1' 175.209 
ASN 'L-peptide linking' y ASPARAGINE      ? 'C4 H8 N2 O3'    132.118 
ASP 'L-peptide linking' y 'ASPARTIC ACID' ? 'C4 H7 N O4'     133.103 
GLN 'L-peptide linking' y GLUTAMINE       ? 'C5 H10 N2 O3'   146.144 
GLU 'L-peptide linking' y 'GLUTAMIC ACID' ? 'C5 H9 N O4'     147.129 
GLY 'peptide linking'   y GLYCINE         ? 'C2 H5 N O2'     75.067  
HIS 'L-peptide linking' y HISTIDINE       ? 'C6 H10 N3 O2 1' 156.162 
HOH non-polymer         . WATER           ? 'H2 O'           18.015  
ILE 'L-peptide linking' y ISOLEUCINE      ? 'C6 H13 N O2'    131.173 
LEU 'L-peptide linking' y LEUCINE         ? 'C6 H13 N O2'    131.173 
LYS 'L-peptide linking' y LYSINE          ? 'C6 H15 N2 O2 1' 147.195 
MET 'L-peptide linking' y METHIONINE      ? 'C5 H11 N O2 S'  149.211 
PHE 'L-peptide linking' y PHENYLALANINE   ? 'C9 H11 N O2'    165.189 
PRO 'L-peptide linking' y PROLINE         ? 'C5 H9 N O2'     115.130 
SER 'L-peptide linking' y SERINE          ? 'C3 H7 N O3'     105.093 
THR 'L-peptide linking' y THREONINE       ? 'C4 H9 N O3'     119.119 
TYR 'L-peptide linking' y TYROSINE        ? 'C9 H11 N O3'    181.189 
VAL 'L-peptide linking' y VALINE          ? 'C5 H11 N O2'    117.146 
# 
loop_
_pdbx_poly_seq_scheme.asym_id 
_pdbx_poly_seq_scheme.entity_id 
_pdbx_poly_seq_scheme.seq_id 
_pdbx_poly_seq_scheme.mon_id 
_pdbx_poly_seq_scheme.ndb_seq_num 
_pdbx_poly_seq_scheme.pdb_seq_num 
_pdbx_poly_seq_scheme.auth_seq_num 
_pdbx_poly_seq_scheme.pdb_mon_id 
_pdbx_poly_seq_scheme.auth_mon_id 
_pdbx_poly_seq_scheme.pdb_strand_id 
_pdbx_poly_seq_scheme.pdb_ins_code 
_pdbx_poly_seq_scheme.hetero 
A 1 1   MET 1   1   ?   ?   ?   A . n 
A 1 2   MET 2   2   ?   ?   ?   A . n 
A 1 3   ASN 3   3   3   ASN ASN A . n 
A 1 4   GLU 4   4   4   GLU GLU A . n 
A 1 5   LYS 5   5   5   LYS LYS A . n 
A 1 6   ILE 6   6   6   ILE ILE A . n 
A 1 7   LEU 7   7   7   LEU LEU A . n 
A 1 8   ILE 8   8   8   ILE ILE A . n 
A 1 9   VAL 9   9   9   VAL VAL A . n 
A 1 10  ASP 10  10  10  ASP ASP A . n 
A 1 11  ASP 11  11  11  ASP ASP A . n 
A 1 12  GLN 12  12  12  GLN GLN A . n 
A 1 13  TYR 13  13  13  TYR TYR A . n 
A 1 14  GLY 14  14  14  GLY GLY A . n 
A 1 15  ILE 15  15  15  ILE ILE A . n 
A 1 16  ARG 16  16  16  ARG ARG A . n 
A 1 17  ILE 17  17  17  ILE ILE A . n 
A 1 18  LEU 18  18  18  LEU LEU A . n 
A 1 19  LEU 19  19  19  LEU LEU A . n 
A 1 20  ASN 20  20  20  ASN ASN A . n 
A 1 21  GLU 21  21  21  GLU GLU A . n 
A 1 22  VAL 22  22  22  VAL VAL A . n 
A 1 23  PHE 23  23  23  PHE PHE A . n 
A 1 24  ASN 24  24  24  ASN ASN A . n 
A 1 25  LYS 25  25  25  LYS LYS A . n 
A 1 26  GLU 26  26  26  GLU GLU A . n 
A 1 27  GLY 27  27  27  GLY GLY A . n 
A 1 28  TYR 28  28  28  TYR TYR A . n 
A 1 29  GLN 29  29  29  GLN GLN A . n 
A 1 30  THR 30  30  30  THR THR A . n 
A 1 31  PHE 31  31  31  PHE PHE A . n 
A 1 32  GLN 32  32  32  GLN GLN A . n 
A 1 33  ALA 33  33  33  ALA ALA A . n 
A 1 34  ALA 34  34  34  ALA ALA A . n 
A 1 35  ASN 35  35  35  ASN ASN A . n 
A 1 36  GLY 36  36  36  GLY GLY A . n 
A 1 37  LEU 37  37  37  LEU LEU A . n 
A 1 38  GLN 38  38  38  GLN GLN A . n 
A 1 39  ALA 39  39  39  ALA ALA A . n 
A 1 40  LEU 40  40  40  LEU LEU A . n 
A 1 41  ASP 41  41  41  ASP ASP A . n 
A 1 42  ILE 42  42  42  ILE ILE A . n 
A 1 43  VAL 43  43  43  VAL VAL A . n 
A 1 44  THR 44  44  44  THR THR A . n 
A 1 45  LYS 45  45  45  LYS LYS A . n 
A 1 46  GLU 46  46  46  GLU GLU A . n 
A 1 47  ARG 47  47  47  ARG ARG A . n 
A 1 48  PRO 48  48  48  PRO PRO A . n 
A 1 49  ASP 49  49  49  ASP ASP A . n 
A 1 50  LEU 50  50  50  LEU LEU A . n 
A 1 51  VAL 51  51  51  VAL VAL A . n 
A 1 52  LEU 52  52  52  LEU LEU A . n 
A 1 53  LEU 53  53  53  LEU LEU A . n 
A 1 54  ASP 54  54  54  ASP ASP A . n 
A 1 55  MET 55  55  55  MET MET A . n 
A 1 56  LYS 56  56  56  LYS LYS A . n 
A 1 57  ILE 57  57  57  ILE ILE A . n 
A 1 58  PRO 58  58  58  PRO PRO A . n 
A 1 59  GLY 59  59  59  GLY GLY A . n 
A 1 60  MET 60  60  60  MET MET A . n 
A 1 61  ASP 61  61  61  ASP ASP A . n 
A 1 62  GLY 62  62  62  GLY GLY A . n 
A 1 63  ILE 63  63  63  ILE ILE A . n 
A 1 64  GLU 64  64  64  GLU GLU A . n 
A 1 65  ILE 65  65  65  ILE ILE A . n 
A 1 66  LEU 66  66  66  LEU LEU A . n 
A 1 67  LYS 67  67  67  LYS LYS A . n 
A 1 68  ARG 68  68  68  ARG ARG A . n 
A 1 69  MET 69  69  69  MET MET A . n 
A 1 70  LYS 70  70  70  LYS LYS A . n 
A 1 71  VAL 71  71  71  VAL VAL A . n 
A 1 72  ILE 72  72  72  ILE ILE A . n 
A 1 73  ASP 73  73  73  ASP ASP A . n 
A 1 74  GLU 74  74  74  GLU GLU A . n 
A 1 75  ASN 75  75  75  ASN ASN A . n 
A 1 76  ILE 76  76  76  ILE ILE A . n 
A 1 77  ARG 77  77  77  ARG ARG A . n 
A 1 78  VAL 78  78  78  VAL VAL A . n 
A 1 79  ILE 79  79  79  ILE ILE A . n 
A 1 80  ILE 80  80  80  ILE ILE A . n 
A 1 81  MET 81  81  81  MET MET A . n 
A 1 82  THR 82  82  82  THR THR A . n 
A 1 83  ALA 83  83  83  ALA ALA A . n 
A 1 84  TYR 84  84  84  TYR TYR A . n 
A 1 85  GLY 85  85  85  GLY GLY A . n 
A 1 86  GLU 86  86  86  GLU GLU A . n 
A 1 87  LEU 87  87  87  LEU LEU A . n 
A 1 88  ASP 88  88  88  ASP ASP A . n 
A 1 89  MET 89  89  89  MET MET A . n 
A 1 90  ILE 90  90  90  ILE ILE A . n 
A 1 91  GLN 91  91  91  GLN GLN A . n 
A 1 92  GLU 92  92  92  GLU GLU A . n 
A 1 93  SER 93  93  93  SER SER A . n 
A 1 94  LYS 94  94  94  LYS LYS A . n 
A 1 95  GLU 95  95  95  GLU GLU A . n 
A 1 96  LEU 96  96  96  LEU LEU A . n 
A 1 97  GLY 97  97  97  GLY GLY A . n 
A 1 98  ALA 98  98  98  ALA ALA A . n 
A 1 99  LEU 99  99  99  LEU LEU A . n 
A 1 100 THR 100 100 100 THR THR A . n 
A 1 101 HIS 101 101 101 HIS HIS A . n 
A 1 102 PHE 102 102 102 PHE PHE A . n 
A 1 103 ALA 103 103 103 ALA ALA A . n 
A 1 104 LYS 104 104 104 LYS LYS A . n 
A 1 105 PRO 105 105 105 PRO PRO A . n 
A 1 106 PHE 106 106 106 PHE PHE A . n 
A 1 107 ASP 107 107 107 ASP ASP A . n 
A 1 108 ILE 108 108 108 ILE ILE A . n 
A 1 109 ASP 109 109 109 ASP ASP A . n 
A 1 110 GLU 110 110 110 GLU GLU A . n 
A 1 111 ILE 111 111 111 ILE ILE A . n 
A 1 112 ARG 112 112 112 ARG ARG A . n 
A 1 113 ASP 113 113 113 ASP ASP A . n 
A 1 114 ALA 114 114 114 ALA ALA A . n 
A 1 115 VAL 115 115 115 VAL VAL A . n 
A 1 116 LYS 116 116 116 LYS LYS A . n 
A 1 117 LYS 117 117 117 LYS LYS A . n 
A 1 118 TYR 118 118 118 TYR TYR A . n 
A 1 119 LEU 119 119 119 LEU LEU A . n 
A 1 120 PRO 120 120 120 PRO PRO A . n 
A 1 121 LEU 121 121 121 LEU LEU A . n 
A 1 122 LYS 122 122 ?   ?   ?   A . n 
A 1 123 SER 123 123 ?   ?   ?   A . n 
A 1 124 ASN 124 124 ?   ?   ?   A . n 
# 
loop_
_pdbx_nonpoly_scheme.asym_id 
_pdbx_nonpoly_scheme.entity_id 
_pdbx_nonpoly_scheme.mon_id 
_pdbx_nonpoly_scheme.ndb_seq_num 
_pdbx_nonpoly_scheme.pdb_seq_num 
_pdbx_nonpoly_scheme.auth_seq_num 
_pdbx_nonpoly_scheme.pdb_mon_id 
_pdbx_nonpoly_scheme.auth_mon_id 
_pdbx_nonpoly_scheme.pdb_strand_id 
_pdbx_nonpoly_scheme.pdb_ins_code 
B 2 HOH 1  131 131 HOH HOH A . 
B 2 HOH 2  132 132 HOH HOH A . 
B 2 HOH 3  133 133 HOH HOH A . 
B 2 HOH 4  134 134 HOH HOH A . 
B 2 HOH 5  135 135 HOH HOH A . 
B 2 HOH 6  136 136 HOH HOH A . 
B 2 HOH 7  137 137 HOH HOH A . 
B 2 HOH 8  138 138 HOH HOH A . 
B 2 HOH 9  139 139 HOH HOH A . 
B 2 HOH 10 140 140 HOH HOH A . 
B 2 HOH 11 141 141 HOH HOH A . 
B 2 HOH 12 142 142 HOH HOH A . 
B 2 HOH 13 143 143 HOH HOH A . 
B 2 HOH 14 144 144 HOH HOH A . 
B 2 HOH 15 145 145 HOH HOH A . 
B 2 HOH 16 146 146 HOH HOH A . 
B 2 HOH 17 147 147 HOH HOH A . 
B 2 HOH 18 148 148 HOH HOH A . 
B 2 HOH 19 149 149 HOH HOH A . 
B 2 HOH 20 150 150 HOH HOH A . 
# 
loop_
_pdbx_unobs_or_zero_occ_atoms.id 
_pdbx_unobs_or_zero_occ_atoms.PDB_model_num 
_pdbx_unobs_or_zero_occ_atoms.polymer_flag 
_pdbx_unobs_or_zero_occ_atoms.occupancy_flag 
_pdbx_unobs_or_zero_occ_atoms.auth_asym_id 
_pdbx_unobs_or_zero_occ_atoms.auth_comp_id 
_pdbx_unobs_or_zero_occ_atoms.auth_seq_id 
_pdbx_unobs_or_zero_occ_atoms.PDB_ins_code 
_pdbx_unobs_or_zero_occ_atoms.auth_atom_id 
_pdbx_unobs_or_zero_occ_atoms.label_alt_id 
_pdbx_unobs_or_zero_occ_atoms.label_asym_id 
_pdbx_unobs_or_zero_occ_atoms.label_comp_id 
_pdbx_unobs_or_zero_occ_atoms.label_seq_id 
_pdbx_unobs_or_zero_occ_atoms.label_atom_id 
1  1 Y 1 A ASN 3  ? CG  ? A ASN 3  CG  
2  1 Y 1 A ASN 3  ? OD1 ? A ASN 3  OD1 
3  1 Y 1 A ASN 3  ? ND2 ? A ASN 3  ND2 
4  1 Y 1 A GLU 21 ? CD  ? A GLU 21 CD  
5  1 Y 1 A GLU 21 ? OE1 ? A GLU 21 OE1 
6  1 Y 1 A GLU 21 ? OE2 ? A GLU 21 OE2 
7  1 Y 1 A LEU 37 ? CD1 ? A LEU 37 CD1 
8  1 Y 1 A LEU 37 ? CD2 ? A LEU 37 CD2 
9  1 Y 1 A LYS 45 ? CG  ? A LYS 45 CG  
10 1 Y 1 A LYS 45 ? CD  ? A LYS 45 CD  
11 1 Y 1 A LYS 45 ? CE  ? A LYS 45 CE  
12 1 Y 1 A LYS 45 ? NZ  ? A LYS 45 NZ  
# 
loop_
_software.name 
_software.classification 
_software.version 
_software.citation_id 
_software.pdbx_ordinal 
X-PLOR 'model building' .        ? 1 
X-PLOR refinement       .        ? 2 
UCSD   'data reduction' .        ? 3 
SCAL1  'data scaling'   '(UCSD)' ? 4 
X-PLOR phasing          .        ? 5 
# 
_cell.entry_id           1NAT 
_cell.length_a           58.500 
_cell.length_b           58.500 
_cell.length_c           85.400 
_cell.angle_alpha        90.00 
_cell.angle_beta         90.00 
_cell.angle_gamma        90.00 
_cell.Z_PDB              8 
_cell.pdbx_unique_axis   ? 
# 
_symmetry.entry_id                         1NAT 
_symmetry.space_group_name_H-M             'P 42 21 2' 
_symmetry.pdbx_full_space_group_name_H-M   ? 
_symmetry.cell_setting                     ? 
_symmetry.Int_Tables_number                94 
# 
_exptl.entry_id          1NAT 
_exptl.method            'X-RAY DIFFRACTION' 
_exptl.crystals_number   1 
# 
_exptl_crystal.id                    1 
_exptl_crystal.density_meas          ? 
_exptl_crystal.density_Matthews      2.56 
_exptl_crystal.density_percent_sol   50. 
_exptl_crystal.description           ? 
# 
_exptl_crystal_grow.crystal_id      1 
_exptl_crystal_grow.method          ? 
_exptl_crystal_grow.temp            ? 
_exptl_crystal_grow.temp_details    ? 
_exptl_crystal_grow.pH              7.8 
_exptl_crystal_grow.pdbx_pH_range   ? 
_exptl_crystal_grow.pdbx_details    'pH 7.8' 
# 
_diffrn.id                     1 
_diffrn.ambient_temp           300 
_diffrn.ambient_temp_details   ? 
_diffrn.crystal_id             1 
# 
_diffrn_detector.diffrn_id              1 
_diffrn_detector.detector               'AREA DETECTOR' 
_diffrn_detector.type                   'XUONG-HAMLIN MULTIWIRE' 
_diffrn_detector.pdbx_collection_date   1991-09 
_diffrn_detector.details                ? 
# 
_diffrn_radiation.diffrn_id                        1 
_diffrn_radiation.wavelength_id                    1 
_diffrn_radiation.pdbx_monochromatic_or_laue_m_l   M 
_diffrn_radiation.monochromator                    'GRAPHITE(002)' 
_diffrn_radiation.pdbx_diffrn_protocol             ? 
_diffrn_radiation.pdbx_scattering_type             x-ray 
# 
_diffrn_radiation_wavelength.id           1 
_diffrn_radiation_wavelength.wavelength   1.5418 
_diffrn_radiation_wavelength.wt           1.0 
# 
_diffrn_source.diffrn_id                   1 
_diffrn_source.source                      'ROTATING ANODE' 
_diffrn_source.type                        'RIGAKU RUH2R' 
_diffrn_source.pdbx_synchrotron_site       ? 
_diffrn_source.pdbx_synchrotron_beamline   ? 
_diffrn_source.pdbx_wavelength             1.5418 
_diffrn_source.pdbx_wavelength_list        ? 
# 
_reflns.entry_id                     1NAT 
_reflns.observed_criterion_sigma_I   0.0 
_reflns.observed_criterion_sigma_F   ? 
_reflns.d_resolution_low             50.0 
_reflns.d_resolution_high            2.45 
_reflns.number_obs                   24763 
_reflns.number_all                   ? 
_reflns.percent_possible_obs         92.7 
_reflns.pdbx_Rmerge_I_obs            0.0570000 
_reflns.pdbx_Rsym_value              ? 
_reflns.pdbx_netI_over_sigmaI        19.8 
_reflns.B_iso_Wilson_estimate        ? 
_reflns.pdbx_redundancy              4.5 
_reflns.pdbx_diffrn_id               1 
_reflns.pdbx_ordinal                 1 
# 
_reflns_shell.d_res_high             2.45 
_reflns_shell.d_res_low              2.64 
_reflns_shell.percent_possible_all   79.8 
_reflns_shell.Rmerge_I_obs           0.1530000 
_reflns_shell.pdbx_Rsym_value        ? 
_reflns_shell.meanI_over_sigI_obs    4.2 
_reflns_shell.pdbx_redundancy        2.4 
_reflns_shell.pdbx_diffrn_id         ? 
_reflns_shell.pdbx_ordinal           1 
# 
_refine.entry_id                                 1NAT 
_refine.ls_number_reflns_obs                     5449 
_refine.ls_number_reflns_all                     ? 
_refine.pdbx_ls_sigma_I                          ? 
_refine.pdbx_ls_sigma_F                          2. 
_refine.pdbx_data_cutoff_high_absF               ? 
_refine.pdbx_data_cutoff_low_absF                ? 
_refine.pdbx_data_cutoff_high_rms_absF           ? 
_refine.ls_d_res_low                             8. 
_refine.ls_d_res_high                            2.45 
_refine.ls_percent_reflns_obs                    92.7 
_refine.ls_R_factor_obs                          0.1810000 
_refine.ls_R_factor_all                          ? 
_refine.ls_R_factor_R_work                       0.1810000 
_refine.ls_R_factor_R_free                       ? 
_refine.ls_R_factor_R_free_error                 ? 
_refine.ls_R_factor_R_free_error_details         ? 
_refine.ls_percent_reflns_R_free                 ? 
_refine.ls_number_reflns_R_free                  ? 
_refine.ls_number_parameters                     ? 
_refine.ls_number_restraints                     ? 
_refine.occupancy_min                            ? 
_refine.occupancy_max                            ? 
_refine.B_iso_mean                               38. 
_refine.aniso_B[1][1]                            2.14 
_refine.aniso_B[2][2]                            2.14 
_refine.aniso_B[3][3]                            -4.28 
_refine.aniso_B[1][2]                            0.0 
_refine.aniso_B[1][3]                            0.0 
_refine.aniso_B[2][3]                            0.0 
_refine.solvent_model_details                    ? 
_refine.solvent_model_param_ksol                 ? 
_refine.solvent_model_param_bsol                 ? 
_refine.pdbx_ls_cross_valid_method               ? 
_refine.details                                  ? 
_refine.pdbx_starting_model                      13 
_refine.pdbx_method_to_determine_struct          'MOLECULAR REPLACEMENT' 
_refine.pdbx_isotropic_thermal_model             ? 
_refine.pdbx_stereochemistry_target_values       ? 
_refine.pdbx_stereochem_target_val_spec_case     ? 
_refine.pdbx_R_Free_selection_details            ? 
_refine.pdbx_overall_ESU_R                       ? 
_refine.pdbx_overall_ESU_R_Free                  ? 
_refine.overall_SU_ML                            ? 
_refine.overall_SU_B                             ? 
_refine.pdbx_refine_id                           'X-RAY DIFFRACTION' 
_refine.pdbx_diffrn_id                           1 
_refine.pdbx_TLS_residual_ADP_flag               ? 
_refine.correlation_coeff_Fo_to_Fc               ? 
_refine.correlation_coeff_Fo_to_Fc_free          ? 
_refine.pdbx_solvent_vdw_probe_radii             ? 
_refine.pdbx_solvent_ion_probe_radii             ? 
_refine.pdbx_solvent_shrinkage_radii             ? 
_refine.pdbx_overall_phase_error                 ? 
_refine.overall_SU_R_Cruickshank_DPI             ? 
_refine.pdbx_overall_SU_R_free_Cruickshank_DPI   ? 
_refine.pdbx_overall_SU_R_Blow_DPI               ? 
_refine.pdbx_overall_SU_R_free_Blow_DPI          ? 
# 
_refine_hist.pdbx_refine_id                   'X-RAY DIFFRACTION' 
_refine_hist.cycle_id                         LAST 
_refine_hist.pdbx_number_atoms_protein        944 
_refine_hist.pdbx_number_atoms_nucleic_acid   0 
_refine_hist.pdbx_number_atoms_ligand         2 
_refine_hist.number_atoms_solvent             20 
_refine_hist.number_atoms_total               966 
_refine_hist.d_res_high                       2.45 
_refine_hist.d_res_low                        8. 
# 
loop_
_refine_ls_restr.type 
_refine_ls_restr.dev_ideal 
_refine_ls_restr.dev_ideal_target 
_refine_ls_restr.weight 
_refine_ls_restr.number 
_refine_ls_restr.pdbx_refine_id 
_refine_ls_restr.pdbx_restraint_function 
x_bond_d                0.017 ? ? ? 'X-RAY DIFFRACTION' ? 
x_bond_d_na             ?     ? ? ? 'X-RAY DIFFRACTION' ? 
x_bond_d_prot           ?     ? ? ? 'X-RAY DIFFRACTION' ? 
x_angle_d               ?     ? ? ? 'X-RAY DIFFRACTION' ? 
x_angle_d_na            ?     ? ? ? 'X-RAY DIFFRACTION' ? 
x_angle_d_prot          ?     ? ? ? 'X-RAY DIFFRACTION' ? 
x_angle_deg             1.8   ? ? ? 'X-RAY DIFFRACTION' ? 
x_angle_deg_na          ?     ? ? ? 'X-RAY DIFFRACTION' ? 
x_angle_deg_prot        ?     ? ? ? 'X-RAY DIFFRACTION' ? 
x_dihedral_angle_d      ?     ? ? ? 'X-RAY DIFFRACTION' ? 
x_dihedral_angle_d_na   ?     ? ? ? 'X-RAY DIFFRACTION' ? 
x_dihedral_angle_d_prot ?     ? ? ? 'X-RAY DIFFRACTION' ? 
x_improper_angle_d      ?     ? ? ? 'X-RAY DIFFRACTION' ? 
x_improper_angle_d_na   ?     ? ? ? 'X-RAY DIFFRACTION' ? 
x_improper_angle_d_prot ?     ? ? ? 'X-RAY DIFFRACTION' ? 
x_mcbond_it             ?     ? ? ? 'X-RAY DIFFRACTION' ? 
x_mcangle_it            ?     ? ? ? 'X-RAY DIFFRACTION' ? 
x_scbond_it             ?     ? ? ? 'X-RAY DIFFRACTION' ? 
x_scangle_it            ?     ? ? ? 'X-RAY DIFFRACTION' ? 
# 
_struct.entry_id                  1NAT 
_struct.title                     'CRYSTAL STRUCTURE OF SPOOF FROM BACILLUS SUBTILIS' 
_struct.pdbx_model_details        ? 
_struct.pdbx_CASP_flag            ? 
_struct.pdbx_model_type_details   ? 
# 
_struct_keywords.entry_id        1NAT 
_struct_keywords.pdbx_keywords   'REGULATORY PROTEIN' 
_struct_keywords.text            'ASPARTATE POCKET, SPORULATION RESPONSE REGULATOR, TWO COMPONENT SYSTEM, REGULATORY PROTEIN' 
# 
loop_
_struct_asym.id 
_struct_asym.pdbx_blank_PDB_chainid_flag 
_struct_asym.pdbx_modified 
_struct_asym.entity_id 
_struct_asym.details 
A N N 1 ? 
B N N 2 ? 
# 
_struct_ref.id                         1 
_struct_ref.db_name                    UNP 
_struct_ref.db_code                    SP0F_BACSU 
_struct_ref.entity_id                  1 
_struct_ref.pdbx_db_accession          P06628 
_struct_ref.pdbx_align_begin           1 
_struct_ref.pdbx_seq_one_letter_code   
;MMNEKILIVDDQYGIRILLNEVFNKEGYQTFQAANGLQALDIVTKERPDLVLLDMKIPGMDGIEILKRMKVIDENIRVII
MTAYGELDMIQESKELGALTHFAKPFDIDEIRDAVKKYLPLKSN
;
_struct_ref.pdbx_db_isoform            ? 
# 
_struct_ref_seq.align_id                      1 
_struct_ref_seq.ref_id                        1 
_struct_ref_seq.pdbx_PDB_id_code              1NAT 
_struct_ref_seq.pdbx_strand_id                A 
_struct_ref_seq.seq_align_beg                 1 
_struct_ref_seq.pdbx_seq_align_beg_ins_code   ? 
_struct_ref_seq.seq_align_end                 124 
_struct_ref_seq.pdbx_seq_align_end_ins_code   ? 
_struct_ref_seq.pdbx_db_accession             P06628 
_struct_ref_seq.db_align_beg                  1 
_struct_ref_seq.pdbx_db_align_beg_ins_code    ? 
_struct_ref_seq.db_align_end                  124 
_struct_ref_seq.pdbx_db_align_end_ins_code    ? 
_struct_ref_seq.pdbx_auth_seq_align_beg       1 
_struct_ref_seq.pdbx_auth_seq_align_end       124 
# 
_pdbx_struct_assembly.id                   1 
_pdbx_struct_assembly.details              author_defined_assembly 
_pdbx_struct_assembly.method_details       ? 
_pdbx_struct_assembly.oligomeric_details   monomeric 
_pdbx_struct_assembly.oligomeric_count     1 
# 
_pdbx_struct_assembly_gen.assembly_id       1 
_pdbx_struct_assembly_gen.oper_expression   1 
_pdbx_struct_assembly_gen.asym_id_list      A,B 
# 
_pdbx_struct_oper_list.id                   1 
_pdbx_struct_oper_list.type                 'identity operation' 
_pdbx_struct_oper_list.name                 1_555 
_pdbx_struct_oper_list.symmetry_operation   x,y,z 
_pdbx_struct_oper_list.matrix[1][1]         1.0000000000 
_pdbx_struct_oper_list.matrix[1][2]         0.0000000000 
_pdbx_struct_oper_list.matrix[1][3]         0.0000000000 
_pdbx_struct_oper_list.vector[1]            0.0000000000 
_pdbx_struct_oper_list.matrix[2][1]         0.0000000000 
_pdbx_struct_oper_list.matrix[2][2]         1.0000000000 
_pdbx_struct_oper_list.matrix[2][3]         0.0000000000 
_pdbx_struct_oper_list.vector[2]            0.0000000000 
_pdbx_struct_oper_list.matrix[3][1]         0.0000000000 
_pdbx_struct_oper_list.matrix[3][2]         0.0000000000 
_pdbx_struct_oper_list.matrix[3][3]         1.0000000000 
_pdbx_struct_oper_list.vector[3]            0.0000000000 
# 
_struct_biol.id   1 
# 
loop_
_struct_conf.conf_type_id 
_struct_conf.id 
_struct_conf.pdbx_PDB_helix_id 
_struct_conf.beg_label_comp_id 
_struct_conf.beg_label_asym_id 
_struct_conf.beg_label_seq_id 
_struct_conf.pdbx_beg_PDB_ins_code 
_struct_conf.end_label_comp_id 
_struct_conf.end_label_asym_id 
_struct_conf.end_label_seq_id 
_struct_conf.pdbx_end_PDB_ins_code 
_struct_conf.beg_auth_comp_id 
_struct_conf.beg_auth_asym_id 
_struct_conf.beg_auth_seq_id 
_struct_conf.end_auth_comp_id 
_struct_conf.end_auth_asym_id 
_struct_conf.end_auth_seq_id 
_struct_conf.pdbx_PDB_helix_class 
_struct_conf.details 
_struct_conf.pdbx_PDB_helix_length 
HELX_P HELX_P1 1 TYR A 13  ? GLU A 26  ? TYR A 13  GLU A 26  1 ? 14 
HELX_P HELX_P2 2 GLY A 36  ? GLU A 46  ? GLY A 36  GLU A 46  5 ? 11 
HELX_P HELX_P3 3 GLY A 62  ? ILE A 72  ? GLY A 62  ILE A 72  1 ? 11 
HELX_P HELX_P4 4 LEU A 87  ? LEU A 96  ? LEU A 87  LEU A 96  1 ? 10 
HELX_P HELX_P5 5 ILE A 108 ? TYR A 118 ? ILE A 108 TYR A 118 1 ? 11 
# 
_struct_conf_type.id          HELX_P 
_struct_conf_type.criteria    ? 
_struct_conf_type.reference   ? 
# 
_struct_mon_prot_cis.pdbx_id                1 
_struct_mon_prot_cis.label_comp_id          LYS 
_struct_mon_prot_cis.label_seq_id           104 
_struct_mon_prot_cis.label_asym_id          A 
_struct_mon_prot_cis.label_alt_id           . 
_struct_mon_prot_cis.pdbx_PDB_ins_code      ? 
_struct_mon_prot_cis.auth_comp_id           LYS 
_struct_mon_prot_cis.auth_seq_id            104 
_struct_mon_prot_cis.auth_asym_id           A 
_struct_mon_prot_cis.pdbx_label_comp_id_2   PRO 
_struct_mon_prot_cis.pdbx_label_seq_id_2    105 
_struct_mon_prot_cis.pdbx_label_asym_id_2   A 
_struct_mon_prot_cis.pdbx_PDB_ins_code_2    ? 
_struct_mon_prot_cis.pdbx_auth_comp_id_2    PRO 
_struct_mon_prot_cis.pdbx_auth_seq_id_2     105 
_struct_mon_prot_cis.pdbx_auth_asym_id_2    A 
_struct_mon_prot_cis.pdbx_PDB_model_num     1 
_struct_mon_prot_cis.pdbx_omega_angle       -0.58 
# 
_struct_sheet.id               A 
_struct_sheet.type             ? 
_struct_sheet.number_strands   5 
_struct_sheet.details          ? 
# 
loop_
_struct_sheet_order.sheet_id 
_struct_sheet_order.range_id_1 
_struct_sheet_order.range_id_2 
_struct_sheet_order.offset 
_struct_sheet_order.sense 
A 1 2 ? parallel 
A 2 3 ? parallel 
A 3 4 ? parallel 
A 4 5 ? parallel 
# 
loop_
_struct_sheet_range.sheet_id 
_struct_sheet_range.id 
_struct_sheet_range.beg_label_comp_id 
_struct_sheet_range.beg_label_asym_id 
_struct_sheet_range.beg_label_seq_id 
_struct_sheet_range.pdbx_beg_PDB_ins_code 
_struct_sheet_range.end_label_comp_id 
_struct_sheet_range.end_label_asym_id 
_struct_sheet_range.end_label_seq_id 
_struct_sheet_range.pdbx_end_PDB_ins_code 
_struct_sheet_range.beg_auth_comp_id 
_struct_sheet_range.beg_auth_asym_id 
_struct_sheet_range.beg_auth_seq_id 
_struct_sheet_range.end_auth_comp_id 
_struct_sheet_range.end_auth_asym_id 
_struct_sheet_range.end_auth_seq_id 
A 1 GLN A 29 ? ALA A 33  ? GLN A 29 ALA A 33  
A 2 LYS A 5  ? VAL A 9   ? LYS A 5  VAL A 9   
A 3 LEU A 50 ? ASP A 54  ? LEU A 50 ASP A 54  
A 4 ARG A 77 ? THR A 82  ? ARG A 77 THR A 82  
A 5 ALA A 98 ? ALA A 103 ? ALA A 98 ALA A 103 
# 
loop_
_pdbx_struct_sheet_hbond.sheet_id 
_pdbx_struct_sheet_hbond.range_id_1 
_pdbx_struct_sheet_hbond.range_id_2 
_pdbx_struct_sheet_hbond.range_1_label_atom_id 
_pdbx_struct_sheet_hbond.range_1_label_comp_id 
_pdbx_struct_sheet_hbond.range_1_label_asym_id 
_pdbx_struct_sheet_hbond.range_1_label_seq_id 
_pdbx_struct_sheet_hbond.range_1_PDB_ins_code 
_pdbx_struct_sheet_hbond.range_1_auth_atom_id 
_pdbx_struct_sheet_hbond.range_1_auth_comp_id 
_pdbx_struct_sheet_hbond.range_1_auth_asym_id 
_pdbx_struct_sheet_hbond.range_1_auth_seq_id 
_pdbx_struct_sheet_hbond.range_2_label_atom_id 
_pdbx_struct_sheet_hbond.range_2_label_comp_id 
_pdbx_struct_sheet_hbond.range_2_label_asym_id 
_pdbx_struct_sheet_hbond.range_2_label_seq_id 
_pdbx_struct_sheet_hbond.range_2_PDB_ins_code 
_pdbx_struct_sheet_hbond.range_2_auth_atom_id 
_pdbx_struct_sheet_hbond.range_2_auth_comp_id 
_pdbx_struct_sheet_hbond.range_2_auth_asym_id 
_pdbx_struct_sheet_hbond.range_2_auth_seq_id 
A 1 2 O GLN A 29 ? O GLN A 29 N ILE A 6  ? N ILE A 6  
A 2 3 O LEU A 7  ? O LEU A 7  N LEU A 50 ? N LEU A 50 
A 3 4 O VAL A 51 ? O VAL A 51 N ARG A 77 ? N ARG A 77 
A 4 5 O VAL A 78 ? O VAL A 78 N LEU A 99 ? N LEU A 99 
# 
loop_
_pdbx_validate_torsion.id 
_pdbx_validate_torsion.PDB_model_num 
_pdbx_validate_torsion.auth_comp_id 
_pdbx_validate_torsion.auth_asym_id 
_pdbx_validate_torsion.auth_seq_id 
_pdbx_validate_torsion.PDB_ins_code 
_pdbx_validate_torsion.label_alt_id 
_pdbx_validate_torsion.phi 
_pdbx_validate_torsion.psi 
1 1 GLU A 86  ? ? -101.24 57.46 
2 1 LEU A 119 ? ? -119.85 68.57 
# 
loop_
_pdbx_unobs_or_zero_occ_residues.id 
_pdbx_unobs_or_zero_occ_residues.PDB_model_num 
_pdbx_unobs_or_zero_occ_residues.polymer_flag 
_pdbx_unobs_or_zero_occ_residues.occupancy_flag 
_pdbx_unobs_or_zero_occ_residues.auth_asym_id 
_pdbx_unobs_or_zero_occ_residues.auth_comp_id 
_pdbx_unobs_or_zero_occ_residues.auth_seq_id 
_pdbx_unobs_or_zero_occ_residues.PDB_ins_code 
_pdbx_unobs_or_zero_occ_residues.label_asym_id 
_pdbx_unobs_or_zero_occ_residues.label_comp_id 
_pdbx_unobs_or_zero_occ_residues.label_seq_id 
1 1 Y 1 A MET 1   ? A MET 1   
2 1 Y 1 A MET 2   ? A MET 2   
3 1 Y 1 A LYS 122 ? A LYS 122 
4 1 Y 1 A SER 123 ? A SER 123 
5 1 Y 1 A ASN 124 ? A ASN 124 
# 
loop_
_chem_comp_atom.comp_id 
_chem_comp_atom.atom_id 
_chem_comp_atom.type_symbol 
_chem_comp_atom.pdbx_aromatic_flag 
_chem_comp_atom.pdbx_stereo_config 
_chem_comp_atom.pdbx_ordinal 
ALA N    N N N 1   
ALA CA   C N S 2   
ALA C    C N N 3   
ALA O    O N N 4   
ALA CB   C N N 5   
ALA OXT  O N N 6   
ALA H    H N N 7   
ALA H2   H N N 8   
ALA HA   H N N 9   
ALA HB1  H N N 10  
ALA HB2  H N N 11  
ALA HB3  H N N 12  
ALA HXT  H N N 13  
ARG N    N N N 14  
ARG CA   C N S 15  
ARG C    C N N 16  
ARG O    O N N 17  
ARG CB   C N N 18  
ARG CG   C N N 19  
ARG CD   C N N 20  
ARG NE   N N N 21  
ARG CZ   C N N 22  
ARG NH1  N N N 23  
ARG NH2  N N N 24  
ARG OXT  O N N 25  
ARG H    H N N 26  
ARG H2   H N N 27  
ARG HA   H N N 28  
ARG HB2  H N N 29  
ARG HB3  H N N 30  
ARG HG2  H N N 31  
ARG HG3  H N N 32  
ARG HD2  H N N 33  
ARG HD3  H N N 34  
ARG HE   H N N 35  
ARG HH11 H N N 36  
ARG HH12 H N N 37  
ARG HH21 H N N 38  
ARG HH22 H N N 39  
ARG HXT  H N N 40  
ASN N    N N N 41  
ASN CA   C N S 42  
ASN C    C N N 43  
ASN O    O N N 44  
ASN CB   C N N 45  
ASN CG   C N N 46  
ASN OD1  O N N 47  
ASN ND2  N N N 48  
ASN OXT  O N N 49  
ASN H    H N N 50  
ASN H2   H N N 51  
ASN HA   H N N 52  
ASN HB2  H N N 53  
ASN HB3  H N N 54  
ASN HD21 H N N 55  
ASN HD22 H N N 56  
ASN HXT  H N N 57  
ASP N    N N N 58  
ASP CA   C N S 59  
ASP C    C N N 60  
ASP O    O N N 61  
ASP CB   C N N 62  
ASP CG   C N N 63  
ASP OD1  O N N 64  
ASP OD2  O N N 65  
ASP OXT  O N N 66  
ASP H    H N N 67  
ASP H2   H N N 68  
ASP HA   H N N 69  
ASP HB2  H N N 70  
ASP HB3  H N N 71  
ASP HD2  H N N 72  
ASP HXT  H N N 73  
GLN N    N N N 74  
GLN CA   C N S 75  
GLN C    C N N 76  
GLN O    O N N 77  
GLN CB   C N N 78  
GLN CG   C N N 79  
GLN CD   C N N 80  
GLN OE1  O N N 81  
GLN NE2  N N N 82  
GLN OXT  O N N 83  
GLN H    H N N 84  
GLN H2   H N N 85  
GLN HA   H N N 86  
GLN HB2  H N N 87  
GLN HB3  H N N 88  
GLN HG2  H N N 89  
GLN HG3  H N N 90  
GLN HE21 H N N 91  
GLN HE22 H N N 92  
GLN HXT  H N N 93  
GLU N    N N N 94  
GLU CA   C N S 95  
GLU C    C N N 96  
GLU O    O N N 97  
GLU CB   C N N 98  
GLU CG   C N N 99  
GLU CD   C N N 100 
GLU OE1  O N N 101 
GLU OE2  O N N 102 
GLU OXT  O N N 103 
GLU H    H N N 104 
GLU H2   H N N 105 
GLU HA   H N N 106 
GLU HB2  H N N 107 
GLU HB3  H N N 108 
GLU HG2  H N N 109 
GLU HG3  H N N 110 
GLU HE2  H N N 111 
GLU HXT  H N N 112 
GLY N    N N N 113 
GLY CA   C N N 114 
GLY C    C N N 115 
GLY O    O N N 116 
GLY OXT  O N N 117 
GLY H    H N N 118 
GLY H2   H N N 119 
GLY HA2  H N N 120 
GLY HA3  H N N 121 
GLY HXT  H N N 122 
HIS N    N N N 123 
HIS CA   C N S 124 
HIS C    C N N 125 
HIS O    O N N 126 
HIS CB   C N N 127 
HIS CG   C Y N 128 
HIS ND1  N Y N 129 
HIS CD2  C Y N 130 
HIS CE1  C Y N 131 
HIS NE2  N Y N 132 
HIS OXT  O N N 133 
HIS H    H N N 134 
HIS H2   H N N 135 
HIS HA   H N N 136 
HIS HB2  H N N 137 
HIS HB3  H N N 138 
HIS HD1  H N N 139 
HIS HD2  H N N 140 
HIS HE1  H N N 141 
HIS HE2  H N N 142 
HIS HXT  H N N 143 
HOH O    O N N 144 
HOH H1   H N N 145 
HOH H2   H N N 146 
ILE N    N N N 147 
ILE CA   C N S 148 
ILE C    C N N 149 
ILE O    O N N 150 
ILE CB   C N S 151 
ILE CG1  C N N 152 
ILE CG2  C N N 153 
ILE CD1  C N N 154 
ILE OXT  O N N 155 
ILE H    H N N 156 
ILE H2   H N N 157 
ILE HA   H N N 158 
ILE HB   H N N 159 
ILE HG12 H N N 160 
ILE HG13 H N N 161 
ILE HG21 H N N 162 
ILE HG22 H N N 163 
ILE HG23 H N N 164 
ILE HD11 H N N 165 
ILE HD12 H N N 166 
ILE HD13 H N N 167 
ILE HXT  H N N 168 
LEU N    N N N 169 
LEU CA   C N S 170 
LEU C    C N N 171 
LEU O    O N N 172 
LEU CB   C N N 173 
LEU CG   C N N 174 
LEU CD1  C N N 175 
LEU CD2  C N N 176 
LEU OXT  O N N 177 
LEU H    H N N 178 
LEU H2   H N N 179 
LEU HA   H N N 180 
LEU HB2  H N N 181 
LEU HB3  H N N 182 
LEU HG   H N N 183 
LEU HD11 H N N 184 
LEU HD12 H N N 185 
LEU HD13 H N N 186 
LEU HD21 H N N 187 
LEU HD22 H N N 188 
LEU HD23 H N N 189 
LEU HXT  H N N 190 
LYS N    N N N 191 
LYS CA   C N S 192 
LYS C    C N N 193 
LYS O    O N N 194 
LYS CB   C N N 195 
LYS CG   C N N 196 
LYS CD   C N N 197 
LYS CE   C N N 198 
LYS NZ   N N N 199 
LYS OXT  O N N 200 
LYS H    H N N 201 
LYS H2   H N N 202 
LYS HA   H N N 203 
LYS HB2  H N N 204 
LYS HB3  H N N 205 
LYS HG2  H N N 206 
LYS HG3  H N N 207 
LYS HD2  H N N 208 
LYS HD3  H N N 209 
LYS HE2  H N N 210 
LYS HE3  H N N 211 
LYS HZ1  H N N 212 
LYS HZ2  H N N 213 
LYS HZ3  H N N 214 
LYS HXT  H N N 215 
MET N    N N N 216 
MET CA   C N S 217 
MET C    C N N 218 
MET O    O N N 219 
MET CB   C N N 220 
MET CG   C N N 221 
MET SD   S N N 222 
MET CE   C N N 223 
MET OXT  O N N 224 
MET H    H N N 225 
MET H2   H N N 226 
MET HA   H N N 227 
MET HB2  H N N 228 
MET HB3  H N N 229 
MET HG2  H N N 230 
MET HG3  H N N 231 
MET HE1  H N N 232 
MET HE2  H N N 233 
MET HE3  H N N 234 
MET HXT  H N N 235 
PHE N    N N N 236 
PHE CA   C N S 237 
PHE C    C N N 238 
PHE O    O N N 239 
PHE CB   C N N 240 
PHE CG   C Y N 241 
PHE CD1  C Y N 242 
PHE CD2  C Y N 243 
PHE CE1  C Y N 244 
PHE CE2  C Y N 245 
PHE CZ   C Y N 246 
PHE OXT  O N N 247 
PHE H    H N N 248 
PHE H2   H N N 249 
PHE HA   H N N 250 
PHE HB2  H N N 251 
PHE HB3  H N N 252 
PHE HD1  H N N 253 
PHE HD2  H N N 254 
PHE HE1  H N N 255 
PHE HE2  H N N 256 
PHE HZ   H N N 257 
PHE HXT  H N N 258 
PRO N    N N N 259 
PRO CA   C N S 260 
PRO C    C N N 261 
PRO O    O N N 262 
PRO CB   C N N 263 
PRO CG   C N N 264 
PRO CD   C N N 265 
PRO OXT  O N N 266 
PRO H    H N N 267 
PRO HA   H N N 268 
PRO HB2  H N N 269 
PRO HB3  H N N 270 
PRO HG2  H N N 271 
PRO HG3  H N N 272 
PRO HD2  H N N 273 
PRO HD3  H N N 274 
PRO HXT  H N N 275 
SER N    N N N 276 
SER CA   C N S 277 
SER C    C N N 278 
SER O    O N N 279 
SER CB   C N N 280 
SER OG   O N N 281 
SER OXT  O N N 282 
SER H    H N N 283 
SER H2   H N N 284 
SER HA   H N N 285 
SER HB2  H N N 286 
SER HB3  H N N 287 
SER HG   H N N 288 
SER HXT  H N N 289 
THR N    N N N 290 
THR CA   C N S 291 
THR C    C N N 292 
THR O    O N N 293 
THR CB   C N R 294 
THR OG1  O N N 295 
THR CG2  C N N 296 
THR OXT  O N N 297 
THR H    H N N 298 
THR H2   H N N 299 
THR HA   H N N 300 
THR HB   H N N 301 
THR HG1  H N N 302 
THR HG21 H N N 303 
THR HG22 H N N 304 
THR HG23 H N N 305 
THR HXT  H N N 306 
TYR N    N N N 307 
TYR CA   C N S 308 
TYR C    C N N 309 
TYR O    O N N 310 
TYR CB   C N N 311 
TYR CG   C Y N 312 
TYR CD1  C Y N 313 
TYR CD2  C Y N 314 
TYR CE1  C Y N 315 
TYR CE2  C Y N 316 
TYR CZ   C Y N 317 
TYR OH   O N N 318 
TYR OXT  O N N 319 
TYR H    H N N 320 
TYR H2   H N N 321 
TYR HA   H N N 322 
TYR HB2  H N N 323 
TYR HB3  H N N 324 
TYR HD1  H N N 325 
TYR HD2  H N N 326 
TYR HE1  H N N 327 
TYR HE2  H N N 328 
TYR HH   H N N 329 
TYR HXT  H N N 330 
VAL N    N N N 331 
VAL CA   C N S 332 
VAL C    C N N 333 
VAL O    O N N 334 
VAL CB   C N N 335 
VAL CG1  C N N 336 
VAL CG2  C N N 337 
VAL OXT  O N N 338 
VAL H    H N N 339 
VAL H2   H N N 340 
VAL HA   H N N 341 
VAL HB   H N N 342 
VAL HG11 H N N 343 
VAL HG12 H N N 344 
VAL HG13 H N N 345 
VAL HG21 H N N 346 
VAL HG22 H N N 347 
VAL HG23 H N N 348 
VAL HXT  H N N 349 
# 
loop_
_chem_comp_bond.comp_id 
_chem_comp_bond.atom_id_1 
_chem_comp_bond.atom_id_2 
_chem_comp_bond.value_order 
_chem_comp_bond.pdbx_aromatic_flag 
_chem_comp_bond.pdbx_stereo_config 
_chem_comp_bond.pdbx_ordinal 
ALA N   CA   sing N N 1   
ALA N   H    sing N N 2   
ALA N   H2   sing N N 3   
ALA CA  C    sing N N 4   
ALA CA  CB   sing N N 5   
ALA CA  HA   sing N N 6   
ALA C   O    doub N N 7   
ALA C   OXT  sing N N 8   
ALA CB  HB1  sing N N 9   
ALA CB  HB2  sing N N 10  
ALA CB  HB3  sing N N 11  
ALA OXT HXT  sing N N 12  
ARG N   CA   sing N N 13  
ARG N   H    sing N N 14  
ARG N   H2   sing N N 15  
ARG CA  C    sing N N 16  
ARG CA  CB   sing N N 17  
ARG CA  HA   sing N N 18  
ARG C   O    doub N N 19  
ARG C   OXT  sing N N 20  
ARG CB  CG   sing N N 21  
ARG CB  HB2  sing N N 22  
ARG CB  HB3  sing N N 23  
ARG CG  CD   sing N N 24  
ARG CG  HG2  sing N N 25  
ARG CG  HG3  sing N N 26  
ARG CD  NE   sing N N 27  
ARG CD  HD2  sing N N 28  
ARG CD  HD3  sing N N 29  
ARG NE  CZ   sing N N 30  
ARG NE  HE   sing N N 31  
ARG CZ  NH1  sing N N 32  
ARG CZ  NH2  doub N N 33  
ARG NH1 HH11 sing N N 34  
ARG NH1 HH12 sing N N 35  
ARG NH2 HH21 sing N N 36  
ARG NH2 HH22 sing N N 37  
ARG OXT HXT  sing N N 38  
ASN N   CA   sing N N 39  
ASN N   H    sing N N 40  
ASN N   H2   sing N N 41  
ASN CA  C    sing N N 42  
ASN CA  CB   sing N N 43  
ASN CA  HA   sing N N 44  
ASN C   O    doub N N 45  
ASN C   OXT  sing N N 46  
ASN CB  CG   sing N N 47  
ASN CB  HB2  sing N N 48  
ASN CB  HB3  sing N N 49  
ASN CG  OD1  doub N N 50  
ASN CG  ND2  sing N N 51  
ASN ND2 HD21 sing N N 52  
ASN ND2 HD22 sing N N 53  
ASN OXT HXT  sing N N 54  
ASP N   CA   sing N N 55  
ASP N   H    sing N N 56  
ASP N   H2   sing N N 57  
ASP CA  C    sing N N 58  
ASP CA  CB   sing N N 59  
ASP CA  HA   sing N N 60  
ASP C   O    doub N N 61  
ASP C   OXT  sing N N 62  
ASP CB  CG   sing N N 63  
ASP CB  HB2  sing N N 64  
ASP CB  HB3  sing N N 65  
ASP CG  OD1  doub N N 66  
ASP CG  OD2  sing N N 67  
ASP OD2 HD2  sing N N 68  
ASP OXT HXT  sing N N 69  
GLN N   CA   sing N N 70  
GLN N   H    sing N N 71  
GLN N   H2   sing N N 72  
GLN CA  C    sing N N 73  
GLN CA  CB   sing N N 74  
GLN CA  HA   sing N N 75  
GLN C   O    doub N N 76  
GLN C   OXT  sing N N 77  
GLN CB  CG   sing N N 78  
GLN CB  HB2  sing N N 79  
GLN CB  HB3  sing N N 80  
GLN CG  CD   sing N N 81  
GLN CG  HG2  sing N N 82  
GLN CG  HG3  sing N N 83  
GLN CD  OE1  doub N N 84  
GLN CD  NE2  sing N N 85  
GLN NE2 HE21 sing N N 86  
GLN NE2 HE22 sing N N 87  
GLN OXT HXT  sing N N 88  
GLU N   CA   sing N N 89  
GLU N   H    sing N N 90  
GLU N   H2   sing N N 91  
GLU CA  C    sing N N 92  
GLU CA  CB   sing N N 93  
GLU CA  HA   sing N N 94  
GLU C   O    doub N N 95  
GLU C   OXT  sing N N 96  
GLU CB  CG   sing N N 97  
GLU CB  HB2  sing N N 98  
GLU CB  HB3  sing N N 99  
GLU CG  CD   sing N N 100 
GLU CG  HG2  sing N N 101 
GLU CG  HG3  sing N N 102 
GLU CD  OE1  doub N N 103 
GLU CD  OE2  sing N N 104 
GLU OE2 HE2  sing N N 105 
GLU OXT HXT  sing N N 106 
GLY N   CA   sing N N 107 
GLY N   H    sing N N 108 
GLY N   H2   sing N N 109 
GLY CA  C    sing N N 110 
GLY CA  HA2  sing N N 111 
GLY CA  HA3  sing N N 112 
GLY C   O    doub N N 113 
GLY C   OXT  sing N N 114 
GLY OXT HXT  sing N N 115 
HIS N   CA   sing N N 116 
HIS N   H    sing N N 117 
HIS N   H2   sing N N 118 
HIS CA  C    sing N N 119 
HIS CA  CB   sing N N 120 
HIS CA  HA   sing N N 121 
HIS C   O    doub N N 122 
HIS C   OXT  sing N N 123 
HIS CB  CG   sing N N 124 
HIS CB  HB2  sing N N 125 
HIS CB  HB3  sing N N 126 
HIS CG  ND1  sing Y N 127 
HIS CG  CD2  doub Y N 128 
HIS ND1 CE1  doub Y N 129 
HIS ND1 HD1  sing N N 130 
HIS CD2 NE2  sing Y N 131 
HIS CD2 HD2  sing N N 132 
HIS CE1 NE2  sing Y N 133 
HIS CE1 HE1  sing N N 134 
HIS NE2 HE2  sing N N 135 
HIS OXT HXT  sing N N 136 
HOH O   H1   sing N N 137 
HOH O   H2   sing N N 138 
ILE N   CA   sing N N 139 
ILE N   H    sing N N 140 
ILE N   H2   sing N N 141 
ILE CA  C    sing N N 142 
ILE CA  CB   sing N N 143 
ILE CA  HA   sing N N 144 
ILE C   O    doub N N 145 
ILE C   OXT  sing N N 146 
ILE CB  CG1  sing N N 147 
ILE CB  CG2  sing N N 148 
ILE CB  HB   sing N N 149 
ILE CG1 CD1  sing N N 150 
ILE CG1 HG12 sing N N 151 
ILE CG1 HG13 sing N N 152 
ILE CG2 HG21 sing N N 153 
ILE CG2 HG22 sing N N 154 
ILE CG2 HG23 sing N N 155 
ILE CD1 HD11 sing N N 156 
ILE CD1 HD12 sing N N 157 
ILE CD1 HD13 sing N N 158 
ILE OXT HXT  sing N N 159 
LEU N   CA   sing N N 160 
LEU N   H    sing N N 161 
LEU N   H2   sing N N 162 
LEU CA  C    sing N N 163 
LEU CA  CB   sing N N 164 
LEU CA  HA   sing N N 165 
LEU C   O    doub N N 166 
LEU C   OXT  sing N N 167 
LEU CB  CG   sing N N 168 
LEU CB  HB2  sing N N 169 
LEU CB  HB3  sing N N 170 
LEU CG  CD1  sing N N 171 
LEU CG  CD2  sing N N 172 
LEU CG  HG   sing N N 173 
LEU CD1 HD11 sing N N 174 
LEU CD1 HD12 sing N N 175 
LEU CD1 HD13 sing N N 176 
LEU CD2 HD21 sing N N 177 
LEU CD2 HD22 sing N N 178 
LEU CD2 HD23 sing N N 179 
LEU OXT HXT  sing N N 180 
LYS N   CA   sing N N 181 
LYS N   H    sing N N 182 
LYS N   H2   sing N N 183 
LYS CA  C    sing N N 184 
LYS CA  CB   sing N N 185 
LYS CA  HA   sing N N 186 
LYS C   O    doub N N 187 
LYS C   OXT  sing N N 188 
LYS CB  CG   sing N N 189 
LYS CB  HB2  sing N N 190 
LYS CB  HB3  sing N N 191 
LYS CG  CD   sing N N 192 
LYS CG  HG2  sing N N 193 
LYS CG  HG3  sing N N 194 
LYS CD  CE   sing N N 195 
LYS CD  HD2  sing N N 196 
LYS CD  HD3  sing N N 197 
LYS CE  NZ   sing N N 198 
LYS CE  HE2  sing N N 199 
LYS CE  HE3  sing N N 200 
LYS NZ  HZ1  sing N N 201 
LYS NZ  HZ2  sing N N 202 
LYS NZ  HZ3  sing N N 203 
LYS OXT HXT  sing N N 204 
MET N   CA   sing N N 205 
MET N   H    sing N N 206 
MET N   H2   sing N N 207 
MET CA  C    sing N N 208 
MET CA  CB   sing N N 209 
MET CA  HA   sing N N 210 
MET C   O    doub N N 211 
MET C   OXT  sing N N 212 
MET CB  CG   sing N N 213 
MET CB  HB2  sing N N 214 
MET CB  HB3  sing N N 215 
MET CG  SD   sing N N 216 
MET CG  HG2  sing N N 217 
MET CG  HG3  sing N N 218 
MET SD  CE   sing N N 219 
MET CE  HE1  sing N N 220 
MET CE  HE2  sing N N 221 
MET CE  HE3  sing N N 222 
MET OXT HXT  sing N N 223 
PHE N   CA   sing N N 224 
PHE N   H    sing N N 225 
PHE N   H2   sing N N 226 
PHE CA  C    sing N N 227 
PHE CA  CB   sing N N 228 
PHE CA  HA   sing N N 229 
PHE C   O    doub N N 230 
PHE C   OXT  sing N N 231 
PHE CB  CG   sing N N 232 
PHE CB  HB2  sing N N 233 
PHE CB  HB3  sing N N 234 
PHE CG  CD1  doub Y N 235 
PHE CG  CD2  sing Y N 236 
PHE CD1 CE1  sing Y N 237 
PHE CD1 HD1  sing N N 238 
PHE CD2 CE2  doub Y N 239 
PHE CD2 HD2  sing N N 240 
PHE CE1 CZ   doub Y N 241 
PHE CE1 HE1  sing N N 242 
PHE CE2 CZ   sing Y N 243 
PHE CE2 HE2  sing N N 244 
PHE CZ  HZ   sing N N 245 
PHE OXT HXT  sing N N 246 
PRO N   CA   sing N N 247 
PRO N   CD   sing N N 248 
PRO N   H    sing N N 249 
PRO CA  C    sing N N 250 
PRO CA  CB   sing N N 251 
PRO CA  HA   sing N N 252 
PRO C   O    doub N N 253 
PRO C   OXT  sing N N 254 
PRO CB  CG   sing N N 255 
PRO CB  HB2  sing N N 256 
PRO CB  HB3  sing N N 257 
PRO CG  CD   sing N N 258 
PRO CG  HG2  sing N N 259 
PRO CG  HG3  sing N N 260 
PRO CD  HD2  sing N N 261 
PRO CD  HD3  sing N N 262 
PRO OXT HXT  sing N N 263 
SER N   CA   sing N N 264 
SER N   H    sing N N 265 
SER N   H2   sing N N 266 
SER CA  C    sing N N 267 
SER CA  CB   sing N N 268 
SER CA  HA   sing N N 269 
SER C   O    doub N N 270 
SER C   OXT  sing N N 271 
SER CB  OG   sing N N 272 
SER CB  HB2  sing N N 273 
SER CB  HB3  sing N N 274 
SER OG  HG   sing N N 275 
SER OXT HXT  sing N N 276 
THR N   CA   sing N N 277 
THR N   H    sing N N 278 
THR N   H2   sing N N 279 
THR CA  C    sing N N 280 
THR CA  CB   sing N N 281 
THR CA  HA   sing N N 282 
THR C   O    doub N N 283 
THR C   OXT  sing N N 284 
THR CB  OG1  sing N N 285 
THR CB  CG2  sing N N 286 
THR CB  HB   sing N N 287 
THR OG1 HG1  sing N N 288 
THR CG2 HG21 sing N N 289 
THR CG2 HG22 sing N N 290 
THR CG2 HG23 sing N N 291 
THR OXT HXT  sing N N 292 
TYR N   CA   sing N N 293 
TYR N   H    sing N N 294 
TYR N   H2   sing N N 295 
TYR CA  C    sing N N 296 
TYR CA  CB   sing N N 297 
TYR CA  HA   sing N N 298 
TYR C   O    doub N N 299 
TYR C   OXT  sing N N 300 
TYR CB  CG   sing N N 301 
TYR CB  HB2  sing N N 302 
TYR CB  HB3  sing N N 303 
TYR CG  CD1  doub Y N 304 
TYR CG  CD2  sing Y N 305 
TYR CD1 CE1  sing Y N 306 
TYR CD1 HD1  sing N N 307 
TYR CD2 CE2  doub Y N 308 
TYR CD2 HD2  sing N N 309 
TYR CE1 CZ   doub Y N 310 
TYR CE1 HE1  sing N N 311 
TYR CE2 CZ   sing Y N 312 
TYR CE2 HE2  sing N N 313 
TYR CZ  OH   sing N N 314 
TYR OH  HH   sing N N 315 
TYR OXT HXT  sing N N 316 
VAL N   CA   sing N N 317 
VAL N   H    sing N N 318 
VAL N   H2   sing N N 319 
VAL CA  C    sing N N 320 
VAL CA  CB   sing N N 321 
VAL CA  HA   sing N N 322 
VAL C   O    doub N N 323 
VAL C   OXT  sing N N 324 
VAL CB  CG1  sing N N 325 
VAL CB  CG2  sing N N 326 
VAL CB  HB   sing N N 327 
VAL CG1 HG11 sing N N 328 
VAL CG1 HG12 sing N N 329 
VAL CG1 HG13 sing N N 330 
VAL CG2 HG21 sing N N 331 
VAL CG2 HG22 sing N N 332 
VAL CG2 HG23 sing N N 333 
VAL OXT HXT  sing N N 334 
# 
_pdbx_initial_refinement_model.accession_code   ? 
_pdbx_initial_refinement_model.id               1 
_pdbx_initial_refinement_model.entity_id_list   ? 
_pdbx_initial_refinement_model.type             'experimental model' 
_pdbx_initial_refinement_model.source_name      Other 
_pdbx_initial_refinement_model.details          'Madhusudan et al (1996) Acta Cryst. D, 52, 598-590.' 
# 
_atom_sites.entry_id                    1NAT 
_atom_sites.fract_transf_matrix[1][1]   0.00659554 
_atom_sites.fract_transf_matrix[1][2]   0.00458783 
_atom_sites.fract_transf_matrix[1][3]   0.01508826 
_atom_sites.fract_transf_matrix[2][1]   -0.00465327 
_atom_sites.fract_transf_matrix[2][2]   -0.01506036 
_atom_sites.fract_transf_matrix[2][3]   0.00661343 
_atom_sites.fract_transf_matrix[3][1]   0.01032226 
_atom_sites.fract_transf_matrix[3][2]   -0.00456165 
_atom_sites.fract_transf_matrix[3][3]   -0.00312513 
_atom_sites.fract_transf_vector[1]      0.724916 
_atom_sites.fract_transf_vector[2]      0.616103 
_atom_sites.fract_transf_vector[3]      0.780173 
# 
loop_
_atom_type.symbol 
C 
H 
N 
O 
S 
# 
loop_
_atom_site.group_PDB 
_atom_site.id 
_atom_site.type_symbol 
_atom_site.label_atom_id 
_atom_site.label_alt_id 
_atom_site.label_comp_id 
_atom_site.label_asym_id 
_atom_site.label_entity_id 
_atom_site.label_seq_id 
_atom_site.pdbx_PDB_ins_code 
_atom_site.Cartn_x 
_atom_site.Cartn_y 
_atom_site.Cartn_z 
_atom_site.occupancy 
_atom_site.B_iso_or_equiv 
_atom_site.pdbx_formal_charge 
_atom_site.auth_seq_id 
_atom_site.auth_comp_id 
_atom_site.auth_asym_id 
_atom_site.auth_atom_id 
_atom_site.pdbx_PDB_model_num 
ATOM   1    N N    . ASN A 1 3   ? 14.495  10.039  -2.142  1.00 26.92  ? 3   ASN A N    1 
ATOM   2    C CA   . ASN A 1 3   ? 14.309  9.363   -3.461  1.00 73.36  ? 3   ASN A CA   1 
ATOM   3    C C    . ASN A 1 3   ? 12.805  9.208   -3.619  1.00 58.70  ? 3   ASN A C    1 
ATOM   4    O O    . ASN A 1 3   ? 12.058  10.078  -3.164  1.00 64.75  ? 3   ASN A O    1 
ATOM   5    C CB   . ASN A 1 3   ? 14.995  7.994   -3.449  1.00 43.27  ? 3   ASN A CB   1 
ATOM   6    N N    . GLU A 1 4   ? 12.364  8.158   -4.316  1.00 43.16  ? 4   GLU A N    1 
ATOM   7    C CA   . GLU A 1 4   ? 10.934  7.886   -4.467  1.00 9.85   ? 4   GLU A CA   1 
ATOM   8    C C    . GLU A 1 4   ? 10.538  7.175   -3.169  1.00 30.69  ? 4   GLU A C    1 
ATOM   9    O O    . GLU A 1 4   ? 11.299  6.356   -2.649  1.00 23.92  ? 4   GLU A O    1 
ATOM   10   C CB   . GLU A 1 4   ? 10.650  7.046   -5.712  1.00 39.27  ? 4   GLU A CB   1 
ATOM   11   C CG   . GLU A 1 4   ? 10.426  7.912   -6.953  1.00 33.58  ? 4   GLU A CG   1 
ATOM   12   C CD   . GLU A 1 4   ? 10.674  7.176   -8.250  1.00 76.15  ? 4   GLU A CD   1 
ATOM   13   O OE1  . GLU A 1 4   ? 11.810  6.695   -8.435  1.00 73.83  ? 4   GLU A OE1  1 
ATOM   14   O OE2  . GLU A 1 4   ? 9.746   7.093   -9.092  1.00 97.97  ? 4   GLU A OE2  1 
ATOM   15   H H    . GLU A 1 4   ? 12.964  7.515   -4.740  1.00 0.00   ? 4   GLU A H    1 
ATOM   16   N N    . LYS A 1 5   ? 9.415   7.585   -2.593  1.00 2.90   ? 5   LYS A N    1 
ATOM   17   C CA   . LYS A 1 5   ? 8.972   7.057   -1.335  1.00 2.83   ? 5   LYS A CA   1 
ATOM   18   C C    . LYS A 1 5   ? 7.846   6.054   -1.401  1.00 4.45   ? 5   LYS A C    1 
ATOM   19   O O    . LYS A 1 5   ? 6.817   6.328   -1.985  1.00 18.10  ? 5   LYS A O    1 
ATOM   20   C CB   . LYS A 1 5   ? 8.477   8.201   -0.455  1.00 5.14   ? 5   LYS A CB   1 
ATOM   21   C CG   . LYS A 1 5   ? 9.463   9.258   -0.100  1.00 5.53   ? 5   LYS A CG   1 
ATOM   22   C CD   . LYS A 1 5   ? 8.684   10.514  0.291   1.00 22.99  ? 5   LYS A CD   1 
ATOM   23   C CE   . LYS A 1 5   ? 9.615   11.613  0.792   1.00 37.47  ? 5   LYS A CE   1 
ATOM   24   N NZ   . LYS A 1 5   ? 8.950   12.537  1.781   1.00 31.28  ? 5   LYS A NZ   1 
ATOM   25   H H    . LYS A 1 5   ? 8.875   8.290   -2.963  1.00 0.00   ? 5   LYS A H    1 
ATOM   26   H HZ1  . LYS A 1 5   ? 8.623   12.002  2.612   1.00 0.00   ? 5   LYS A HZ1  1 
ATOM   27   H HZ2  . LYS A 1 5   ? 9.627   13.278  2.077   1.00 0.00   ? 5   LYS A HZ2  1 
ATOM   28   H HZ3  . LYS A 1 5   ? 8.153   13.003  1.305   1.00 0.00   ? 5   LYS A HZ3  1 
ATOM   29   N N    . ILE A 1 6   ? 7.972   5.003   -0.603  1.00 14.27  ? 6   ILE A N    1 
ATOM   30   C CA   . ILE A 1 6   ? 6.955   3.967   -0.497  1.00 16.81  ? 6   ILE A CA   1 
ATOM   31   C C    . ILE A 1 6   ? 6.508   3.800   0.945   1.00 3.83   ? 6   ILE A C    1 
ATOM   32   O O    . ILE A 1 6   ? 7.317   3.688   1.860   1.00 10.88  ? 6   ILE A O    1 
ATOM   33   C CB   . ILE A 1 6   ? 7.461   2.604   -0.979  1.00 8.36   ? 6   ILE A CB   1 
ATOM   34   C CG1  . ILE A 1 6   ? 8.069   2.743   -2.365  1.00 11.43  ? 6   ILE A CG1  1 
ATOM   35   C CG2  . ILE A 1 6   ? 6.321   1.614   -1.064  1.00 12.85  ? 6   ILE A CG2  1 
ATOM   36   C CD1  . ILE A 1 6   ? 8.387   1.422   -3.035  1.00 22.84  ? 6   ILE A CD1  1 
ATOM   37   H H    . ILE A 1 6   ? 8.768   4.931   -0.039  1.00 0.00   ? 6   ILE A H    1 
ATOM   38   N N    . LEU A 1 7   ? 5.205   3.869   1.142   1.00 10.24  ? 7   LEU A N    1 
ATOM   39   C CA   . LEU A 1 7   ? 4.614   3.654   2.437   1.00 8.27   ? 7   LEU A CA   1 
ATOM   40   C C    . LEU A 1 7   ? 4.075   2.214   2.411   1.00 11.12  ? 7   LEU A C    1 
ATOM   41   O O    . LEU A 1 7   ? 3.435   1.810   1.443   1.00 18.69  ? 7   LEU A O    1 
ATOM   42   C CB   . LEU A 1 7   ? 3.480   4.653   2.702   1.00 1.00   ? 7   LEU A CB   1 
ATOM   43   C CG   . LEU A 1 7   ? 2.676   4.378   3.976   1.00 8.13   ? 7   LEU A CG   1 
ATOM   44   C CD1  . LEU A 1 7   ? 3.599   4.320   5.196   1.00 5.10   ? 7   LEU A CD1  1 
ATOM   45   C CD2  . LEU A 1 7   ? 1.566   5.414   4.126   1.00 5.91   ? 7   LEU A CD2  1 
ATOM   46   H H    . LEU A 1 7   ? 4.609   3.997   0.374   1.00 0.00   ? 7   LEU A H    1 
ATOM   47   N N    . ILE A 1 8   ? 4.391   1.433   3.442   1.00 23.24  ? 8   ILE A N    1 
ATOM   48   C CA   . ILE A 1 8   ? 3.918   0.056   3.574   1.00 1.00   ? 8   ILE A CA   1 
ATOM   49   C C    . ILE A 1 8   ? 3.005   -0.021  4.822   1.00 14.73  ? 8   ILE A C    1 
ATOM   50   O O    . ILE A 1 8   ? 3.474   0.170   5.946   1.00 21.47  ? 8   ILE A O    1 
ATOM   51   C CB   . ILE A 1 8   ? 5.097   -0.929  3.750   1.00 38.76  ? 8   ILE A CB   1 
ATOM   52   C CG1  . ILE A 1 8   ? 6.088   -0.777  2.600   1.00 16.74  ? 8   ILE A CG1  1 
ATOM   53   C CG2  . ILE A 1 8   ? 4.591   -2.375  3.877   1.00 11.51  ? 8   ILE A CG2  1 
ATOM   54   C CD1  . ILE A 1 8   ? 7.479   -1.205  2.971   1.00 14.24  ? 8   ILE A CD1  1 
ATOM   55   H H    . ILE A 1 8   ? 4.952   1.777   4.173   1.00 0.00   ? 8   ILE A H    1 
ATOM   56   N N    . VAL A 1 9   ? 1.703   -0.229  4.612   1.00 24.56  ? 9   VAL A N    1 
ATOM   57   C CA   . VAL A 1 9   ? 0.712   -0.320  5.684   1.00 1.00   ? 9   VAL A CA   1 
ATOM   58   C C    . VAL A 1 9   ? 0.324   -1.783  5.820   1.00 13.15  ? 9   VAL A C    1 
ATOM   59   O O    . VAL A 1 9   ? -0.595  -2.258  5.148   1.00 23.94  ? 9   VAL A O    1 
ATOM   60   C CB   . VAL A 1 9   ? -0.524  0.457   5.330   1.00 16.57  ? 9   VAL A CB   1 
ATOM   61   C CG1  . VAL A 1 9   ? -1.468  0.519   6.530   1.00 7.61   ? 9   VAL A CG1  1 
ATOM   62   C CG2  . VAL A 1 9   ? -0.143  1.829   4.760   1.00 1.00   ? 9   VAL A CG2  1 
ATOM   63   H H    . VAL A 1 9   ? 1.391   -0.361  3.693   1.00 0.00   ? 9   VAL A H    1 
ATOM   64   N N    . ASP A 1 10  ? 0.984   -2.478  6.734   1.00 15.39  ? 10  ASP A N    1 
ATOM   65   C CA   . ASP A 1 10  ? 0.761   -3.895  6.912   1.00 12.36  ? 10  ASP A CA   1 
ATOM   66   C C    . ASP A 1 10  ? 0.909   -4.297  8.396   1.00 10.58  ? 10  ASP A C    1 
ATOM   67   O O    . ASP A 1 10  ? 1.855   -3.888  9.083   1.00 12.37  ? 10  ASP A O    1 
ATOM   68   C CB   . ASP A 1 10  ? 1.784   -4.635  5.998   1.00 14.51  ? 10  ASP A CB   1 
ATOM   69   C CG   . ASP A 1 10  ? 1.444   -6.126  5.746   1.00 4.14   ? 10  ASP A CG   1 
ATOM   70   O OD1  . ASP A 1 10  ? 0.656   -6.739  6.490   1.00 18.82  ? 10  ASP A OD1  1 
ATOM   71   O OD2  . ASP A 1 10  ? 1.995   -6.701  4.795   1.00 15.71  ? 10  ASP A OD2  1 
ATOM   72   H H    . ASP A 1 10  ? 1.615   -2.029  7.345   1.00 0.00   ? 10  ASP A H    1 
ATOM   73   N N    . ASP A 1 11  ? -0.035  -5.102  8.879   1.00 21.97  ? 11  ASP A N    1 
ATOM   74   C CA   . ASP A 1 11  ? -0.029  -5.578  10.266  1.00 2.17   ? 11  ASP A CA   1 
ATOM   75   C C    . ASP A 1 11  ? 0.724   -6.946  10.366  1.00 19.44  ? 11  ASP A C    1 
ATOM   76   O O    . ASP A 1 11  ? 1.025   -7.431  11.466  1.00 37.09  ? 11  ASP A O    1 
ATOM   77   C CB   . ASP A 1 11  ? -1.470  -5.689  10.764  1.00 54.32  ? 11  ASP A CB   1 
ATOM   78   C CG   . ASP A 1 11  ? -1.569  -5.861  12.270  1.00 36.57  ? 11  ASP A CG   1 
ATOM   79   O OD1  . ASP A 1 11  ? -0.814  -5.197  13.008  1.00 22.33  ? 11  ASP A OD1  1 
ATOM   80   O OD2  . ASP A 1 11  ? -2.427  -6.652  12.716  1.00 51.40  ? 11  ASP A OD2  1 
ATOM   81   H H    . ASP A 1 11  ? -0.790  -5.351  8.309   1.00 0.00   ? 11  ASP A H    1 
ATOM   82   N N    . GLN A 1 12  ? 1.019   -7.559  9.222   1.00 9.34   ? 12  GLN A N    1 
ATOM   83   C CA   . GLN A 1 12  ? 1.767   -8.801  9.200   1.00 1.45   ? 12  GLN A CA   1 
ATOM   84   C C    . GLN A 1 12  ? 3.240   -8.452  9.210   1.00 9.51   ? 12  GLN A C    1 
ATOM   85   O O    . GLN A 1 12  ? 3.872   -8.280  8.166   1.00 26.14  ? 12  GLN A O    1 
ATOM   86   C CB   . GLN A 1 12  ? 1.450   -9.625  7.967   1.00 1.00   ? 12  GLN A CB   1 
ATOM   87   C CG   . GLN A 1 12  ? 0.073   -10.228 7.966   1.00 1.00   ? 12  GLN A CG   1 
ATOM   88   C CD   . GLN A 1 12  ? -0.142  -11.160 6.773   1.00 9.40   ? 12  GLN A CD   1 
ATOM   89   O OE1  . GLN A 1 12  ? 0.439   -10.978 5.710   1.00 11.57  ? 12  GLN A OE1  1 
ATOM   90   N NE2  . GLN A 1 12  ? -0.966  -12.164 6.951   1.00 1.00   ? 12  GLN A NE2  1 
ATOM   91   H H    . GLN A 1 12  ? 0.730   -7.143  8.401   1.00 0.00   ? 12  GLN A H    1 
ATOM   92   H HE21 . GLN A 1 12  ? -1.074  -12.766 6.204   1.00 18.00  ? 12  GLN A HE21 1 
ATOM   93   H HE22 . GLN A 1 12  ? -1.415  -12.236 7.819   1.00 18.00  ? 12  GLN A HE22 1 
ATOM   94   N N    . TYR A 1 13  ? 3.789   -8.406  10.413  1.00 16.62  ? 13  TYR A N    1 
ATOM   95   C CA   . TYR A 1 13  ? 5.180   -8.068  10.660  1.00 6.16   ? 13  TYR A CA   1 
ATOM   96   C C    . TYR A 1 13  ? 6.206   -8.615  9.680   1.00 2.54   ? 13  TYR A C    1 
ATOM   97   O O    . TYR A 1 13  ? 7.009   -7.889  9.131   1.00 21.94  ? 13  TYR A O    1 
ATOM   98   C CB   . TYR A 1 13  ? 5.548   -8.490  12.082  1.00 1.00   ? 13  TYR A CB   1 
ATOM   99   C CG   . TYR A 1 13  ? 6.923   -8.042  12.467  1.00 18.98  ? 13  TYR A CG   1 
ATOM   100  C CD1  . TYR A 1 13  ? 7.131   -6.760  13.025  1.00 2.07   ? 13  TYR A CD1  1 
ATOM   101  C CD2  . TYR A 1 13  ? 8.048   -8.856  12.206  1.00 2.86   ? 13  TYR A CD2  1 
ATOM   102  C CE1  . TYR A 1 13  ? 8.409   -6.309  13.287  1.00 12.68  ? 13  TYR A CE1  1 
ATOM   103  C CE2  . TYR A 1 13  ? 9.338   -8.408  12.472  1.00 1.00   ? 13  TYR A CE2  1 
ATOM   104  C CZ   . TYR A 1 13  ? 9.497   -7.133  13.004  1.00 1.00   ? 13  TYR A CZ   1 
ATOM   105  O OH   . TYR A 1 13  ? 10.740  -6.631  13.192  1.00 18.06  ? 13  TYR A OH   1 
ATOM   106  H H    . TYR A 1 13  ? 3.190   -8.568  11.181  1.00 0.00   ? 13  TYR A H    1 
ATOM   107  H HH   . TYR A 1 13  ? 11.396  -7.279  12.934  1.00 0.00   ? 13  TYR A HH   1 
ATOM   108  N N    . GLY A 1 14  ? 6.239   -9.918  9.518   1.00 8.31   ? 14  GLY A N    1 
ATOM   109  C CA   . GLY A 1 14  ? 7.209   -10.513 8.614   1.00 4.35   ? 14  GLY A CA   1 
ATOM   110  C C    . GLY A 1 14  ? 7.050   -10.012 7.194   1.00 4.83   ? 14  GLY A C    1 
ATOM   111  O O    . GLY A 1 14  ? 8.029   -9.643  6.578   1.00 27.52  ? 14  GLY A O    1 
ATOM   112  H H    . GLY A 1 14  ? 5.637   -10.477 10.031  1.00 0.00   ? 14  GLY A H    1 
ATOM   113  N N    . ILE A 1 15  ? 5.832   -10.015 6.663   1.00 15.43  ? 15  ILE A N    1 
ATOM   114  C CA   . ILE A 1 15  ? 5.627   -9.503  5.318   1.00 8.73   ? 15  ILE A CA   1 
ATOM   115  C C    . ILE A 1 15  ? 6.046   -8.020  5.244   1.00 16.35  ? 15  ILE A C    1 
ATOM   116  O O    . ILE A 1 15  ? 6.650   -7.607  4.253   1.00 17.68  ? 15  ILE A O    1 
ATOM   117  C CB   . ILE A 1 15  ? 4.135   -9.606  4.869   1.00 1.00   ? 15  ILE A CB   1 
ATOM   118  C CG1  . ILE A 1 15  ? 3.680   -11.047 4.964   1.00 10.44  ? 15  ILE A CG1  1 
ATOM   119  C CG2  . ILE A 1 15  ? 4.002   -9.201  3.426   1.00 7.24   ? 15  ILE A CG2  1 
ATOM   120  C CD1  . ILE A 1 15  ? 4.570   -11.999 4.197   1.00 3.86   ? 15  ILE A CD1  1 
ATOM   121  H H    . ILE A 1 15  ? 5.079   -10.322 7.197   1.00 0.00   ? 15  ILE A H    1 
ATOM   122  N N    . ARG A 1 16  ? 5.759   -7.230  6.287   1.00 10.00  ? 16  ARG A N    1 
ATOM   123  C CA   . ARG A 1 16  ? 6.101   -5.798  6.266   1.00 1.00   ? 16  ARG A CA   1 
ATOM   124  C C    . ARG A 1 16  ? 7.598   -5.576  6.244   1.00 3.04   ? 16  ARG A C    1 
ATOM   125  O O    . ARG A 1 16  ? 8.102   -4.776  5.473   1.00 20.61  ? 16  ARG A O    1 
ATOM   126  C CB   . ARG A 1 16  ? 5.537   -5.074  7.453   1.00 3.01   ? 16  ARG A CB   1 
ATOM   127  C CG   . ARG A 1 16  ? 5.553   -3.588  7.238   1.00 10.38  ? 16  ARG A CG   1 
ATOM   128  C CD   . ARG A 1 16  ? 5.673   -2.863  8.519   1.00 3.79   ? 16  ARG A CD   1 
ATOM   129  N NE   . ARG A 1 16  ? 4.564   -3.135  9.384   1.00 15.04  ? 16  ARG A NE   1 
ATOM   130  C CZ   . ARG A 1 16  ? 4.694   -3.450  10.662  1.00 11.19  ? 16  ARG A CZ   1 
ATOM   131  N NH1  . ARG A 1 16  ? 5.891   -3.534  11.204  1.00 6.29   ? 16  ARG A NH1  1 
ATOM   132  N NH2  . ARG A 1 16  ? 3.619   -3.680  11.388  1.00 20.12  ? 16  ARG A NH2  1 
ATOM   133  H H    . ARG A 1 16  ? 5.310   -7.607  7.072   1.00 0.00   ? 16  ARG A H    1 
ATOM   134  H HE   . ARG A 1 16  ? 3.663   -3.069  9.003   1.00 0.00   ? 16  ARG A HE   1 
ATOM   135  H HH11 . ARG A 1 16  ? 6.708   -3.365  10.650  1.00 0.00   ? 16  ARG A HH11 1 
ATOM   136  H HH12 . ARG A 1 16  ? 6.003   -3.777  12.167  1.00 0.00   ? 16  ARG A HH12 1 
ATOM   137  H HH21 . ARG A 1 16  ? 2.712   -3.617  10.975  1.00 0.00   ? 16  ARG A HH21 1 
ATOM   138  H HH22 . ARG A 1 16  ? 3.730   -3.924  12.358  1.00 0.00   ? 16  ARG A HH22 1 
ATOM   139  N N    . ILE A 1 17  ? 8.294   -6.315  7.098   1.00 11.92  ? 17  ILE A N    1 
ATOM   140  C CA   . ILE A 1 17  ? 9.735   -6.279  7.212   1.00 4.44   ? 17  ILE A CA   1 
ATOM   141  C C    . ILE A 1 17  ? 10.416  -6.807  5.939   1.00 10.77  ? 17  ILE A C    1 
ATOM   142  O O    . ILE A 1 17  ? 11.504  -6.358  5.590   1.00 33.68  ? 17  ILE A O    1 
ATOM   143  C CB   . ILE A 1 17  ? 10.180  -7.039  8.503   1.00 9.09   ? 17  ILE A CB   1 
ATOM   144  C CG1  . ILE A 1 17  ? 10.170  -6.046  9.651   1.00 4.33   ? 17  ILE A CG1  1 
ATOM   145  C CG2  . ILE A 1 17  ? 11.531  -7.678  8.371   1.00 6.42   ? 17  ILE A CG2  1 
ATOM   146  C CD1  . ILE A 1 17  ? 8.834   -5.434  9.838   1.00 24.96  ? 17  ILE A CD1  1 
ATOM   147  H H    . ILE A 1 17  ? 7.784   -6.908  7.695   1.00 0.00   ? 17  ILE A H    1 
ATOM   148  N N    . LEU A 1 18  ? 9.778   -7.745  5.244   1.00 14.13  ? 18  LEU A N    1 
ATOM   149  C CA   . LEU A 1 18  ? 10.302  -8.308  4.000   1.00 1.00   ? 18  LEU A CA   1 
ATOM   150  C C    . LEU A 1 18  ? 10.120  -7.291  2.854   1.00 12.91  ? 18  LEU A C    1 
ATOM   151  O O    . LEU A 1 18  ? 11.024  -7.076  2.047   1.00 37.15  ? 18  LEU A O    1 
ATOM   152  C CB   . LEU A 1 18  ? 9.534   -9.576  3.656   1.00 5.21   ? 18  LEU A CB   1 
ATOM   153  C CG   . LEU A 1 18  ? 9.870   -10.203 2.316   1.00 13.00  ? 18  LEU A CG   1 
ATOM   154  C CD1  . LEU A 1 18  ? 11.236  -10.786 2.382   1.00 15.30  ? 18  LEU A CD1  1 
ATOM   155  C CD2  . LEU A 1 18  ? 8.866   -11.248 1.998   1.00 13.92  ? 18  LEU A CD2  1 
ATOM   156  H H    . LEU A 1 18  ? 8.933   -8.082  5.596   1.00 0.00   ? 18  LEU A H    1 
ATOM   157  N N    . LEU A 1 19  ? 8.918   -6.726  2.750   1.00 13.86  ? 19  LEU A N    1 
ATOM   158  C CA   . LEU A 1 19  ? 8.613   -5.710  1.746   1.00 13.74  ? 19  LEU A CA   1 
ATOM   159  C C    . LEU A 1 19  ? 9.580   -4.535  1.958   1.00 10.10  ? 19  LEU A C    1 
ATOM   160  O O    . LEU A 1 19  ? 10.168  -4.017  1.018   1.00 30.90  ? 19  LEU A O    1 
ATOM   161  C CB   . LEU A 1 19  ? 7.159   -5.212  1.899   1.00 9.30   ? 19  LEU A CB   1 
ATOM   162  C CG   . LEU A 1 19  ? 6.022   -6.107  1.371   1.00 8.53   ? 19  LEU A CG   1 
ATOM   163  C CD1  . LEU A 1 19  ? 4.624   -5.484  1.646   1.00 1.00   ? 19  LEU A CD1  1 
ATOM   164  C CD2  . LEU A 1 19  ? 6.254   -6.398  -0.109  1.00 6.23   ? 19  LEU A CD2  1 
ATOM   165  H H    . LEU A 1 19  ? 8.220   -7.001  3.374   1.00 0.00   ? 19  LEU A H    1 
ATOM   166  N N    . ASN A 1 20  ? 9.742   -4.130  3.208   1.00 14.80  ? 20  ASN A N    1 
ATOM   167  C CA   . ASN A 1 20  ? 10.643  -3.044  3.553   1.00 10.16  ? 20  ASN A CA   1 
ATOM   168  C C    . ASN A 1 20  ? 12.075  -3.283  3.020   1.00 5.12   ? 20  ASN A C    1 
ATOM   169  O O    . ASN A 1 20  ? 12.598  -2.469  2.258   1.00 25.12  ? 20  ASN A O    1 
ATOM   170  C CB   . ASN A 1 20  ? 10.662  -2.870  5.073   1.00 1.00   ? 20  ASN A CB   1 
ATOM   171  C CG   . ASN A 1 20  ? 11.469  -1.670  5.503   1.00 18.66  ? 20  ASN A CG   1 
ATOM   172  O OD1  . ASN A 1 20  ? 12.615  -1.801  5.917   1.00 25.95  ? 20  ASN A OD1  1 
ATOM   173  N ND2  . ASN A 1 20  ? 10.887  -0.486  5.377   1.00 15.65  ? 20  ASN A ND2  1 
ATOM   174  H H    . ASN A 1 20  ? 9.227   -4.575  3.910   1.00 0.00   ? 20  ASN A H    1 
ATOM   175  H HD21 . ASN A 1 20  ? 11.406  0.308   5.615   1.00 18.00  ? 20  ASN A HD21 1 
ATOM   176  H HD22 . ASN A 1 20  ? 9.976   -0.448  5.029   1.00 18.00  ? 20  ASN A HD22 1 
ATOM   177  N N    . GLU A 1 21  ? 12.689  -4.407  3.400   1.00 23.97  ? 21  GLU A N    1 
ATOM   178  C CA   . GLU A 1 21  ? 14.054  -4.772  2.981   1.00 45.86  ? 21  GLU A CA   1 
ATOM   179  C C    . GLU A 1 21  ? 14.252  -4.820  1.453   1.00 30.37  ? 21  GLU A C    1 
ATOM   180  O O    . GLU A 1 21  ? 15.290  -4.391  0.943   1.00 37.64  ? 21  GLU A O    1 
ATOM   181  C CB   . GLU A 1 21  ? 14.492  -6.090  3.669   1.00 11.84  ? 21  GLU A CB   1 
ATOM   182  C CG   . GLU A 1 21  ? 15.538  -6.932  2.920   1.00 51.68  ? 21  GLU A CG   1 
ATOM   183  H H    . GLU A 1 21  ? 12.204  -5.024  3.990   1.00 0.00   ? 21  GLU A H    1 
ATOM   184  N N    . VAL A 1 22  ? 13.258  -5.327  0.731   1.00 23.26  ? 22  VAL A N    1 
ATOM   185  C CA   . VAL A 1 22  ? 13.314  -5.390  -0.729  1.00 13.47  ? 22  VAL A CA   1 
ATOM   186  C C    . VAL A 1 22  ? 13.412  -3.986  -1.384  1.00 13.78  ? 22  VAL A C    1 
ATOM   187  O O    . VAL A 1 22  ? 14.409  -3.647  -2.039  1.00 40.11  ? 22  VAL A O    1 
ATOM   188  C CB   . VAL A 1 22  ? 12.087  -6.150  -1.265  1.00 1.00   ? 22  VAL A CB   1 
ATOM   189  C CG1  . VAL A 1 22  ? 11.864  -5.835  -2.694  1.00 11.54  ? 22  VAL A CG1  1 
ATOM   190  C CG2  . VAL A 1 22  ? 12.295  -7.674  -1.090  1.00 1.00   ? 22  VAL A CG2  1 
ATOM   191  H H    . VAL A 1 22  ? 12.473  -5.689  1.195   1.00 0.00   ? 22  VAL A H    1 
ATOM   192  N N    . PHE A 1 23  ? 12.412  -3.147  -1.134  1.00 21.98  ? 23  PHE A N    1 
ATOM   193  C CA   . PHE A 1 23  ? 12.338  -1.796  -1.698  1.00 23.29  ? 23  PHE A CA   1 
ATOM   194  C C    . PHE A 1 23  ? 13.453  -0.854  -1.263  1.00 11.25  ? 23  PHE A C    1 
ATOM   195  O O    . PHE A 1 23  ? 13.793  0.095   -1.949  1.00 41.12  ? 23  PHE A O    1 
ATOM   196  C CB   . PHE A 1 23  ? 10.940  -1.215  -1.451  1.00 11.44  ? 23  PHE A CB   1 
ATOM   197  C CG   . PHE A 1 23  ? 9.854   -2.018  -2.118  1.00 4.69   ? 23  PHE A CG   1 
ATOM   198  C CD1  . PHE A 1 23  ? 10.060  -2.542  -3.401  1.00 13.75  ? 23  PHE A CD1  1 
ATOM   199  C CD2  . PHE A 1 23  ? 8.710   -2.393  -1.420  1.00 15.13  ? 23  PHE A CD2  1 
ATOM   200  C CE1  . PHE A 1 23  ? 9.155   -3.436  -3.960  1.00 24.80  ? 23  PHE A CE1  1 
ATOM   201  C CE2  . PHE A 1 23  ? 7.803   -3.283  -1.974  1.00 11.60  ? 23  PHE A CE2  1 
ATOM   202  C CZ   . PHE A 1 23  ? 8.020   -3.813  -3.237  1.00 21.90  ? 23  PHE A CZ   1 
ATOM   203  H H    . PHE A 1 23  ? 11.689  -3.452  -0.537  1.00 0.00   ? 23  PHE A H    1 
ATOM   204  N N    . ASN A 1 24  ? 13.998  -1.136  -0.100  1.00 17.06  ? 24  ASN A N    1 
ATOM   205  C CA   . ASN A 1 24  ? 15.109  -0.391  0.435   1.00 24.00  ? 24  ASN A CA   1 
ATOM   206  C C    . ASN A 1 24  ? 16.335  -0.813  -0.386  1.00 24.44  ? 24  ASN A C    1 
ATOM   207  O O    . ASN A 1 24  ? 17.197  -0.001  -0.698  1.00 36.52  ? 24  ASN A O    1 
ATOM   208  C CB   . ASN A 1 24  ? 15.311  -0.779  1.894   1.00 56.88  ? 24  ASN A CB   1 
ATOM   209  C CG   . ASN A 1 24  ? 15.787  0.365   2.726   1.00 53.52  ? 24  ASN A CG   1 
ATOM   210  O OD1  . ASN A 1 24  ? 16.802  0.994   2.417   1.00 63.56  ? 24  ASN A OD1  1 
ATOM   211  N ND2  . ASN A 1 24  ? 15.051  0.663   3.794   1.00 41.38  ? 24  ASN A ND2  1 
ATOM   212  H H    . ASN A 1 24  ? 13.629  -1.868  0.430   1.00 0.00   ? 24  ASN A H    1 
ATOM   213  H HD21 . ASN A 1 24  ? 15.366  1.414   4.336   1.00 18.00  ? 24  ASN A HD21 1 
ATOM   214  H HD22 . ASN A 1 24  ? 14.254  0.123   3.998   1.00 18.00  ? 24  ASN A HD22 1 
ATOM   215  N N    . LYS A 1 25  ? 16.418  -2.096  -0.712  1.00 24.73  ? 25  LYS A N    1 
ATOM   216  C CA   . LYS A 1 25  ? 17.517  -2.600  -1.515  1.00 21.64  ? 25  LYS A CA   1 
ATOM   217  C C    . LYS A 1 25  ? 17.401  -2.019  -2.935  1.00 22.40  ? 25  LYS A C    1 
ATOM   218  O O    . LYS A 1 25  ? 18.397  -1.692  -3.589  1.00 42.51  ? 25  LYS A O    1 
ATOM   219  C CB   . LYS A 1 25  ? 17.483  -4.135  -1.546  1.00 15.37  ? 25  LYS A CB   1 
ATOM   220  C CG   . LYS A 1 25  ? 18.443  -4.771  -2.554  1.00 60.64  ? 25  LYS A CG   1 
ATOM   221  C CD   . LYS A 1 25  ? 18.621  -6.265  -2.294  1.00 58.50  ? 25  LYS A CD   1 
ATOM   222  C CE   . LYS A 1 25  ? 19.848  -6.831  -3.021  1.00 53.93  ? 25  LYS A CE   1 
ATOM   223  N NZ   . LYS A 1 25  ? 20.117  -8.241  -2.584  1.00 61.53  ? 25  LYS A NZ   1 
ATOM   224  H H    . LYS A 1 25  ? 15.735  -2.732  -0.419  1.00 0.00   ? 25  LYS A H    1 
ATOM   225  H HZ1  . LYS A 1 25  ? 20.256  -8.263  -1.554  1.00 0.00   ? 25  LYS A HZ1  1 
ATOM   226  H HZ2  . LYS A 1 25  ? 19.295  -8.832  -2.830  1.00 0.00   ? 25  LYS A HZ2  1 
ATOM   227  H HZ3  . LYS A 1 25  ? 20.958  -8.617  -3.032  1.00 0.00   ? 25  LYS A HZ3  1 
ATOM   228  N N    . GLU A 1 26  ? 16.176  -1.827  -3.385  1.00 21.96  ? 26  GLU A N    1 
ATOM   229  C CA   . GLU A 1 26  ? 15.952  -1.286  -4.714  1.00 18.47  ? 26  GLU A CA   1 
ATOM   230  C C    . GLU A 1 26  ? 16.347  0.189   -4.867  1.00 10.92  ? 26  GLU A C    1 
ATOM   231  O O    . GLU A 1 26  ? 16.706  0.628   -5.954  1.00 52.85  ? 26  GLU A O    1 
ATOM   232  C CB   . GLU A 1 26  ? 14.481  -1.485  -5.114  1.00 24.85  ? 26  GLU A CB   1 
ATOM   233  C CG   . GLU A 1 26  ? 14.304  -1.989  -6.538  1.00 67.55  ? 26  GLU A CG   1 
ATOM   234  C CD   . GLU A 1 26  ? 15.144  -3.221  -6.832  1.00 58.41  ? 26  GLU A CD   1 
ATOM   235  O OE1  . GLU A 1 26  ? 14.896  -4.274  -6.208  1.00 58.20  ? 26  GLU A OE1  1 
ATOM   236  O OE2  . GLU A 1 26  ? 16.060  -3.123  -7.678  1.00 66.56  ? 26  GLU A OE2  1 
ATOM   237  H H    . GLU A 1 26  ? 15.425  -2.096  -2.823  1.00 0.00   ? 26  GLU A H    1 
ATOM   238  N N    . GLY A 1 27  ? 16.266  0.961   -3.793  1.00 25.62  ? 27  GLY A N    1 
ATOM   239  C CA   . GLY A 1 27  ? 16.616  2.362   -3.904  1.00 24.65  ? 27  GLY A CA   1 
ATOM   240  C C    . GLY A 1 27  ? 15.491  3.307   -3.545  1.00 32.64  ? 27  GLY A C    1 
ATOM   241  O O    . GLY A 1 27  ? 15.572  4.507   -3.805  1.00 38.98  ? 27  GLY A O    1 
ATOM   242  H H    . GLY A 1 27  ? 15.977  0.610   -2.924  1.00 0.00   ? 27  GLY A H    1 
ATOM   243  N N    . TYR A 1 28  ? 14.392  2.767   -3.037  1.00 18.23  ? 28  TYR A N    1 
ATOM   244  C CA   . TYR A 1 28  ? 13.298  3.614   -2.611  1.00 3.59   ? 28  TYR A CA   1 
ATOM   245  C C    . TYR A 1 28  ? 13.489  3.941   -1.166  1.00 9.02   ? 28  TYR A C    1 
ATOM   246  O O    . TYR A 1 28  ? 14.206  3.254   -0.427  1.00 16.56  ? 28  TYR A O    1 
ATOM   247  C CB   . TYR A 1 28  ? 11.961  2.932   -2.800  1.00 2.83   ? 28  TYR A CB   1 
ATOM   248  C CG   . TYR A 1 28  ? 11.702  2.489   -4.213  1.00 13.30  ? 28  TYR A CG   1 
ATOM   249  C CD1  . TYR A 1 28  ? 12.161  1.265   -4.668  1.00 5.72   ? 28  TYR A CD1  1 
ATOM   250  C CD2  . TYR A 1 28  ? 10.964  3.281   -5.090  1.00 32.72  ? 28  TYR A CD2  1 
ATOM   251  C CE1  . TYR A 1 28  ? 11.891  0.831   -5.980  1.00 25.59  ? 28  TYR A CE1  1 
ATOM   252  C CE2  . TYR A 1 28  ? 10.688  2.852   -6.394  1.00 31.52  ? 28  TYR A CE2  1 
ATOM   253  C CZ   . TYR A 1 28  ? 11.151  1.634   -6.834  1.00 28.70  ? 28  TYR A CZ   1 
ATOM   254  O OH   . TYR A 1 28  ? 10.899  1.230   -8.130  1.00 27.44  ? 28  TYR A OH   1 
ATOM   255  H H    . TYR A 1 28  ? 14.331  1.799   -2.896  1.00 0.00   ? 28  TYR A H    1 
ATOM   256  H HH   . TYR A 1 28  ? 10.348  1.900   -8.538  1.00 0.00   ? 28  TYR A HH   1 
ATOM   257  N N    . GLN A 1 29  ? 12.932  5.065   -0.773  1.00 12.71  ? 29  GLN A N    1 
ATOM   258  C CA   . GLN A 1 29  ? 13.011  5.479   0.604   1.00 1.37   ? 29  GLN A CA   1 
ATOM   259  C C    . GLN A 1 29  ? 11.680  4.905   1.147   1.00 23.98  ? 29  GLN A C    1 
ATOM   260  O O    . GLN A 1 29  ? 10.626  5.151   0.561   1.00 42.33  ? 29  GLN A O    1 
ATOM   261  C CB   . GLN A 1 29  ? 13.080  6.990   0.600   1.00 8.57   ? 29  GLN A CB   1 
ATOM   262  C CG   . GLN A 1 29  ? 12.944  7.636   1.944   1.00 31.48  ? 29  GLN A CG   1 
ATOM   263  C CD   . GLN A 1 29  ? 12.846  9.134   1.814   1.00 22.60  ? 29  GLN A CD   1 
ATOM   264  O OE1  . GLN A 1 29  ? 13.095  9.697   0.737   1.00 58.85  ? 29  GLN A OE1  1 
ATOM   265  N NE2  . GLN A 1 29  ? 12.483  9.794   2.899   1.00 46.52  ? 29  GLN A NE2  1 
ATOM   266  H H    . GLN A 1 29  ? 12.402  5.579   -1.413  1.00 0.00   ? 29  GLN A H    1 
ATOM   267  H HE21 . GLN A 1 29  ? 12.419  10.766  2.830   1.00 18.00  ? 29  GLN A HE21 1 
ATOM   268  H HE22 . GLN A 1 29  ? 12.304  9.284   3.717   1.00 18.00  ? 29  GLN A HE22 1 
ATOM   269  N N    . THR A 1 30  ? 11.709  4.098   2.209   1.00 17.36  ? 30  THR A N    1 
ATOM   270  C CA   . THR A 1 30  ? 10.473  3.472   2.709   1.00 15.82  ? 30  THR A CA   1 
ATOM   271  C C    . THR A 1 30  ? 9.973   3.908   4.053   1.00 1.00   ? 30  THR A C    1 
ATOM   272  O O    . THR A 1 30  ? 10.727  4.389   4.855   1.00 12.47  ? 30  THR A O    1 
ATOM   273  C CB   . THR A 1 30  ? 10.589  1.952   2.756   1.00 1.00   ? 30  THR A CB   1 
ATOM   274  O OG1  . THR A 1 30  ? 11.729  1.601   3.545   1.00 32.16  ? 30  THR A OG1  1 
ATOM   275  C CG2  . THR A 1 30  ? 10.739  1.385   1.353   1.00 5.84   ? 30  THR A CG2  1 
ATOM   276  H H    . THR A 1 30  ? 12.545  3.926   2.683   1.00 0.00   ? 30  THR A H    1 
ATOM   277  H HG1  . THR A 1 30  ? 12.503  1.916   3.064   1.00 0.00   ? 30  THR A HG1  1 
ATOM   278  N N    . PHE A 1 31  ? 8.678   3.729   4.275   1.00 4.87   ? 31  PHE A N    1 
ATOM   279  C CA   . PHE A 1 31  ? 8.010   4.072   5.518   1.00 12.16  ? 31  PHE A CA   1 
ATOM   280  C C    . PHE A 1 31  ? 7.100   2.898   5.940   1.00 6.29   ? 31  PHE A C    1 
ATOM   281  O O    . PHE A 1 31  ? 6.512   2.259   5.106   1.00 3.90   ? 31  PHE A O    1 
ATOM   282  C CB   . PHE A 1 31  ? 7.173   5.359   5.338   1.00 7.24   ? 31  PHE A CB   1 
ATOM   283  C CG   . PHE A 1 31  ? 7.997   6.563   4.972   1.00 23.56  ? 31  PHE A CG   1 
ATOM   284  C CD1  . PHE A 1 31  ? 8.673   7.279   5.954   1.00 20.02  ? 31  PHE A CD1  1 
ATOM   285  C CD2  . PHE A 1 31  ? 8.145   6.951   3.641   1.00 12.81  ? 31  PHE A CD2  1 
ATOM   286  C CE1  . PHE A 1 31  ? 9.491   8.347   5.616   1.00 13.28  ? 31  PHE A CE1  1 
ATOM   287  C CE2  . PHE A 1 31  ? 8.962   8.020   3.297   1.00 39.84  ? 31  PHE A CE2  1 
ATOM   288  C CZ   . PHE A 1 31  ? 9.636   8.718   4.291   1.00 2.37   ? 31  PHE A CZ   1 
ATOM   289  H H    . PHE A 1 31  ? 8.116   3.346   3.567   1.00 0.00   ? 31  PHE A H    1 
ATOM   290  N N    . GLN A 1 32  ? 6.950   2.644   7.232   1.00 6.19   ? 32  GLN A N    1 
ATOM   291  C CA   . GLN A 1 32  ? 6.098   1.549   7.654   1.00 7.70   ? 32  GLN A CA   1 
ATOM   292  C C    . GLN A 1 32  ? 4.954   2.013   8.522   1.00 11.44  ? 32  GLN A C    1 
ATOM   293  O O    . GLN A 1 32  ? 5.103   2.944   9.327   1.00 13.39  ? 32  GLN A O    1 
ATOM   294  C CB   . GLN A 1 32  ? 6.902   0.497   8.421   1.00 30.76  ? 32  GLN A CB   1 
ATOM   295  C CG   . GLN A 1 32  ? 7.976   -0.277  7.625   1.00 12.18  ? 32  GLN A CG   1 
ATOM   296  C CD   . GLN A 1 32  ? 8.840   -1.161  8.548   1.00 15.97  ? 32  GLN A CD   1 
ATOM   297  O OE1  . GLN A 1 32  ? 8.381   -2.171  9.069   1.00 30.51  ? 32  GLN A OE1  1 
ATOM   298  N NE2  . GLN A 1 32  ? 10.085  -0.763  8.756   1.00 55.11  ? 32  GLN A NE2  1 
ATOM   299  H H    . GLN A 1 32  ? 7.368   3.199   7.910   1.00 0.00   ? 32  GLN A H    1 
ATOM   300  H HE21 . GLN A 1 32  ? 10.615  -1.331  9.351   1.00 18.00  ? 32  GLN A HE21 1 
ATOM   301  H HE22 . GLN A 1 32  ? 10.415  0.046   8.317   1.00 18.00  ? 32  GLN A HE22 1 
ATOM   302  N N    . ALA A 1 33  ? 3.830   1.318   8.417   1.00 5.06   ? 33  ALA A N    1 
ATOM   303  C CA   . ALA A 1 33  ? 2.679   1.653   9.234   1.00 15.67  ? 33  ALA A CA   1 
ATOM   304  C C    . ALA A 1 33  ? 1.986   0.373   9.618   1.00 1.00   ? 33  ALA A C    1 
ATOM   305  O O    . ALA A 1 33  ? 2.114   -0.609  8.942   1.00 23.85  ? 33  ALA A O    1 
ATOM   306  C CB   . ALA A 1 33  ? 1.760   2.552   8.507   1.00 12.72  ? 33  ALA A CB   1 
ATOM   307  H H    . ALA A 1 33  ? 3.763   0.550   7.807   1.00 0.00   ? 33  ALA A H    1 
ATOM   308  N N    . ALA A 1 34  ? 1.231   0.383   10.695  1.00 6.33   ? 34  ALA A N    1 
ATOM   309  C CA   . ALA A 1 34  ? 0.559   -0.823  11.159  1.00 5.26   ? 34  ALA A CA   1 
ATOM   310  C C    . ALA A 1 34  ? -0.874  -0.495  11.546  1.00 16.55  ? 34  ALA A C    1 
ATOM   311  O O    . ALA A 1 34  ? -1.583  -1.340  12.079  1.00 24.63  ? 34  ALA A O    1 
ATOM   312  C CB   . ALA A 1 34  ? 1.313   -1.367  12.380  1.00 5.50   ? 34  ALA A CB   1 
ATOM   313  H H    . ALA A 1 34  ? 1.126   1.209   11.194  1.00 0.00   ? 34  ALA A H    1 
ATOM   314  N N    . ASN A 1 35  ? -1.284  0.741   11.257  1.00 5.42   ? 35  ASN A N    1 
ATOM   315  C CA   . ASN A 1 35  ? -2.603  1.275   11.609  1.00 12.90  ? 35  ASN A CA   1 
ATOM   316  C C    . ASN A 1 35  ? -2.947  2.123   10.461  1.00 8.53   ? 35  ASN A C    1 
ATOM   317  O O    . ASN A 1 35  ? -2.050  2.582   9.749   1.00 24.24  ? 35  ASN A O    1 
ATOM   318  C CB   . ASN A 1 35  ? -2.536  2.284   12.782  1.00 4.62   ? 35  ASN A CB   1 
ATOM   319  C CG   . ASN A 1 35  ? -2.784  1.647   14.095  1.00 31.19  ? 35  ASN A CG   1 
ATOM   320  O OD1  . ASN A 1 35  ? -3.852  1.071   14.312  1.00 96.90  ? 35  ASN A OD1  1 
ATOM   321  N ND2  . ASN A 1 35  ? -1.801  1.716   14.996  1.00 43.72  ? 35  ASN A ND2  1 
ATOM   322  H H    . ASN A 1 35  ? -0.714  1.332   10.724  1.00 0.00   ? 35  ASN A H    1 
ATOM   323  H HD21 . ASN A 1 35  ? -1.967  1.279   15.853  1.00 18.00  ? 35  ASN A HD21 1 
ATOM   324  H HD22 . ASN A 1 35  ? -0.958  2.178   14.799  1.00 18.00  ? 35  ASN A HD22 1 
ATOM   325  N N    . GLY A 1 36  ? -4.220  2.485   10.405  1.00 17.09  ? 36  GLY A N    1 
ATOM   326  C CA   . GLY A 1 36  ? -4.694  3.337   9.342   1.00 24.47  ? 36  GLY A CA   1 
ATOM   327  C C    . GLY A 1 36  ? -4.340  4.743   9.729   1.00 2.27   ? 36  GLY A C    1 
ATOM   328  O O    . GLY A 1 36  ? -3.955  5.542   8.873   1.00 14.09  ? 36  GLY A O    1 
ATOM   329  H H    . GLY A 1 36  ? -4.843  2.143   11.078  1.00 0.00   ? 36  GLY A H    1 
ATOM   330  N N    . LEU A 1 37  ? -4.444  5.010   11.034  1.00 26.56  ? 37  LEU A N    1 
ATOM   331  C CA   . LEU A 1 37  ? -4.129  6.308   11.645  1.00 12.91  ? 37  LEU A CA   1 
ATOM   332  C C    . LEU A 1 37  ? -2.637  6.672   11.453  1.00 12.94  ? 37  LEU A C    1 
ATOM   333  O O    . LEU A 1 37  ? -2.332  7.797   11.105  1.00 21.03  ? 37  LEU A O    1 
ATOM   334  C CB   . LEU A 1 37  ? -4.481  6.287   13.143  1.00 39.64  ? 37  LEU A CB   1 
ATOM   335  C CG   . LEU A 1 37  ? -5.971  6.166   13.446  1.00 41.40  ? 37  LEU A CG   1 
ATOM   336  H H    . LEU A 1 37  ? -4.789  4.300   11.613  1.00 0.00   ? 37  LEU A H    1 
ATOM   337  N N    . GLN A 1 38  ? -1.721  5.751   11.755  1.00 11.80  ? 38  GLN A N    1 
ATOM   338  C CA   . GLN A 1 38  ? -0.305  5.990   11.534  1.00 4.09   ? 38  GLN A CA   1 
ATOM   339  C C    . GLN A 1 38  ? -0.015  6.203   10.042  1.00 8.47   ? 38  GLN A C    1 
ATOM   340  O O    . GLN A 1 38  ? 0.897   6.942   9.699   1.00 49.09  ? 38  GLN A O    1 
ATOM   341  C CB   . GLN A 1 38  ? 0.531   4.813   11.999  1.00 13.10  ? 38  GLN A CB   1 
ATOM   342  C CG   . GLN A 1 38  ? 0.545   4.581   13.496  1.00 31.53  ? 38  GLN A CG   1 
ATOM   343  C CD   . GLN A 1 38  ? 1.408   3.379   13.900  1.00 36.16  ? 38  GLN A CD   1 
ATOM   344  O OE1  . GLN A 1 38  ? 1.472   3.017   15.079  1.00 52.07  ? 38  GLN A OE1  1 
ATOM   345  N NE2  . GLN A 1 38  ? 2.077   2.762   12.922  1.00 42.77  ? 38  GLN A NE2  1 
ATOM   346  H H    . GLN A 1 38  ? -2.022  4.910   12.155  1.00 0.00   ? 38  GLN A H    1 
ATOM   347  H HE21 . GLN A 1 38  ? 2.617   1.995   13.226  1.00 18.00  ? 38  GLN A HE21 1 
ATOM   348  H HE22 . GLN A 1 38  ? 2.054   3.055   11.993  1.00 18.00  ? 38  GLN A HE22 1 
ATOM   349  N N    . ALA A 1 39  ? -0.780  5.541   9.170   1.00 19.31  ? 39  ALA A N    1 
ATOM   350  C CA   . ALA A 1 39  ? -0.637  5.656   7.706   1.00 19.84  ? 39  ALA A CA   1 
ATOM   351  C C    . ALA A 1 39  ? -1.065  7.025   7.179   1.00 2.22   ? 39  ALA A C    1 
ATOM   352  O O    . ALA A 1 39  ? -0.392  7.612   6.345   1.00 21.66  ? 39  ALA A O    1 
ATOM   353  C CB   . ALA A 1 39  ? -1.464  4.599   7.017   1.00 11.00  ? 39  ALA A CB   1 
ATOM   354  H H    . ALA A 1 39  ? -1.491  4.959   9.494   1.00 0.00   ? 39  ALA A H    1 
ATOM   355  N N    . LEU A 1 40  ? -2.245  7.466   7.593   1.00 7.28   ? 40  LEU A N    1 
ATOM   356  C CA   . LEU A 1 40  ? -2.770  8.756   7.219   1.00 3.50   ? 40  LEU A CA   1 
ATOM   357  C C    . LEU A 1 40  ? -1.774  9.847   7.611   1.00 11.21  ? 40  LEU A C    1 
ATOM   358  O O    . LEU A 1 40  ? -1.565  10.820  6.887   1.00 34.40  ? 40  LEU A O    1 
ATOM   359  C CB   . LEU A 1 40  ? -4.084  8.987   7.964   1.00 18.45  ? 40  LEU A CB   1 
ATOM   360  C CG   . LEU A 1 40  ? -5.413  8.613   7.285   1.00 30.07  ? 40  LEU A CG   1 
ATOM   361  C CD1  . LEU A 1 40  ? -5.198  7.829   5.998   1.00 1.00   ? 40  LEU A CD1  1 
ATOM   362  C CD2  . LEU A 1 40  ? -6.294  7.868   8.267   1.00 35.02  ? 40  LEU A CD2  1 
ATOM   363  H H    . LEU A 1 40  ? -2.772  6.891   8.178   1.00 0.00   ? 40  LEU A H    1 
ATOM   364  N N    . ASP A 1 41  ? -1.132  9.657   8.744   1.00 14.28  ? 41  ASP A N    1 
ATOM   365  C CA   . ASP A 1 41  ? -0.173  10.608  9.264   1.00 16.79  ? 41  ASP A CA   1 
ATOM   366  C C    . ASP A 1 41  ? 1.061   10.744  8.371   1.00 3.00   ? 41  ASP A C    1 
ATOM   367  O O    . ASP A 1 41  ? 1.550   11.856  8.111   1.00 32.18  ? 41  ASP A O    1 
ATOM   368  C CB   . ASP A 1 41  ? 0.234   10.164  10.673  1.00 47.06  ? 41  ASP A CB   1 
ATOM   369  C CG   . ASP A 1 41  ? 0.701   11.315  11.526  1.00 39.69  ? 41  ASP A CG   1 
ATOM   370  O OD1  . ASP A 1 41  ? -0.127  12.228  11.757  1.00 73.95  ? 41  ASP A OD1  1 
ATOM   371  O OD2  . ASP A 1 41  ? 1.893   11.324  11.925  1.00 69.56  ? 41  ASP A OD2  1 
ATOM   372  H H    . ASP A 1 41  ? -1.334  8.859   9.273   1.00 0.00   ? 41  ASP A H    1 
ATOM   373  N N    . ILE A 1 42  ? 1.584   9.604   7.942   1.00 5.48   ? 42  ILE A N    1 
ATOM   374  C CA   . ILE A 1 42  ? 2.754   9.570   7.087   1.00 11.24  ? 42  ILE A CA   1 
ATOM   375  C C    . ILE A 1 42  ? 2.399   10.076  5.673   1.00 14.55  ? 42  ILE A C    1 
ATOM   376  O O    . ILE A 1 42  ? 3.253   10.577  4.953   1.00 19.57  ? 42  ILE A O    1 
ATOM   377  C CB   . ILE A 1 42  ? 3.305   8.154   7.008   1.00 1.55   ? 42  ILE A CB   1 
ATOM   378  C CG1  . ILE A 1 42  ? 3.766   7.725   8.393   1.00 7.01   ? 42  ILE A CG1  1 
ATOM   379  C CG2  . ILE A 1 42  ? 4.407   8.049   5.963   1.00 22.70  ? 42  ILE A CG2  1 
ATOM   380  C CD1  . ILE A 1 42  ? 4.307   6.288   8.507   1.00 8.32   ? 42  ILE A CD1  1 
ATOM   381  H H    . ILE A 1 42  ? 1.195   8.751   8.243   1.00 0.00   ? 42  ILE A H    1 
ATOM   382  N N    . VAL A 1 43  ? 1.147   9.943   5.261   1.00 11.54  ? 43  VAL A N    1 
ATOM   383  C CA   . VAL A 1 43  ? 0.771   10.438  3.940   1.00 12.34  ? 43  VAL A CA   1 
ATOM   384  C C    . VAL A 1 43  ? 0.862   11.965  4.011   1.00 20.29  ? 43  VAL A C    1 
ATOM   385  O O    . VAL A 1 43  ? 1.624   12.590  3.279   1.00 19.20  ? 43  VAL A O    1 
ATOM   386  C CB   . VAL A 1 43  ? -0.634  9.938   3.512   1.00 23.68  ? 43  VAL A CB   1 
ATOM   387  C CG1  . VAL A 1 43  ? -1.118  10.644  2.226   1.00 18.44  ? 43  VAL A CG1  1 
ATOM   388  C CG2  . VAL A 1 43  ? -0.585  8.428   3.305   1.00 9.58   ? 43  VAL A CG2  1 
ATOM   389  H H    . VAL A 1 43  ? 0.496   9.471   5.823   1.00 0.00   ? 43  VAL A H    1 
ATOM   390  N N    . THR A 1 44  ? 0.227   12.524  5.029   1.00 31.28  ? 44  THR A N    1 
ATOM   391  C CA   . THR A 1 44  ? 0.197   13.959  5.255   1.00 4.22   ? 44  THR A CA   1 
ATOM   392  C C    . THR A 1 44  ? 1.578   14.604  5.478   1.00 13.53  ? 44  THR A C    1 
ATOM   393  O O    . THR A 1 44  ? 1.807   15.748  5.056   1.00 71.18  ? 44  THR A O    1 
ATOM   394  C CB   . THR A 1 44  ? -0.745  14.287  6.447   1.00 15.63  ? 44  THR A CB   1 
ATOM   395  O OG1  . THR A 1 44  ? -2.041  13.687  6.227   1.00 17.49  ? 44  THR A OG1  1 
ATOM   396  C CG2  . THR A 1 44  ? -0.898  15.791  6.645   1.00 33.81  ? 44  THR A CG2  1 
ATOM   397  H H    . THR A 1 44  ? -0.248  11.952  5.663   1.00 0.00   ? 44  THR A H    1 
ATOM   398  H HG1  . THR A 1 44  ? -1.980  12.721  6.202   1.00 0.00   ? 44  THR A HG1  1 
ATOM   399  N N    . LYS A 1 45  ? 2.518   13.863  6.056   1.00 9.83   ? 45  LYS A N    1 
ATOM   400  C CA   . LYS A 1 45  ? 3.839   14.443  6.337   1.00 8.04   ? 45  LYS A CA   1 
ATOM   401  C C    . LYS A 1 45  ? 4.888   14.161  5.330   1.00 25.54  ? 45  LYS A C    1 
ATOM   402  O O    . LYS A 1 45  ? 5.793   14.980  5.105   1.00 11.31  ? 45  LYS A O    1 
ATOM   403  C CB   . LYS A 1 45  ? 4.334   13.973  7.670   1.00 12.79  ? 45  LYS A CB   1 
ATOM   404  H H    . LYS A 1 45  ? 2.318   12.935  6.302   1.00 0.00   ? 45  LYS A H    1 
ATOM   405  N N    . GLU A 1 46  ? 4.805   12.967  4.769   1.00 17.92  ? 46  GLU A N    1 
ATOM   406  C CA   . GLU A 1 46  ? 5.796   12.558  3.829   1.00 3.21   ? 46  GLU A CA   1 
ATOM   407  C C    . GLU A 1 46  ? 5.447   12.582  2.374   1.00 8.09   ? 46  GLU A C    1 
ATOM   408  O O    . GLU A 1 46  ? 6.363   12.511  1.553   1.00 12.72  ? 46  GLU A O    1 
ATOM   409  C CB   . GLU A 1 46  ? 6.259   11.178  4.210   1.00 10.97  ? 46  GLU A CB   1 
ATOM   410  C CG   . GLU A 1 46  ? 6.843   11.162  5.586   1.00 38.47  ? 46  GLU A CG   1 
ATOM   411  C CD   . GLU A 1 46  ? 8.000   12.114  5.707   1.00 65.16  ? 46  GLU A CD   1 
ATOM   412  O OE1  . GLU A 1 46  ? 8.887   12.113  4.810   1.00 32.78  ? 46  GLU A OE1  1 
ATOM   413  O OE2  . GLU A 1 46  ? 7.997   12.871  6.699   1.00 98.93  ? 46  GLU A OE2  1 
ATOM   414  H H    . GLU A 1 46  ? 4.079   12.348  4.984   1.00 0.00   ? 46  GLU A H    1 
ATOM   415  N N    . ARG A 1 47  ? 4.157   12.690  2.051   1.00 1.00   ? 47  ARG A N    1 
ATOM   416  C CA   . ARG A 1 47  ? 3.696   12.666  0.660   1.00 5.30   ? 47  ARG A CA   1 
ATOM   417  C C    . ARG A 1 47  ? 4.406   11.556  -0.134  1.00 39.61  ? 47  ARG A C    1 
ATOM   418  O O    . ARG A 1 47  ? 5.171   11.820  -1.082  1.00 11.51  ? 47  ARG A O    1 
ATOM   419  C CB   . ARG A 1 47  ? 3.860   14.035  -0.027  1.00 10.05  ? 47  ARG A CB   1 
ATOM   420  C CG   . ARG A 1 47  ? 2.936   15.125  0.511   1.00 29.56  ? 47  ARG A CG   1 
ATOM   421  C CD   . ARG A 1 47  ? 3.112   16.427  -0.265  1.00 24.35  ? 47  ARG A CD   1 
ATOM   422  N NE   . ARG A 1 47  ? 2.635   16.339  -1.645  1.00 20.41  ? 47  ARG A NE   1 
ATOM   423  C CZ   . ARG A 1 47  ? 2.782   17.306  -2.549  1.00 33.37  ? 47  ARG A CZ   1 
ATOM   424  N NH1  . ARG A 1 47  ? 3.400   18.444  -2.245  1.00 6.22   ? 47  ARG A NH1  1 
ATOM   425  N NH2  . ARG A 1 47  ? 2.244   17.163  -3.750  1.00 14.23  ? 47  ARG A NH2  1 
ATOM   426  H H    . ARG A 1 47  ? 3.504   12.775  2.764   1.00 0.00   ? 47  ARG A H    1 
ATOM   427  H HE   . ARG A 1 47  ? 2.185   15.521  -1.939  1.00 0.00   ? 47  ARG A HE   1 
ATOM   428  H HH11 . ARG A 1 47  ? 3.769   18.599  -1.326  1.00 0.00   ? 47  ARG A HH11 1 
ATOM   429  H HH12 . ARG A 1 47  ? 3.484   19.163  -2.929  1.00 0.00   ? 47  ARG A HH12 1 
ATOM   430  H HH21 . ARG A 1 47  ? 1.734   16.335  -3.980  1.00 0.00   ? 47  ARG A HH21 1 
ATOM   431  H HH22 . ARG A 1 47  ? 2.348   17.887  -4.428  1.00 0.00   ? 47  ARG A HH22 1 
ATOM   432  N N    . PRO A 1 48  ? 4.144   10.285  0.231   1.00 42.58  ? 48  PRO A N    1 
ATOM   433  C CA   . PRO A 1 48  ? 4.795   9.187   -0.480  1.00 12.85  ? 48  PRO A CA   1 
ATOM   434  C C    . PRO A 1 48  ? 4.196   8.974   -1.873  1.00 14.27  ? 48  PRO A C    1 
ATOM   435  O O    . PRO A 1 48  ? 3.027   9.297   -2.156  1.00 16.24  ? 48  PRO A O    1 
ATOM   436  C CB   . PRO A 1 48  ? 4.572   8.009   0.461   1.00 18.49  ? 48  PRO A CB   1 
ATOM   437  C CG   . PRO A 1 48  ? 3.184   8.259   0.934   1.00 29.81  ? 48  PRO A CG   1 
ATOM   438  C CD   . PRO A 1 48  ? 3.115   9.770   1.154   1.00 6.82   ? 48  PRO A CD   1 
ATOM   439  N N    . ASP A 1 49  ? 5.029   8.443   -2.745  1.00 10.79  ? 49  ASP A N    1 
ATOM   440  C CA   . ASP A 1 49  ? 4.672   8.169   -4.116  1.00 18.37  ? 49  ASP A CA   1 
ATOM   441  C C    . ASP A 1 49  ? 3.699   7.030   -4.248  1.00 13.55  ? 49  ASP A C    1 
ATOM   442  O O    . ASP A 1 49  ? 2.620   7.217   -4.804  1.00 35.92  ? 49  ASP A O    1 
ATOM   443  C CB   . ASP A 1 49  ? 5.948   7.932   -4.925  1.00 32.40  ? 49  ASP A CB   1 
ATOM   444  C CG   . ASP A 1 49  ? 6.879   9.134   -4.862  1.00 30.66  ? 49  ASP A CG   1 
ATOM   445  O OD1  . ASP A 1 49  ? 6.374   10.239  -5.090  1.00 13.37  ? 49  ASP A OD1  1 
ATOM   446  O OD2  . ASP A 1 49  ? 8.069   9.005   -4.511  1.00 28.16  ? 49  ASP A OD2  1 
ATOM   447  H H    . ASP A 1 49  ? 5.919   8.187   -2.438  1.00 0.00   ? 49  ASP A H    1 
ATOM   448  N N    . LEU A 1 50  ? 4.074   5.873   -3.708  1.00 21.16  ? 50  LEU A N    1 
ATOM   449  C CA   . LEU A 1 50  ? 3.252   4.674   -3.742  1.00 21.31  ? 50  LEU A CA   1 
ATOM   450  C C    . LEU A 1 50  ? 2.913   4.185   -2.313  1.00 44.24  ? 50  LEU A C    1 
ATOM   451  O O    . LEU A 1 50  ? 3.725   4.325   -1.397  1.00 12.99  ? 50  LEU A O    1 
ATOM   452  C CB   . LEU A 1 50  ? 3.995   3.581   -4.497  1.00 6.30   ? 50  LEU A CB   1 
ATOM   453  C CG   . LEU A 1 50  ? 3.240   2.298   -4.888  1.00 20.55  ? 50  LEU A CG   1 
ATOM   454  C CD1  . LEU A 1 50  ? 2.092   2.560   -5.858  1.00 1.00   ? 50  LEU A CD1  1 
ATOM   455  C CD2  . LEU A 1 50  ? 4.224   1.375   -5.545  1.00 24.34  ? 50  LEU A CD2  1 
ATOM   456  H H    . LEU A 1 50  ? 4.932   5.827   -3.227  1.00 0.00   ? 50  LEU A H    1 
ATOM   457  N N    . VAL A 1 51  ? 1.692   3.677   -2.127  1.00 19.36  ? 51  VAL A N    1 
ATOM   458  C CA   . VAL A 1 51  ? 1.203   3.129   -0.859  1.00 17.00  ? 51  VAL A CA   1 
ATOM   459  C C    . VAL A 1 51  ? 0.840   1.666   -1.074  1.00 24.34  ? 51  VAL A C    1 
ATOM   460  O O    . VAL A 1 51  ? 0.040   1.335   -1.946  1.00 8.98   ? 51  VAL A O    1 
ATOM   461  C CB   . VAL A 1 51  ? -0.069  3.813   -0.374  1.00 1.00   ? 51  VAL A CB   1 
ATOM   462  C CG1  . VAL A 1 51  ? -0.526  3.195   0.928   1.00 1.40   ? 51  VAL A CG1  1 
ATOM   463  C CG2  . VAL A 1 51  ? 0.176   5.257   -0.172  1.00 2.25   ? 51  VAL A CG2  1 
ATOM   464  H H    . VAL A 1 51  ? 1.085   3.669   -2.896  1.00 0.00   ? 51  VAL A H    1 
ATOM   465  N N    . LEU A 1 52  ? 1.447   0.776   -0.309  1.00 20.91  ? 52  LEU A N    1 
ATOM   466  C CA   . LEU A 1 52  ? 1.124   -0.636  -0.439  1.00 37.33  ? 52  LEU A CA   1 
ATOM   467  C C    . LEU A 1 52  ? 0.226   -0.853  0.769   1.00 10.74  ? 52  LEU A C    1 
ATOM   468  O O    . LEU A 1 52  ? 0.688   -0.792  1.896   1.00 22.90  ? 52  LEU A O    1 
ATOM   469  C CB   . LEU A 1 52  ? 2.402   -1.475  -0.390  1.00 23.91  ? 52  LEU A CB   1 
ATOM   470  C CG   . LEU A 1 52  ? 3.332   -1.428  -1.610  1.00 4.88   ? 52  LEU A CG   1 
ATOM   471  C CD1  . LEU A 1 52  ? 4.384   -2.509  -1.510  1.00 10.88  ? 52  LEU A CD1  1 
ATOM   472  C CD2  . LEU A 1 52  ? 2.516   -1.675  -2.841  1.00 23.35  ? 52  LEU A CD2  1 
ATOM   473  H H    . LEU A 1 52  ? 2.101   1.050   0.361   1.00 0.00   ? 52  LEU A H    1 
ATOM   474  N N    . LEU A 1 53  ? -1.068  -1.049  0.548   1.00 23.03  ? 53  LEU A N    1 
ATOM   475  C CA   . LEU A 1 53  ? -2.006  -1.176  1.665   1.00 5.22   ? 53  LEU A CA   1 
ATOM   476  C C    . LEU A 1 53  ? -2.709  -2.513  1.929   1.00 2.63   ? 53  LEU A C    1 
ATOM   477  O O    . LEU A 1 53  ? -3.487  -2.951  1.114   1.00 8.71   ? 53  LEU A O    1 
ATOM   478  C CB   . LEU A 1 53  ? -3.038  -0.059  1.507   1.00 6.80   ? 53  LEU A CB   1 
ATOM   479  C CG   . LEU A 1 53  ? -4.420  -0.026  2.148   1.00 19.90  ? 53  LEU A CG   1 
ATOM   480  C CD1  . LEU A 1 53  ? -4.366  0.029   3.672   1.00 5.15   ? 53  LEU A CD1  1 
ATOM   481  C CD2  . LEU A 1 53  ? -5.130  1.180   1.600   1.00 1.76   ? 53  LEU A CD2  1 
ATOM   482  H H    . LEU A 1 53  ? -1.372  -1.172  -0.372  1.00 0.00   ? 53  LEU A H    1 
ATOM   483  N N    . ASP A 1 54  ? -2.449  -3.165  3.067   1.00 16.40  ? 54  ASP A N    1 
ATOM   484  C CA   . ASP A 1 54  ? -3.186  -4.410  3.391   1.00 4.28   ? 54  ASP A CA   1 
ATOM   485  C C    . ASP A 1 54  ? -4.615  -4.002  3.776   1.00 10.55  ? 54  ASP A C    1 
ATOM   486  O O    . ASP A 1 54  ? -4.819  -3.194  4.695   1.00 6.99   ? 54  ASP A O    1 
ATOM   487  C CB   . ASP A 1 54  ? -2.552  -5.163  4.572   1.00 4.11   ? 54  ASP A CB   1 
ATOM   488  C CG   . ASP A 1 54  ? -3.024  -6.633  4.676   1.00 10.21  ? 54  ASP A CG   1 
ATOM   489  O OD1  . ASP A 1 54  ? -4.140  -6.976  4.245   1.00 28.76  ? 54  ASP A OD1  1 
ATOM   490  O OD2  . ASP A 1 54  ? -2.263  -7.465  5.205   1.00 33.99  ? 54  ASP A OD2  1 
ATOM   491  H H    . ASP A 1 54  ? -1.794  -2.799  3.710   1.00 0.00   ? 54  ASP A H    1 
ATOM   492  N N    . MET A 1 55  ? -5.621  -4.569  3.121   1.00 6.74   ? 55  MET A N    1 
ATOM   493  C CA   . MET A 1 55  ? -6.968  -4.150  3.484   1.00 31.26  ? 55  MET A CA   1 
ATOM   494  C C    . MET A 1 55  ? -7.356  -4.592  4.868   1.00 1.00   ? 55  MET A C    1 
ATOM   495  O O    . MET A 1 55  ? -8.303  -4.053  5.435   1.00 45.57  ? 55  MET A O    1 
ATOM   496  C CB   . MET A 1 55  ? -8.018  -4.539  2.446   1.00 1.19   ? 55  MET A CB   1 
ATOM   497  C CG   . MET A 1 55  ? -7.864  -3.747  1.174   1.00 14.95  ? 55  MET A CG   1 
ATOM   498  S SD   . MET A 1 55  ? -7.865  -1.979  1.500   1.00 27.05  ? 55  MET A SD   1 
ATOM   499  C CE   . MET A 1 55  ? -8.820  -1.436  0.137   1.00 44.86  ? 55  MET A CE   1 
ATOM   500  H H    . MET A 1 55  ? -5.454  -5.220  2.404   1.00 0.00   ? 55  MET A H    1 
ATOM   501  N N    . LYS A 1 56  ? -6.621  -5.564  5.410   1.00 38.46  ? 56  LYS A N    1 
ATOM   502  C CA   . LYS A 1 56  ? -6.865  -6.092  6.753   1.00 1.00   ? 56  LYS A CA   1 
ATOM   503  C C    . LYS A 1 56  ? -5.957  -5.421  7.759   1.00 4.92   ? 56  LYS A C    1 
ATOM   504  O O    . LYS A 1 56  ? -4.940  -5.999  8.175   1.00 87.37  ? 56  LYS A O    1 
ATOM   505  C CB   . LYS A 1 56  ? -6.602  -7.601  6.811   1.00 10.23  ? 56  LYS A CB   1 
ATOM   506  C CG   . LYS A 1 56  ? -7.582  -8.497  6.069   1.00 25.70  ? 56  LYS A CG   1 
ATOM   507  C CD   . LYS A 1 56  ? -8.487  -9.267  7.062   1.00 36.57  ? 56  LYS A CD   1 
ATOM   508  C CE   . LYS A 1 56  ? -7.729  -10.066 8.152   1.00 56.48  ? 56  LYS A CE   1 
ATOM   509  N NZ   . LYS A 1 56  ? -6.803  -11.158 7.690   1.00 36.05  ? 56  LYS A NZ   1 
ATOM   510  H H    . LYS A 1 56  ? -5.890  -5.939  4.890   1.00 0.00   ? 56  LYS A H    1 
ATOM   511  H HZ1  . LYS A 1 56  ? -7.332  -11.851 7.119   1.00 0.00   ? 56  LYS A HZ1  1 
ATOM   512  H HZ2  . LYS A 1 56  ? -6.058  -10.731 7.104   1.00 0.00   ? 56  LYS A HZ2  1 
ATOM   513  H HZ3  . LYS A 1 56  ? -6.385  -11.630 8.518   1.00 0.00   ? 56  LYS A HZ3  1 
ATOM   514  N N    . ILE A 1 57  ? -6.230  -4.164  8.065   1.00 50.17  ? 57  ILE A N    1 
ATOM   515  C CA   . ILE A 1 57  ? -5.432  -3.467  9.054   1.00 29.42  ? 57  ILE A CA   1 
ATOM   516  C C    . ILE A 1 57  ? -6.319  -3.264  10.272  1.00 45.86  ? 57  ILE A C    1 
ATOM   517  O O    . ILE A 1 57  ? -7.549  -3.370  10.180  1.00 61.25  ? 57  ILE A O    1 
ATOM   518  C CB   . ILE A 1 57  ? -4.781  -2.120  8.539   1.00 34.86  ? 57  ILE A CB   1 
ATOM   519  C CG1  . ILE A 1 57  ? -5.673  -1.383  7.527   1.00 25.52  ? 57  ILE A CG1  1 
ATOM   520  C CG2  . ILE A 1 57  ? -3.388  -2.395  8.000   1.00 5.30   ? 57  ILE A CG2  1 
ATOM   521  C CD1  . ILE A 1 57  ? -6.340  -0.079  8.063   1.00 13.48  ? 57  ILE A CD1  1 
ATOM   522  H H    . ILE A 1 57  ? -6.993  -3.706  7.662   1.00 0.00   ? 57  ILE A H    1 
ATOM   523  N N    . PRO A 1 58  ? -5.700  -3.142  11.451  1.00 64.94  ? 58  PRO A N    1 
ATOM   524  C CA   . PRO A 1 58  ? -6.382  -2.939  12.730  1.00 27.78  ? 58  PRO A CA   1 
ATOM   525  C C    . PRO A 1 58  ? -7.136  -1.613  12.880  1.00 54.63  ? 58  PRO A C    1 
ATOM   526  O O    . PRO A 1 58  ? -6.657  -0.534  12.472  1.00 44.01  ? 58  PRO A O    1 
ATOM   527  C CB   . PRO A 1 58  ? -5.228  -3.005  13.741  1.00 74.34  ? 58  PRO A CB   1 
ATOM   528  C CG   . PRO A 1 58  ? -4.263  -3.923  13.092  1.00 51.31  ? 58  PRO A CG   1 
ATOM   529  C CD   . PRO A 1 58  ? -4.270  -3.445  11.673  1.00 38.64  ? 58  PRO A CD   1 
ATOM   530  N N    . GLY A 1 59  ? -8.316  -1.709  13.491  1.00 75.07  ? 59  GLY A N    1 
ATOM   531  C CA   . GLY A 1 59  ? -9.130  -0.535  13.760  1.00 76.97  ? 59  GLY A CA   1 
ATOM   532  C C    . GLY A 1 59  ? -9.944  0.042   12.626  1.00 55.74  ? 59  GLY A C    1 
ATOM   533  O O    . GLY A 1 59  ? -11.169 -0.076  12.619  1.00 80.02  ? 59  GLY A O    1 
ATOM   534  H H    . GLY A 1 59  ? -8.667  -2.589  13.732  1.00 0.00   ? 59  GLY A H    1 
ATOM   535  N N    . MET A 1 60  ? -9.272  0.705   11.693  1.00 65.02  ? 60  MET A N    1 
ATOM   536  C CA   . MET A 1 60  ? -9.946  1.323   10.558  1.00 19.64  ? 60  MET A CA   1 
ATOM   537  C C    . MET A 1 60  ? -10.022 0.354   9.376   1.00 35.40  ? 60  MET A C    1 
ATOM   538  O O    . MET A 1 60  ? -9.126  -0.472  9.177   1.00 34.94  ? 60  MET A O    1 
ATOM   539  C CB   . MET A 1 60  ? -9.196  2.600   10.156  1.00 24.61  ? 60  MET A CB   1 
ATOM   540  C CG   . MET A 1 60  ? -10.044 3.636   9.425   1.00 37.38  ? 60  MET A CG   1 
ATOM   541  S SD   . MET A 1 60  ? -9.071  5.053   8.918   1.00 62.90  ? 60  MET A SD   1 
ATOM   542  C CE   . MET A 1 60  ? -9.478  6.190   10.253  1.00 55.70  ? 60  MET A CE   1 
ATOM   543  H H    . MET A 1 60  ? -8.292  0.724   11.766  1.00 0.00   ? 60  MET A H    1 
ATOM   544  N N    . ASP A 1 61  ? -11.132 0.398   8.643   1.00 15.61  ? 61  ASP A N    1 
ATOM   545  C CA   . ASP A 1 61  ? -11.263 -0.456  7.480   1.00 54.13  ? 61  ASP A CA   1 
ATOM   546  C C    . ASP A 1 61  ? -10.493 0.132   6.291   1.00 33.09  ? 61  ASP A C    1 
ATOM   547  O O    . ASP A 1 61  ? -10.441 1.348   6.101   1.00 28.23  ? 61  ASP A O    1 
ATOM   548  C CB   . ASP A 1 61  ? -12.740 -0.744  7.141   1.00 27.31  ? 61  ASP A CB   1 
ATOM   549  C CG   . ASP A 1 61  ? -13.532 0.490   6.754   1.00 71.16  ? 61  ASP A CG   1 
ATOM   550  O OD1  . ASP A 1 61  ? -14.140 1.110   7.662   1.00 102.90 ? 61  ASP A OD1  1 
ATOM   551  O OD2  . ASP A 1 61  ? -13.600 0.799   5.536   1.00 87.52  ? 61  ASP A OD2  1 
ATOM   552  H H    . ASP A 1 61  ? -11.854 1.002   8.891   1.00 0.00   ? 61  ASP A H    1 
ATOM   553  N N    . GLY A 1 62  ? -9.871  -0.754  5.523   1.00 17.84  ? 62  GLY A N    1 
ATOM   554  C CA   . GLY A 1 62  ? -9.099  -0.359  4.370   1.00 23.69  ? 62  GLY A CA   1 
ATOM   555  C C    . GLY A 1 62  ? -9.843  0.548   3.427   1.00 1.00   ? 62  GLY A C    1 
ATOM   556  O O    . GLY A 1 62  ? -9.264  1.507   2.953   1.00 47.48  ? 62  GLY A O    1 
ATOM   557  H H    . GLY A 1 62  ? -9.899  -1.707  5.767   1.00 0.00   ? 62  GLY A H    1 
ATOM   558  N N    . ILE A 1 63  ? -11.118 0.292   3.170   1.00 34.23  ? 63  ILE A N    1 
ATOM   559  C CA   . ILE A 1 63  ? -11.852 1.156   2.250   1.00 31.90  ? 63  ILE A CA   1 
ATOM   560  C C    . ILE A 1 63  ? -11.948 2.598   2.748   1.00 22.31  ? 63  ILE A C    1 
ATOM   561  O O    . ILE A 1 63  ? -12.043 3.515   1.939   1.00 19.62  ? 63  ILE A O    1 
ATOM   562  C CB   . ILE A 1 63  ? -13.250 0.605   1.916   1.00 18.90  ? 63  ILE A CB   1 
ATOM   563  C CG1  . ILE A 1 63  ? -13.150 -0.537  0.891   1.00 10.22  ? 63  ILE A CG1  1 
ATOM   564  C CG2  . ILE A 1 63  ? -14.120 1.700   1.332   1.00 10.69  ? 63  ILE A CG2  1 
ATOM   565  C CD1  . ILE A 1 63  ? -12.509 -0.158  -0.444  1.00 22.47  ? 63  ILE A CD1  1 
ATOM   566  H H    . ILE A 1 63  ? -11.552 -0.484  3.574   1.00 0.00   ? 63  ILE A H    1 
ATOM   567  N N    . GLU A 1 64  ? -11.888 2.792   4.066   1.00 35.17  ? 64  GLU A N    1 
ATOM   568  C CA   . GLU A 1 64  ? -11.961 4.132   4.641   1.00 6.32   ? 64  GLU A CA   1 
ATOM   569  C C    . GLU A 1 64  ? -10.618 4.788   4.695   1.00 18.69  ? 64  GLU A C    1 
ATOM   570  O O    . GLU A 1 64  ? -10.512 5.983   4.438   1.00 25.58  ? 64  GLU A O    1 
ATOM   571  C CB   . GLU A 1 64  ? -12.552 4.128   6.035   1.00 13.55  ? 64  GLU A CB   1 
ATOM   572  C CG   . GLU A 1 64  ? -13.075 5.487   6.481   1.00 17.33  ? 64  GLU A CG   1 
ATOM   573  C CD   . GLU A 1 64  ? -14.088 6.114   5.503   1.00 84.95  ? 64  GLU A CD   1 
ATOM   574  O OE1  . GLU A 1 64  ? -14.962 5.380   4.980   1.00 94.23  ? 64  GLU A OE1  1 
ATOM   575  O OE2  . GLU A 1 64  ? -14.010 7.349   5.253   1.00 81.87  ? 64  GLU A OE2  1 
ATOM   576  H H    . GLU A 1 64  ? -11.762 2.030   4.662   1.00 0.00   ? 64  GLU A H    1 
ATOM   577  N N    . ILE A 1 65  ? -9.572  4.029   5.009   1.00 9.11   ? 65  ILE A N    1 
ATOM   578  C CA   . ILE A 1 65  ? -8.267  4.656   5.037   1.00 27.11  ? 65  ILE A CA   1 
ATOM   579  C C    . ILE A 1 65  ? -7.905  5.063   3.609   1.00 16.40  ? 65  ILE A C    1 
ATOM   580  O O    . ILE A 1 65  ? -7.252  6.085   3.423   1.00 43.64  ? 65  ILE A O    1 
ATOM   581  C CB   . ILE A 1 65  ? -7.124  3.866   5.809   1.00 9.76   ? 65  ILE A CB   1 
ATOM   582  C CG1  . ILE A 1 65  ? -6.126  3.255   4.858   1.00 18.64  ? 65  ILE A CG1  1 
ATOM   583  C CG2  . ILE A 1 65  ? -7.655  2.858   6.770   1.00 9.61   ? 65  ILE A CG2  1 
ATOM   584  C CD1  . ILE A 1 65  ? -4.835  4.041   4.851   1.00 14.01  ? 65  ILE A CD1  1 
ATOM   585  H H    . ILE A 1 65  ? -9.673  3.077   5.209   1.00 0.00   ? 65  ILE A H    1 
ATOM   586  N N    . LEU A 1 66  ? -8.476  4.371   2.615   1.00 26.98  ? 66  LEU A N    1 
ATOM   587  C CA   . LEU A 1 66  ? -8.242  4.663   1.177   1.00 4.01   ? 66  LEU A CA   1 
ATOM   588  C C    . LEU A 1 66  ? -9.005  5.907   0.752   1.00 20.01  ? 66  LEU A C    1 
ATOM   589  O O    . LEU A 1 66  ? -8.502  6.724   -0.003  1.00 19.14  ? 66  LEU A O    1 
ATOM   590  C CB   . LEU A 1 66  ? -8.664  3.466   0.298   1.00 13.96  ? 66  LEU A CB   1 
ATOM   591  C CG   . LEU A 1 66  ? -8.792  3.496   -1.232  1.00 20.20  ? 66  LEU A CG   1 
ATOM   592  C CD1  . LEU A 1 66  ? -7.421  3.600   -1.903  1.00 18.92  ? 66  LEU A CD1  1 
ATOM   593  C CD2  . LEU A 1 66  ? -9.503  2.226   -1.674  1.00 22.06  ? 66  LEU A CD2  1 
ATOM   594  H H    . LEU A 1 66  ? -9.058  3.618   2.850   1.00 0.00   ? 66  LEU A H    1 
ATOM   595  N N    . LYS A 1 67  ? -10.252 6.025   1.174   1.00 9.58   ? 67  LYS A N    1 
ATOM   596  C CA   . LYS A 1 67  ? -10.983 7.210   0.842   1.00 13.64  ? 67  LYS A CA   1 
ATOM   597  C C    . LYS A 1 67  ? -10.254 8.458   1.442   1.00 25.08  ? 67  LYS A C    1 
ATOM   598  O O    . LYS A 1 67  ? -10.101 9.490   0.784   1.00 25.93  ? 67  LYS A O    1 
ATOM   599  C CB   . LYS A 1 67  ? -12.388 7.106   1.404   1.00 6.81   ? 67  LYS A CB   1 
ATOM   600  C CG   . LYS A 1 67  ? -13.390 6.427   0.516   1.00 14.06  ? 67  LYS A CG   1 
ATOM   601  C CD   . LYS A 1 67  ? -14.786 6.524   1.170   1.00 49.32  ? 67  LYS A CD   1 
ATOM   602  C CE   . LYS A 1 67  ? -15.821 5.639   0.472   1.00 53.26  ? 67  LYS A CE   1 
ATOM   603  N NZ   . LYS A 1 67  ? -17.167 5.623   1.132   1.00 75.39  ? 67  LYS A NZ   1 
ATOM   604  H H    . LYS A 1 67  ? -10.672 5.300   1.688   1.00 0.00   ? 67  LYS A H    1 
ATOM   605  H HZ1  . LYS A 1 67  ? -17.074 5.281   2.111   1.00 0.00   ? 67  LYS A HZ1  1 
ATOM   606  H HZ2  . LYS A 1 67  ? -17.564 6.586   1.153   1.00 0.00   ? 67  LYS A HZ2  1 
ATOM   607  H HZ3  . LYS A 1 67  ? -17.807 4.998   0.605   1.00 0.00   ? 67  LYS A HZ3  1 
ATOM   608  N N    . ARG A 1 68  ? -9.760  8.325   2.671   1.00 28.50  ? 68  ARG A N    1 
ATOM   609  C CA   . ARG A 1 68  ? -9.073  9.412   3.381   1.00 4.63   ? 68  ARG A CA   1 
ATOM   610  C C    . ARG A 1 68  ? -7.741  9.835   2.793   1.00 8.34   ? 68  ARG A C    1 
ATOM   611  O O    . ARG A 1 68  ? -7.395  11.016  2.803   1.00 23.81  ? 68  ARG A O    1 
ATOM   612  C CB   . ARG A 1 68  ? -8.904  9.042   4.851   1.00 6.43   ? 68  ARG A CB   1 
ATOM   613  C CG   . ARG A 1 68  ? -10.236 8.926   5.581   1.00 22.92  ? 68  ARG A CG   1 
ATOM   614  C CD   . ARG A 1 68  ? -10.051 8.777   7.070   1.00 31.12  ? 68  ARG A CD   1 
ATOM   615  N NE   . ARG A 1 68  ? -11.080 7.932   7.662   1.00 64.54  ? 68  ARG A NE   1 
ATOM   616  C CZ   . ARG A 1 68  ? -11.802 8.259   8.729   1.00 82.17  ? 68  ARG A CZ   1 
ATOM   617  N NH1  . ARG A 1 68  ? -11.616 9.436   9.337   1.00 40.74  ? 68  ARG A NH1  1 
ATOM   618  N NH2  . ARG A 1 68  ? -12.679 7.382   9.212   1.00 75.44  ? 68  ARG A NH2  1 
ATOM   619  H H    . ARG A 1 68  ? -9.883  7.467   3.132   1.00 0.00   ? 68  ARG A H    1 
ATOM   620  H HE   . ARG A 1 68  ? -11.221 7.049   7.253   1.00 0.00   ? 68  ARG A HE   1 
ATOM   621  H HH11 . ARG A 1 68  ? -10.932 10.086  9.006   1.00 0.00   ? 68  ARG A HH11 1 
ATOM   622  H HH12 . ARG A 1 68  ? -12.165 9.672   10.139  1.00 0.00   ? 68  ARG A HH12 1 
ATOM   623  H HH21 . ARG A 1 68  ? -12.771 6.493   8.765   1.00 0.00   ? 68  ARG A HH21 1 
ATOM   624  H HH22 . ARG A 1 68  ? -13.232 7.612   10.014  1.00 0.00   ? 68  ARG A HH22 1 
ATOM   625  N N    . MET A 1 69  ? -6.986  8.862   2.311   1.00 27.11  ? 69  MET A N    1 
ATOM   626  C CA   . MET A 1 69  ? -5.711  9.141   1.683   1.00 2.87   ? 69  MET A CA   1 
ATOM   627  C C    . MET A 1 69  ? -5.989  9.967   0.419   1.00 20.12  ? 69  MET A C    1 
ATOM   628  O O    . MET A 1 69  ? -5.300  10.945  0.142   1.00 28.18  ? 69  MET A O    1 
ATOM   629  C CB   . MET A 1 69  ? -4.995  7.829   1.322   1.00 9.99   ? 69  MET A CB   1 
ATOM   630  C CG   . MET A 1 69  ? -4.526  6.996   2.531   1.00 12.28  ? 69  MET A CG   1 
ATOM   631  S SD   . MET A 1 69  ? -3.533  5.600   1.977   1.00 15.59  ? 69  MET A SD   1 
ATOM   632  C CE   . MET A 1 69  ? -2.179  5.537   3.166   1.00 21.92  ? 69  MET A CE   1 
ATOM   633  H H    . MET A 1 69  ? -7.282  7.933   2.417   1.00 0.00   ? 69  MET A H    1 
ATOM   634  N N    . LYS A 1 70  ? -7.045  9.596   -0.303  1.00 14.94  ? 70  LYS A N    1 
ATOM   635  C CA   . LYS A 1 70  ? -7.444  10.267  -1.546  1.00 23.85  ? 70  LYS A CA   1 
ATOM   636  C C    . LYS A 1 70  ? -7.727  11.744  -1.310  1.00 9.11   ? 70  LYS A C    1 
ATOM   637  O O    . LYS A 1 70  ? -7.295  12.605  -2.063  1.00 27.76  ? 70  LYS A O    1 
ATOM   638  C CB   . LYS A 1 70  ? -8.689  9.581   -2.084  1.00 1.00   ? 70  LYS A CB   1 
ATOM   639  C CG   . LYS A 1 70  ? -8.726  9.408   -3.565  1.00 8.90   ? 70  LYS A CG   1 
ATOM   640  C CD   . LYS A 1 70  ? -7.442  8.833   -4.125  1.00 14.50  ? 70  LYS A CD   1 
ATOM   641  C CE   . LYS A 1 70  ? -7.110  7.462   -3.524  1.00 89.21  ? 70  LYS A CE   1 
ATOM   642  N NZ   . LYS A 1 70  ? -8.304  6.575   -3.397  1.00 60.08  ? 70  LYS A NZ   1 
ATOM   643  H H    . LYS A 1 70  ? -7.585  8.840   -0.010  1.00 0.00   ? 70  LYS A H    1 
ATOM   644  H HZ1  . LYS A 1 70  ? -9.011  7.035   -2.789  1.00 0.00   ? 70  LYS A HZ1  1 
ATOM   645  H HZ2  . LYS A 1 70  ? -8.706  6.405   -4.340  1.00 0.00   ? 70  LYS A HZ2  1 
ATOM   646  H HZ3  . LYS A 1 70  ? -8.007  5.676   -2.966  1.00 0.00   ? 70  LYS A HZ3  1 
ATOM   647  N N    . VAL A 1 71  ? -8.464  12.018  -0.247  1.00 21.15  ? 71  VAL A N    1 
ATOM   648  C CA   . VAL A 1 71  ? -8.794  13.371  0.157   1.00 4.93   ? 71  VAL A CA   1 
ATOM   649  C C    . VAL A 1 71  ? -7.532  14.211  0.513   1.00 14.55  ? 71  VAL A C    1 
ATOM   650  O O    . VAL A 1 71  ? -7.451  15.387  0.215   1.00 23.49  ? 71  VAL A O    1 
ATOM   651  C CB   . VAL A 1 71  ? -9.838  13.298  1.313   1.00 26.84  ? 71  VAL A CB   1 
ATOM   652  C CG1  . VAL A 1 71  ? -9.659  14.423  2.349   1.00 28.66  ? 71  VAL A CG1  1 
ATOM   653  C CG2  . VAL A 1 71  ? -11.225 13.344  0.713   1.00 25.49  ? 71  VAL A CG2  1 
ATOM   654  H H    . VAL A 1 71  ? -8.826  11.261  0.258   1.00 0.00   ? 71  VAL A H    1 
ATOM   655  N N    . ILE A 1 72  ? -6.541  13.600  1.136   1.00 19.00  ? 72  ILE A N    1 
ATOM   656  C CA   . ILE A 1 72  ? -5.313  14.317  1.480   1.00 14.46  ? 72  ILE A CA   1 
ATOM   657  C C    . ILE A 1 72  ? -4.477  14.634  0.211   1.00 8.35   ? 72  ILE A C    1 
ATOM   658  O O    . ILE A 1 72  ? -3.851  15.707  0.099   1.00 13.23  ? 72  ILE A O    1 
ATOM   659  C CB   . ILE A 1 72  ? -4.454  13.450  2.497   1.00 17.05  ? 72  ILE A CB   1 
ATOM   660  C CG1  . ILE A 1 72  ? -5.214  13.262  3.801   1.00 9.52   ? 72  ILE A CG1  1 
ATOM   661  C CG2  . ILE A 1 72  ? -3.127  14.118  2.869   1.00 14.77  ? 72  ILE A CG2  1 
ATOM   662  C CD1  . ILE A 1 72  ? -4.561  12.220  4.709   1.00 21.41  ? 72  ILE A CD1  1 
ATOM   663  H H    . ILE A 1 72  ? -6.643  12.646  1.363   1.00 0.00   ? 72  ILE A H    1 
ATOM   664  N N    . ASP A 1 73  ? -4.448  13.670  -0.713  1.00 9.25   ? 73  ASP A N    1 
ATOM   665  C CA   . ASP A 1 73  ? -3.670  13.704  -1.956  1.00 3.42   ? 73  ASP A CA   1 
ATOM   666  C C    . ASP A 1 73  ? -4.479  12.996  -3.031  1.00 8.42   ? 73  ASP A C    1 
ATOM   667  O O    . ASP A 1 73  ? -4.443  11.774  -3.180  1.00 16.20  ? 73  ASP A O    1 
ATOM   668  C CB   . ASP A 1 73  ? -2.348  12.951  -1.714  1.00 12.48  ? 73  ASP A CB   1 
ATOM   669  C CG   . ASP A 1 73  ? -1.470  12.838  -2.941  1.00 10.06  ? 73  ASP A CG   1 
ATOM   670  O OD1  . ASP A 1 73  ? -1.783  13.463  -3.965  1.00 14.07  ? 73  ASP A OD1  1 
ATOM   671  O OD2  . ASP A 1 73  ? -0.430  12.137  -2.868  1.00 39.56  ? 73  ASP A OD2  1 
ATOM   672  H H    . ASP A 1 73  ? -4.992  12.866  -0.552  1.00 0.00   ? 73  ASP A H    1 
ATOM   673  N N    . GLU A 1 74  ? -5.210  13.777  -3.793  1.00 8.98   ? 74  GLU A N    1 
ATOM   674  C CA   . GLU A 1 74  ? -6.031  13.226  -4.848  1.00 26.08  ? 74  GLU A CA   1 
ATOM   675  C C    . GLU A 1 74  ? -5.255  12.389  -5.863  1.00 7.59   ? 74  GLU A C    1 
ATOM   676  O O    . GLU A 1 74  ? -5.843  11.725  -6.709  1.00 41.46  ? 74  GLU A O    1 
ATOM   677  C CB   . GLU A 1 74  ? -6.739  14.358  -5.564  1.00 25.43  ? 74  GLU A CB   1 
ATOM   678  C CG   . GLU A 1 74  ? -5.782  15.363  -6.179  1.00 27.03  ? 74  GLU A CG   1 
ATOM   679  C CD   . GLU A 1 74  ? -6.502  16.613  -6.591  1.00 14.54  ? 74  GLU A CD   1 
ATOM   680  O OE1  . GLU A 1 74  ? -7.088  16.610  -7.701  1.00 22.95  ? 74  GLU A OE1  1 
ATOM   681  O OE2  . GLU A 1 74  ? -6.516  17.573  -5.782  1.00 51.36  ? 74  GLU A OE2  1 
ATOM   682  H H    . GLU A 1 74  ? -5.245  14.735  -3.587  1.00 0.00   ? 74  GLU A H    1 
ATOM   683  N N    . ASN A 1 75  ? -3.940  12.478  -5.833  1.00 12.18  ? 75  ASN A N    1 
ATOM   684  C CA   . ASN A 1 75  ? -3.118  11.716  -6.758  1.00 19.04  ? 75  ASN A CA   1 
ATOM   685  C C    . ASN A 1 75  ? -2.357  10.552  -6.089  1.00 32.63  ? 75  ASN A C    1 
ATOM   686  O O    . ASN A 1 75  ? -1.410  9.998   -6.656  1.00 10.35  ? 75  ASN A O    1 
ATOM   687  C CB   . ASN A 1 75  ? -2.093  12.650  -7.414  1.00 32.22  ? 75  ASN A CB   1 
ATOM   688  C CG   . ASN A 1 75  ? -2.711  13.647  -8.379  1.00 32.84  ? 75  ASN A CG   1 
ATOM   689  O OD1  . ASN A 1 75  ? -2.032  14.574  -8.796  1.00 24.08  ? 75  ASN A OD1  1 
ATOM   690  N ND2  . ASN A 1 75  ? -3.970  13.451  -8.766  1.00 49.28  ? 75  ASN A ND2  1 
ATOM   691  H H    . ASN A 1 75  ? -3.501  13.030  -5.170  1.00 0.00   ? 75  ASN A H    1 
ATOM   692  H HD21 . ASN A 1 75  ? -4.307  14.129  -9.390  1.00 18.00  ? 75  ASN A HD21 1 
ATOM   693  H HD22 . ASN A 1 75  ? -4.506  12.693  -8.450  1.00 18.00  ? 75  ASN A HD22 1 
ATOM   694  N N    . ILE A 1 76  ? -2.707  10.232  -4.852  1.00 14.67  ? 76  ILE A N    1 
ATOM   695  C CA   . ILE A 1 76  ? -2.016  9.141   -4.159  1.00 18.26  ? 76  ILE A CA   1 
ATOM   696  C C    . ILE A 1 76  ? -2.198  7.860   -4.960  1.00 29.96  ? 76  ILE A C    1 
ATOM   697  O O    . ILE A 1 76  ? -3.293  7.542   -5.430  1.00 31.24  ? 76  ILE A O    1 
ATOM   698  C CB   . ILE A 1 76  ? -2.526  8.956   -2.678  1.00 6.55   ? 76  ILE A CB   1 
ATOM   699  C CG1  . ILE A 1 76  ? -1.609  7.998   -1.925  1.00 1.00   ? 76  ILE A CG1  1 
ATOM   700  C CG2  . ILE A 1 76  ? -3.996  8.506   -2.633  1.00 7.27   ? 76  ILE A CG2  1 
ATOM   701  C CD1  . ILE A 1 76  ? -0.162  8.355   -2.064  1.00 45.81  ? 76  ILE A CD1  1 
ATOM   702  H H    . ILE A 1 76  ? -3.470  10.661  -4.412  1.00 0.00   ? 76  ILE A H    1 
ATOM   703  N N    . ARG A 1 77  ? -1.102  7.149   -5.138  1.00 29.67  ? 77  ARG A N    1 
ATOM   704  C CA   . ARG A 1 77  ? -1.131  5.914   -5.876  1.00 1.79   ? 77  ARG A CA   1 
ATOM   705  C C    . ARG A 1 77  ? -1.064  4.750   -4.926  1.00 1.17   ? 77  ARG A C    1 
ATOM   706  O O    . ARG A 1 77  ? -0.002  4.436   -4.419  1.00 16.90  ? 77  ARG A O    1 
ATOM   707  C CB   . ARG A 1 77  ? 0.047   5.861   -6.836  1.00 14.59  ? 77  ARG A CB   1 
ATOM   708  C CG   . ARG A 1 77  ? -0.015  6.943   -7.890  1.00 12.26  ? 77  ARG A CG   1 
ATOM   709  C CD   . ARG A 1 77  ? 1.378   7.278   -8.389  1.00 47.74  ? 77  ARG A CD   1 
ATOM   710  N NE   . ARG A 1 77  ? 1.947   6.193   -9.179  1.00 26.04  ? 77  ARG A NE   1 
ATOM   711  C CZ   . ARG A 1 77  ? 1.539   5.869   -10.411 1.00 91.04  ? 77  ARG A CZ   1 
ATOM   712  N NH1  . ARG A 1 77  ? 0.544   6.537   -11.002 1.00 76.53  ? 77  ARG A NH1  1 
ATOM   713  N NH2  . ARG A 1 77  ? 2.164   4.907   -11.083 1.00 62.61  ? 77  ARG A NH2  1 
ATOM   714  H H    . ARG A 1 77  ? -0.243  7.463   -4.776  1.00 0.00   ? 77  ARG A H    1 
ATOM   715  H HE   . ARG A 1 77  ? 2.660   5.674   -8.749  1.00 0.00   ? 77  ARG A HE   1 
ATOM   716  H HH11 . ARG A 1 77  ? 0.076   7.280   -10.528 1.00 0.00   ? 77  ARG A HH11 1 
ATOM   717  H HH12 . ARG A 1 77  ? 0.254   6.270   -11.925 1.00 0.00   ? 77  ARG A HH12 1 
ATOM   718  H HH21 . ARG A 1 77  ? 2.932   4.446   -10.635 1.00 0.00   ? 77  ARG A HH21 1 
ATOM   719  H HH22 . ARG A 1 77  ? 1.879   4.648   -12.007 1.00 0.00   ? 77  ARG A HH22 1 
ATOM   720  N N    . VAL A 1 78  ? -2.190  4.062   -4.764  1.00 6.15   ? 78  VAL A N    1 
ATOM   721  C CA   . VAL A 1 78  ? -2.300  2.911   -3.872  1.00 27.77  ? 78  VAL A CA   1 
ATOM   722  C C    . VAL A 1 78  ? -2.427  1.559   -4.606  1.00 16.84  ? 78  VAL A C    1 
ATOM   723  O O    . VAL A 1 78  ? -3.036  1.472   -5.677  1.00 7.80   ? 78  VAL A O    1 
ATOM   724  C CB   . VAL A 1 78  ? -3.531  3.066   -2.951  1.00 1.00   ? 78  VAL A CB   1 
ATOM   725  C CG1  . VAL A 1 78  ? -3.529  2.025   -1.888  1.00 16.38  ? 78  VAL A CG1  1 
ATOM   726  C CG2  . VAL A 1 78  ? -3.557  4.436   -2.335  1.00 9.55   ? 78  VAL A CG2  1 
ATOM   727  H H    . VAL A 1 78  ? -2.981  4.311   -5.286  1.00 0.00   ? 78  VAL A H    1 
ATOM   728  N N    . ILE A 1 79  ? -1.812  0.530   -4.024  1.00 29.84  ? 79  ILE A N    1 
ATOM   729  C CA   . ILE A 1 79  ? -1.853  -0.859  -4.499  1.00 15.11  ? 79  ILE A CA   1 
ATOM   730  C C    . ILE A 1 79  ? -2.329  -1.637  -3.279  1.00 15.70  ? 79  ILE A C    1 
ATOM   731  O O    . ILE A 1 79  ? -1.616  -1.737  -2.279  1.00 17.06  ? 79  ILE A O    1 
ATOM   732  C CB   . ILE A 1 79  ? -0.482  -1.414  -4.882  1.00 7.26   ? 79  ILE A CB   1 
ATOM   733  C CG1  . ILE A 1 79  ? 0.044   -0.688  -6.123  1.00 42.14  ? 79  ILE A CG1  1 
ATOM   734  C CG2  . ILE A 1 79  ? -0.585  -2.904  -5.163  1.00 11.47  ? 79  ILE A CG2  1 
ATOM   735  C CD1  . ILE A 1 79  ? 1.263   -1.339  -6.722  1.00 13.67  ? 79  ILE A CD1  1 
ATOM   736  H H    . ILE A 1 79  ? -1.284  0.676   -3.211  1.00 0.00   ? 79  ILE A H    1 
ATOM   737  N N    . ILE A 1 80  ? -3.568  -2.088  -3.326  1.00 7.41   ? 80  ILE A N    1 
ATOM   738  C CA   . ILE A 1 80  ? -4.155  -2.810  -2.219  1.00 3.02   ? 80  ILE A CA   1 
ATOM   739  C C    . ILE A 1 80  ? -3.838  -4.321  -2.206  1.00 1.00   ? 80  ILE A C    1 
ATOM   740  O O    . ILE A 1 80  ? -3.678  -4.943  -3.255  1.00 16.38  ? 80  ILE A O    1 
ATOM   741  C CB   . ILE A 1 80  ? -5.672  -2.592  -2.201  1.00 1.00   ? 80  ILE A CB   1 
ATOM   742  C CG1  . ILE A 1 80  ? -6.263  -3.089  -3.522  1.00 18.10  ? 80  ILE A CG1  1 
ATOM   743  C CG2  . ILE A 1 80  ? -5.998  -1.112  -1.993  1.00 1.00   ? 80  ILE A CG2  1 
ATOM   744  C CD1  . ILE A 1 80  ? -7.623  -3.738  -3.383  1.00 18.52  ? 80  ILE A CD1  1 
ATOM   745  H H    . ILE A 1 80  ? -4.080  -1.947  -4.147  1.00 0.00   ? 80  ILE A H    1 
ATOM   746  N N    . MET A 1 81  ? -3.685  -4.878  -1.011  1.00 7.74   ? 81  MET A N    1 
ATOM   747  C CA   . MET A 1 81  ? -3.440  -6.309  -0.813  1.00 21.27  ? 81  MET A CA   1 
ATOM   748  C C    . MET A 1 81  ? -4.671  -6.860  -0.109  1.00 24.21  ? 81  MET A C    1 
ATOM   749  O O    . MET A 1 81  ? -5.120  -6.293  0.898   1.00 28.35  ? 81  MET A O    1 
ATOM   750  C CB   . MET A 1 81  ? -2.217  -6.551  0.052   1.00 5.02   ? 81  MET A CB   1 
ATOM   751  C CG   . MET A 1 81  ? -1.047  -7.032  -0.738  1.00 26.68  ? 81  MET A CG   1 
ATOM   752  S SD   . MET A 1 81  ? 0.082   -5.728  -1.064  1.00 37.56  ? 81  MET A SD   1 
ATOM   753  C CE   . MET A 1 81  ? 0.678   -5.314  0.876   1.00 6.00   ? 81  MET A CE   1 
ATOM   754  H H    . MET A 1 81  ? -3.767  -4.310  -0.218  1.00 0.00   ? 81  MET A H    1 
ATOM   755  N N    . THR A 1 82  ? -5.207  -7.972  -0.606  1.00 28.83  ? 82  THR A N    1 
ATOM   756  C CA   . THR A 1 82  ? -6.433  -8.528  -0.026  1.00 22.66  ? 82  THR A CA   1 
ATOM   757  C C    . THR A 1 82  ? -6.506  -10.060 -0.135  1.00 10.26  ? 82  THR A C    1 
ATOM   758  O O    . THR A 1 82  ? -5.481  -10.677 -0.418  1.00 43.72  ? 82  THR A O    1 
ATOM   759  C CB   . THR A 1 82  ? -7.674  -7.808  -0.664  1.00 26.62  ? 82  THR A CB   1 
ATOM   760  O OG1  . THR A 1 82  ? -8.885  -8.245  -0.039  1.00 37.18  ? 82  THR A OG1  1 
ATOM   761  C CG2  . THR A 1 82  ? -7.712  -8.016  -2.160  1.00 20.39  ? 82  THR A CG2  1 
ATOM   762  H H    . THR A 1 82  ? -4.751  -8.465  -1.319  1.00 0.00   ? 82  THR A H    1 
ATOM   763  H HG1  . THR A 1 82  ? -8.885  -7.942  0.871   1.00 0.00   ? 82  THR A HG1  1 
ATOM   764  N N    . ALA A 1 83  ? -7.665  -10.659 0.179   1.00 20.57  ? 83  ALA A N    1 
ATOM   765  C CA   . ALA A 1 83  ? -7.920  -12.126 0.104   1.00 12.74  ? 83  ALA A CA   1 
ATOM   766  C C    . ALA A 1 83  ? -8.500  -12.398 -1.287  1.00 5.65   ? 83  ALA A C    1 
ATOM   767  O O    . ALA A 1 83  ? -9.297  -11.587 -1.736  1.00 36.31  ? 83  ALA A O    1 
ATOM   768  C CB   . ALA A 1 83  ? -8.972  -12.523 1.173   1.00 3.62   ? 83  ALA A CB   1 
ATOM   769  H H    . ALA A 1 83  ? -8.429  -10.108 0.434   1.00 0.00   ? 83  ALA A H    1 
ATOM   770  N N    . TYR A 1 84  ? -8.171  -13.515 -1.947  1.00 14.35  ? 84  TYR A N    1 
ATOM   771  C CA   . TYR A 1 84  ? -8.716  -13.770 -3.304  1.00 12.92  ? 84  TYR A CA   1 
ATOM   772  C C    . TYR A 1 84  ? -10.241 -13.812 -3.478  1.00 12.34  ? 84  TYR A C    1 
ATOM   773  O O    . TYR A 1 84  ? -10.757 -13.521 -4.557  1.00 15.78  ? 84  TYR A O    1 
ATOM   774  C CB   . TYR A 1 84  ? -8.009  -14.944 -4.044  1.00 7.98   ? 84  TYR A CB   1 
ATOM   775  C CG   . TYR A 1 84  ? -8.396  -16.393 -3.779  1.00 25.98  ? 84  TYR A CG   1 
ATOM   776  C CD1  . TYR A 1 84  ? -9.614  -16.937 -4.222  1.00 59.34  ? 84  TYR A CD1  1 
ATOM   777  C CD2  . TYR A 1 84  ? -7.478  -17.269 -3.198  1.00 72.99  ? 84  TYR A CD2  1 
ATOM   778  C CE1  . TYR A 1 84  ? -9.895  -18.337 -4.095  1.00 53.70  ? 84  TYR A CE1  1 
ATOM   779  C CE2  . TYR A 1 84  ? -7.746  -18.658 -3.068  1.00 65.38  ? 84  TYR A CE2  1 
ATOM   780  C CZ   . TYR A 1 84  ? -8.947  -19.189 -3.512  1.00 75.79  ? 84  TYR A CZ   1 
ATOM   781  O OH   . TYR A 1 84  ? -9.171  -20.555 -3.345  1.00 44.46  ? 84  TYR A OH   1 
ATOM   782  H H    . TYR A 1 84  ? -7.572  -14.161 -1.528  1.00 0.00   ? 84  TYR A H    1 
ATOM   783  H HH   . TYR A 1 84  ? -10.058 -20.779 -3.641  1.00 0.00   ? 84  TYR A HH   1 
ATOM   784  N N    . GLY A 1 85  ? -10.958 -14.087 -2.391  1.00 10.02  ? 85  GLY A N    1 
ATOM   785  C CA   . GLY A 1 85  ? -12.408 -14.109 -2.467  1.00 9.94   ? 85  GLY A CA   1 
ATOM   786  C C    . GLY A 1 85  ? -13.125 -12.815 -2.114  1.00 10.88  ? 85  GLY A C    1 
ATOM   787  O O    . GLY A 1 85  ? -14.320 -12.852 -1.841  1.00 37.85  ? 85  GLY A O    1 
ATOM   788  H H    . GLY A 1 85  ? -10.511 -14.296 -1.546  1.00 0.00   ? 85  GLY A H    1 
ATOM   789  N N    . GLU A 1 86  ? -12.418 -11.687 -2.070  1.00 30.80  ? 86  GLU A N    1 
ATOM   790  C CA   . GLU A 1 86  ? -13.036 -10.384 -1.745  1.00 5.62   ? 86  GLU A CA   1 
ATOM   791  C C    . GLU A 1 86  ? -13.262 -9.592  -3.017  1.00 1.00   ? 86  GLU A C    1 
ATOM   792  O O    . GLU A 1 86  ? -12.785 -8.470  -3.127  1.00 22.13  ? 86  GLU A O    1 
ATOM   793  C CB   . GLU A 1 86  ? -12.117 -9.557  -0.862  1.00 19.27  ? 86  GLU A CB   1 
ATOM   794  C CG   . GLU A 1 86  ? -11.486 -10.333 0.261   1.00 71.76  ? 86  GLU A CG   1 
ATOM   795  C CD   . GLU A 1 86  ? -12.281 -10.259 1.533   1.00 57.00  ? 86  GLU A CD   1 
ATOM   796  O OE1  . GLU A 1 86  ? -13.441 -9.804  1.479   1.00 48.48  ? 86  GLU A OE1  1 
ATOM   797  O OE2  . GLU A 1 86  ? -11.732 -10.643 2.594   1.00 73.64  ? 86  GLU A OE2  1 
ATOM   798  H H    . GLU A 1 86  ? -11.455 -11.720 -2.257  1.00 0.00   ? 86  GLU A H    1 
ATOM   799  N N    . LEU A 1 87  ? -14.015 -10.176 -3.953  1.00 1.00   ? 87  LEU A N    1 
ATOM   800  C CA   . LEU A 1 87  ? -14.321 -9.588  -5.254  1.00 2.76   ? 87  LEU A CA   1 
ATOM   801  C C    . LEU A 1 87  ? -15.051 -8.258  -5.310  1.00 8.97   ? 87  LEU A C    1 
ATOM   802  O O    . LEU A 1 87  ? -14.862 -7.544  -6.277  1.00 9.35   ? 87  LEU A O    1 
ATOM   803  C CB   . LEU A 1 87  ? -15.130 -10.542 -6.109  1.00 12.43  ? 87  LEU A CB   1 
ATOM   804  C CG   . LEU A 1 87  ? -14.602 -11.935 -6.358  1.00 25.01  ? 87  LEU A CG   1 
ATOM   805  C CD1  . LEU A 1 87  ? -15.760 -12.747 -6.910  1.00 7.25   ? 87  LEU A CD1  1 
ATOM   806  C CD2  . LEU A 1 87  ? -13.416 -11.887 -7.289  1.00 26.55  ? 87  LEU A CD2  1 
ATOM   807  H H    . LEU A 1 87  ? -14.377 -11.057 -3.717  1.00 0.00   ? 87  LEU A H    1 
ATOM   808  N N    . ASP A 1 88  ? -16.003 -8.033  -4.397  1.00 8.83   ? 88  ASP A N    1 
ATOM   809  C CA   . ASP A 1 88  ? -16.789 -6.790  -4.351  1.00 18.80  ? 88  ASP A CA   1 
ATOM   810  C C    . ASP A 1 88  ? -15.980 -5.642  -3.750  1.00 22.46  ? 88  ASP A C    1 
ATOM   811  O O    . ASP A 1 88  ? -16.175 -4.476  -4.120  1.00 14.32  ? 88  ASP A O    1 
ATOM   812  C CB   . ASP A 1 88  ? -18.095 -6.960  -3.553  1.00 8.92   ? 88  ASP A CB   1 
ATOM   813  C CG   . ASP A 1 88  ? -19.006 -8.076  -4.100  1.00 26.66  ? 88  ASP A CG   1 
ATOM   814  O OD1  . ASP A 1 88  ? -19.235 -8.159  -5.330  1.00 25.68  ? 88  ASP A OD1  1 
ATOM   815  O OD2  . ASP A 1 88  ? -19.494 -8.886  -3.278  1.00 66.44  ? 88  ASP A OD2  1 
ATOM   816  H H    . ASP A 1 88  ? -16.188 -8.721  -3.733  1.00 0.00   ? 88  ASP A H    1 
ATOM   817  N N    . MET A 1 89  ? -15.085 -5.994  -2.825  1.00 7.62   ? 89  MET A N    1 
ATOM   818  C CA   . MET A 1 89  ? -14.189 -5.053  -2.156  1.00 13.17  ? 89  MET A CA   1 
ATOM   819  C C    . MET A 1 89  ? -13.108 -4.640  -3.158  1.00 8.47   ? 89  MET A C    1 
ATOM   820  O O    . MET A 1 89  ? -12.671 -3.504  -3.176  1.00 16.66  ? 89  MET A O    1 
ATOM   821  C CB   . MET A 1 89  ? -13.508 -5.703  -0.952  1.00 25.06  ? 89  MET A CB   1 
ATOM   822  C CG   . MET A 1 89  ? -12.645 -4.718  -0.113  1.00 12.11  ? 89  MET A CG   1 
ATOM   823  S SD   . MET A 1 89  ? -11.202 -5.485  0.661   1.00 49.07  ? 89  MET A SD   1 
ATOM   824  C CE   . MET A 1 89  ? -11.911 -6.130  2.173   1.00 59.83  ? 89  MET A CE   1 
ATOM   825  H H    . MET A 1 89  ? -15.025 -6.942  -2.569  1.00 0.00   ? 89  MET A H    1 
ATOM   826  N N    . ILE A 1 90  ? -12.644 -5.601  -3.943  1.00 12.50  ? 90  ILE A N    1 
ATOM   827  C CA   . ILE A 1 90  ? -11.631 -5.370  -4.958  1.00 9.44   ? 90  ILE A CA   1 
ATOM   828  C C    . ILE A 1 90  ? -12.191 -4.416  -5.994  1.00 24.08  ? 90  ILE A C    1 
ATOM   829  O O    . ILE A 1 90  ? -11.489 -3.564  -6.533  1.00 24.29  ? 90  ILE A O    1 
ATOM   830  C CB   . ILE A 1 90  ? -11.245 -6.712  -5.587  1.00 7.30   ? 90  ILE A CB   1 
ATOM   831  C CG1  . ILE A 1 90  ? -10.313 -7.432  -4.624  1.00 1.00   ? 90  ILE A CG1  1 
ATOM   832  C CG2  . ILE A 1 90  ? -10.628 -6.541  -6.952  1.00 1.00   ? 90  ILE A CG2  1 
ATOM   833  C CD1  . ILE A 1 90  ? -9.984  -8.780  -5.057  1.00 13.40  ? 90  ILE A CD1  1 
ATOM   834  H H    . ILE A 1 90  ? -12.965 -6.516  -3.792  1.00 0.00   ? 90  ILE A H    1 
ATOM   835  N N    . GLN A 1 91  ? -13.479 -4.553  -6.268  1.00 13.62  ? 91  GLN A N    1 
ATOM   836  C CA   . GLN A 1 91  ? -14.116 -3.684  -7.221  1.00 24.55  ? 91  GLN A CA   1 
ATOM   837  C C    . GLN A 1 91  ? -14.177 -2.262  -6.648  1.00 21.45  ? 91  GLN A C    1 
ATOM   838  O O    . GLN A 1 91  ? -13.786 -1.307  -7.315  1.00 29.03  ? 91  GLN A O    1 
ATOM   839  C CB   . GLN A 1 91  ? -15.488 -4.221  -7.572  1.00 7.11   ? 91  GLN A CB   1 
ATOM   840  C CG   . GLN A 1 91  ? -16.292 -3.338  -8.503  1.00 15.39  ? 91  GLN A CG   1 
ATOM   841  C CD   . GLN A 1 91  ? -15.630 -2.991  -9.837  1.00 6.49   ? 91  GLN A CD   1 
ATOM   842  O OE1  . GLN A 1 91  ? -16.123 -2.119  -10.532 1.00 15.69  ? 91  GLN A OE1  1 
ATOM   843  N NE2  . GLN A 1 91  ? -14.575 -3.708  -10.229 1.00 20.65  ? 91  GLN A NE2  1 
ATOM   844  H H    . GLN A 1 91  ? -13.991 -5.256  -5.822  1.00 0.00   ? 91  GLN A H    1 
ATOM   845  H HE21 . GLN A 1 91  ? -14.169 -3.458  -11.077 1.00 18.00  ? 91  GLN A HE21 1 
ATOM   846  H HE22 . GLN A 1 91  ? -14.240 -4.447  -9.682  1.00 18.00  ? 91  GLN A HE22 1 
ATOM   847  N N    . GLU A 1 92  ? -14.627 -2.129  -5.406  1.00 17.50  ? 92  GLU A N    1 
ATOM   848  C CA   . GLU A 1 92  ? -14.715 -0.825  -4.748  1.00 33.81  ? 92  GLU A CA   1 
ATOM   849  C C    . GLU A 1 92  ? -13.408 -0.025  -4.768  1.00 23.70  ? 92  GLU A C    1 
ATOM   850  O O    . GLU A 1 92  ? -13.410 1.181   -5.032  1.00 28.79  ? 92  GLU A O    1 
ATOM   851  C CB   . GLU A 1 92  ? -15.133 -1.005  -3.299  1.00 40.84  ? 92  GLU A CB   1 
ATOM   852  C CG   . GLU A 1 92  ? -16.512 -0.537  -3.014  1.00 7.07   ? 92  GLU A CG   1 
ATOM   853  C CD   . GLU A 1 92  ? -16.697 -0.226  -1.552  1.00 54.57  ? 92  GLU A CD   1 
ATOM   854  O OE1  . GLU A 1 92  ? -16.659 -1.198  -0.738  1.00 24.33  ? 92  GLU A OE1  1 
ATOM   855  O OE2  . GLU A 1 92  ? -16.867 0.992   -1.235  1.00 39.20  ? 92  GLU A OE2  1 
ATOM   856  H H    . GLU A 1 92  ? -14.946 -2.918  -4.921  1.00 0.00   ? 92  GLU A H    1 
ATOM   857  N N    . SER A 1 93  ? -12.308 -0.694  -4.430  1.00 15.35  ? 93  SER A N    1 
ATOM   858  C CA   . SER A 1 93  ? -10.977 -0.088  -4.426  1.00 6.30   ? 93  SER A CA   1 
ATOM   859  C C    . SER A 1 93  ? -10.671 0.389   -5.829  1.00 22.44  ? 93  SER A C    1 
ATOM   860  O O    . SER A 1 93  ? -9.980  1.386   -6.035  1.00 33.92  ? 93  SER A O    1 
ATOM   861  C CB   . SER A 1 93  ? -9.940  -1.146  -4.057  1.00 14.63  ? 93  SER A CB   1 
ATOM   862  O OG   . SER A 1 93  ? -10.357 -1.834  -2.901  1.00 32.25  ? 93  SER A OG   1 
ATOM   863  H H    . SER A 1 93  ? -12.364 -1.633  -4.137  1.00 0.00   ? 93  SER A H    1 
ATOM   864  H HG   . SER A 1 93  ? -10.506 -1.242  -2.165  1.00 0.00   ? 93  SER A HG   1 
ATOM   865  N N    . LYS A 1 94  ? -11.110 -0.398  -6.796  1.00 22.05  ? 94  LYS A N    1 
ATOM   866  C CA   . LYS A 1 94  ? -10.888 -0.068  -8.175  1.00 24.33  ? 94  LYS A CA   1 
ATOM   867  C C    . LYS A 1 94  ? -11.672 1.210   -8.438  1.00 20.00  ? 94  LYS A C    1 
ATOM   868  O O    . LYS A 1 94  ? -11.130 2.170   -8.948  1.00 17.67  ? 94  LYS A O    1 
ATOM   869  C CB   . LYS A 1 94  ? -11.328 -1.234  -9.063  1.00 19.23  ? 94  LYS A CB   1 
ATOM   870  C CG   . LYS A 1 94  ? -10.799 -1.142  -10.487 1.00 27.22  ? 94  LYS A CG   1 
ATOM   871  C CD   . LYS A 1 94  ? -10.923 -2.454  -11.247 1.00 19.26  ? 94  LYS A CD   1 
ATOM   872  C CE   . LYS A 1 94  ? -10.164 -3.603  -10.539 1.00 66.49  ? 94  LYS A CE   1 
ATOM   873  N NZ   . LYS A 1 94  ? -8.658  -3.547  -10.594 1.00 74.16  ? 94  LYS A NZ   1 
ATOM   874  H H    . LYS A 1 94  ? -11.572 -1.230  -6.583  1.00 0.00   ? 94  LYS A H    1 
ATOM   875  H HZ1  . LYS A 1 94  ? -8.356  -3.560  -11.589 1.00 0.00   ? 94  LYS A HZ1  1 
ATOM   876  H HZ2  . LYS A 1 94  ? -8.327  -2.666  -10.149 1.00 0.00   ? 94  LYS A HZ2  1 
ATOM   877  H HZ3  . LYS A 1 94  ? -8.260  -4.365  -10.095 1.00 0.00   ? 94  LYS A HZ3  1 
ATOM   878  N N    . GLU A 1 95  ? -12.900 1.260   -7.939  1.00 13.10  ? 95  GLU A N    1 
ATOM   879  C CA   . GLU A 1 95  ? -13.753 2.415   -8.119  1.00 1.00   ? 95  GLU A CA   1 
ATOM   880  C C    . GLU A 1 95  ? -13.030 3.605   -7.545  1.00 11.64  ? 95  GLU A C    1 
ATOM   881  O O    . GLU A 1 95  ? -12.887 4.622   -8.218  1.00 23.51  ? 95  GLU A O    1 
ATOM   882  C CB   . GLU A 1 95  ? -15.075 2.235   -7.373  1.00 4.20   ? 95  GLU A CB   1 
ATOM   883  C CG   . GLU A 1 95  ? -16.357 2.250   -8.202  1.00 31.65  ? 95  GLU A CG   1 
ATOM   884  C CD   . GLU A 1 95  ? -16.630 0.937   -8.913  1.00 60.64  ? 95  GLU A CD   1 
ATOM   885  O OE1  . GLU A 1 95  ? -15.875 0.638   -9.874  1.00 43.08  ? 95  GLU A OE1  1 
ATOM   886  O OE2  . GLU A 1 95  ? -17.598 0.226   -8.515  1.00 45.16  ? 95  GLU A OE2  1 
ATOM   887  H H    . GLU A 1 95  ? -13.250 0.493   -7.444  1.00 0.00   ? 95  GLU A H    1 
ATOM   888  N N    . LEU A 1 96  ? -12.560 3.465   -6.304  1.00 18.28  ? 96  LEU A N    1 
ATOM   889  C CA   . LEU A 1 96  ? -11.843 4.539   -5.607  1.00 18.56  ? 96  LEU A CA   1 
ATOM   890  C C    . LEU A 1 96  ? -10.460 4.968   -6.173  1.00 17.80  ? 96  LEU A C    1 
ATOM   891  O O    . LEU A 1 96  ? -10.025 6.075   -5.910  1.00 40.19  ? 96  LEU A O    1 
ATOM   892  C CB   . LEU A 1 96  ? -11.746 4.247   -4.110  1.00 8.60   ? 96  LEU A CB   1 
ATOM   893  C CG   . LEU A 1 96  ? -13.063 3.946   -3.390  1.00 28.13  ? 96  LEU A CG   1 
ATOM   894  C CD1  . LEU A 1 96  ? -12.803 3.701   -1.886  1.00 20.12  ? 96  LEU A CD1  1 
ATOM   895  C CD2  . LEU A 1 96  ? -14.044 5.054   -3.600  1.00 29.09  ? 96  LEU A CD2  1 
ATOM   896  H H    . LEU A 1 96  ? -12.682 2.615   -5.856  1.00 0.00   ? 96  LEU A H    1 
ATOM   897  N N    . GLY A 1 97  ? -9.789  4.140   -6.967  1.00 35.73  ? 97  GLY A N    1 
ATOM   898  C CA   . GLY A 1 97  ? -8.515  4.565   -7.527  1.00 14.32  ? 97  GLY A CA   1 
ATOM   899  C C    . GLY A 1 97  ? -7.274  3.745   -7.226  1.00 41.01  ? 97  GLY A C    1 
ATOM   900  O O    . GLY A 1 97  ? -6.132  4.246   -7.308  1.00 33.73  ? 97  GLY A O    1 
ATOM   901  H H    . GLY A 1 97  ? -10.163 3.268   -7.198  1.00 0.00   ? 97  GLY A H    1 
ATOM   902  N N    . ALA A 1 98  ? -7.489  2.478   -6.892  1.00 12.93  ? 98  ALA A N    1 
ATOM   903  C CA   . ALA A 1 98  ? -6.381  1.580   -6.586  1.00 10.65  ? 98  ALA A CA   1 
ATOM   904  C C    . ALA A 1 98  ? -5.707  1.245   -7.906  1.00 2.99   ? 98  ALA A C    1 
ATOM   905  O O    . ALA A 1 98  ? -6.383  0.928   -8.875  1.00 26.11  ? 98  ALA A O    1 
ATOM   906  C CB   . ALA A 1 98  ? -6.913  0.310   -5.934  1.00 29.12  ? 98  ALA A CB   1 
ATOM   907  H H    . ALA A 1 98  ? -8.400  2.131   -6.900  1.00 0.00   ? 98  ALA A H    1 
ATOM   908  N N    . LEU A 1 99  ? -4.392  1.355   -7.964  1.00 5.08   ? 99  LEU A N    1 
ATOM   909  C CA   . LEU A 1 99  ? -3.666  1.038   -9.197  1.00 5.86   ? 99  LEU A CA   1 
ATOM   910  C C    . LEU A 1 99  ? -4.020  -0.389  -9.603  1.00 28.26  ? 99  LEU A C    1 
ATOM   911  O O    . LEU A 1 99  ? -4.488  -0.648  -10.721 1.00 41.13  ? 99  LEU A O    1 
ATOM   912  C CB   . LEU A 1 99  ? -2.157  1.120   -8.952  1.00 8.73   ? 99  LEU A CB   1 
ATOM   913  C CG   . LEU A 1 99  ? -1.265  2.127   -9.651  1.00 9.03   ? 99  LEU A CG   1 
ATOM   914  C CD1  . LEU A 1 99  ? -1.941  3.484   -9.688  1.00 3.73   ? 99  LEU A CD1  1 
ATOM   915  C CD2  . LEU A 1 99  ? 0.055   2.155   -8.888  1.00 11.21  ? 99  LEU A CD2  1 
ATOM   916  H H    . LEU A 1 99  ? -3.912  1.694   -7.198  1.00 0.00   ? 99  LEU A H    1 
ATOM   917  N N    . THR A 1 100 ? -3.812  -1.303  -8.659  1.00 16.75  ? 100 THR A N    1 
ATOM   918  C CA   . THR A 1 100 ? -4.096  -2.708  -8.848  1.00 5.87   ? 100 THR A CA   1 
ATOM   919  C C    . THR A 1 100 ? -4.294  -3.310  -7.462  1.00 14.76  ? 100 THR A C    1 
ATOM   920  O O    . THR A 1 100 ? -4.556  -2.591  -6.490  1.00 14.27  ? 100 THR A O    1 
ATOM   921  C CB   . THR A 1 100 ? -2.943  -3.373  -9.634  1.00 8.93   ? 100 THR A CB   1 
ATOM   922  O OG1  . THR A 1 100 ? -3.292  -4.713  -9.995  1.00 22.44  ? 100 THR A OG1  1 
ATOM   923  C CG2  . THR A 1 100 ? -1.656  -3.343  -8.857  1.00 2.17   ? 100 THR A CG2  1 
ATOM   924  H H    . THR A 1 100 ? -3.492  -1.029  -7.772  1.00 0.00   ? 100 THR A H    1 
ATOM   925  H HG1  . THR A 1 100 ? -4.010  -4.686  -10.632 1.00 0.00   ? 100 THR A HG1  1 
ATOM   926  N N    . HIS A 1 101 ? -4.202  -4.625  -7.358  1.00 31.38  ? 101 HIS A N    1 
ATOM   927  C CA   . HIS A 1 101 ? -4.385  -5.286  -6.078  1.00 41.28  ? 101 HIS A CA   1 
ATOM   928  C C    . HIS A 1 101 ? -3.660  -6.615  -6.117  1.00 9.92   ? 101 HIS A C    1 
ATOM   929  O O    . HIS A 1 101 ? -3.565  -7.219  -7.169  1.00 17.08  ? 101 HIS A O    1 
ATOM   930  C CB   . HIS A 1 101 ? -5.879  -5.558  -5.850  1.00 2.25   ? 101 HIS A CB   1 
ATOM   931  C CG   . HIS A 1 101 ? -6.386  -6.740  -6.591  1.00 23.01  ? 101 HIS A CG   1 
ATOM   932  N ND1  . HIS A 1 101 ? -6.330  -8.025  -6.089  1.00 20.54  ? 101 HIS A ND1  1 
ATOM   933  C CD2  . HIS A 1 101 ? -6.909  -6.852  -7.846  1.00 33.46  ? 101 HIS A CD2  1 
ATOM   934  C CE1  . HIS A 1 101 ? -6.782  -8.872  -6.991  1.00 26.77  ? 101 HIS A CE1  1 
ATOM   935  N NE2  . HIS A 1 101 ? -7.142  -8.194  -8.065  1.00 12.97  ? 101 HIS A NE2  1 
ATOM   936  H H    . HIS A 1 101 ? -3.978  -5.205  -8.125  1.00 0.00   ? 101 HIS A H    1 
ATOM   937  H HD1  . HIS A 1 101 ? -6.026  -8.268  -5.191  1.00 0.00   ? 101 HIS A HD1  1 
ATOM   938  H HE2  . HIS A 1 101 ? -7.528  -8.590  -8.877  1.00 0.00   ? 101 HIS A HE2  1 
ATOM   939  N N    . PHE A 1 102 ? -3.095  -7.051  -4.999  1.00 23.01  ? 102 PHE A N    1 
ATOM   940  C CA   . PHE A 1 102 ? -2.458  -8.366  -4.963  1.00 3.92   ? 102 PHE A CA   1 
ATOM   941  C C    . PHE A 1 102 ? -3.110  -9.143  -3.841  1.00 2.45   ? 102 PHE A C    1 
ATOM   942  O O    . PHE A 1 102 ? -3.447  -8.587  -2.791  1.00 36.60  ? 102 PHE A O    1 
ATOM   943  C CB   . PHE A 1 102 ? -0.950  -8.287  -4.729  1.00 14.11  ? 102 PHE A CB   1 
ATOM   944  C CG   . PHE A 1 102 ? -0.191  -7.829  -5.924  1.00 22.91  ? 102 PHE A CG   1 
ATOM   945  C CD1  . PHE A 1 102 ? 0.257   -8.742  -6.866  1.00 44.92  ? 102 PHE A CD1  1 
ATOM   946  C CD2  . PHE A 1 102 ? 0.047   -6.476  -6.132  1.00 30.63  ? 102 PHE A CD2  1 
ATOM   947  C CE1  . PHE A 1 102 ? 0.931   -8.310  -8.014  1.00 15.94  ? 102 PHE A CE1  1 
ATOM   948  C CE2  . PHE A 1 102 ? 0.714   -6.037  -7.260  1.00 37.33  ? 102 PHE A CE2  1 
ATOM   949  C CZ   . PHE A 1 102 ? 1.158   -6.955  -8.205  1.00 35.53  ? 102 PHE A CZ   1 
ATOM   950  H H    . PHE A 1 102 ? -3.092  -6.500  -4.182  1.00 0.00   ? 102 PHE A H    1 
ATOM   951  N N    . ALA A 1 103 ? -3.384  -10.406 -4.099  1.00 21.62  ? 103 ALA A N    1 
ATOM   952  C CA   . ALA A 1 103 ? -3.978  -11.244 -3.077  1.00 15.63  ? 103 ALA A CA   1 
ATOM   953  C C    . ALA A 1 103 ? -2.867  -11.850 -2.180  1.00 8.11   ? 103 ALA A C    1 
ATOM   954  O O    . ALA A 1 103 ? -1.742  -12.091 -2.622  1.00 12.30  ? 103 ALA A O    1 
ATOM   955  C CB   . ALA A 1 103 ? -4.804  -12.332 -3.739  1.00 12.90  ? 103 ALA A CB   1 
ATOM   956  H H    . ALA A 1 103 ? -3.147  -10.792 -4.966  1.00 0.00   ? 103 ALA A H    1 
ATOM   957  N N    . LYS A 1 104 ? -3.154  -12.005 -0.903  1.00 14.58  ? 104 LYS A N    1 
ATOM   958  C CA   . LYS A 1 104 ? -2.213  -12.596 0.022   1.00 1.00   ? 104 LYS A CA   1 
ATOM   959  C C    . LYS A 1 104 ? -2.617  -14.052 0.265   1.00 2.27   ? 104 LYS A C    1 
ATOM   960  O O    . LYS A 1 104 ? -3.796  -14.375 0.432   1.00 18.79  ? 104 LYS A O    1 
ATOM   961  C CB   . LYS A 1 104 ? -2.261  -11.832 1.319   1.00 5.92   ? 104 LYS A CB   1 
ATOM   962  C CG   . LYS A 1 104 ? -1.755  -10.434 1.205   1.00 1.00   ? 104 LYS A CG   1 
ATOM   963  C CD   . LYS A 1 104 ? -1.534  -9.907  2.562   1.00 1.00   ? 104 LYS A CD   1 
ATOM   964  C CE   . LYS A 1 104 ? -0.200  -9.176  2.670   1.00 5.94   ? 104 LYS A CE   1 
ATOM   965  N NZ   . LYS A 1 104 ? -0.116  -8.383  3.948   1.00 4.88   ? 104 LYS A NZ   1 
ATOM   966  H H    . LYS A 1 104 ? -4.028  -11.751 -0.556  1.00 0.00   ? 104 LYS A H    1 
ATOM   967  H HZ1  . LYS A 1 104 ? -0.266  -8.993  4.782   1.00 0.00   ? 104 LYS A HZ1  1 
ATOM   968  H HZ2  . LYS A 1 104 ? 0.803   -7.915  4.019   1.00 0.00   ? 104 LYS A HZ2  1 
ATOM   969  H HZ3  . LYS A 1 104 ? -0.861  -7.660  3.915   1.00 0.00   ? 104 LYS A HZ3  1 
ATOM   970  N N    . PRO A 1 105 ? -1.642  -14.957 0.319   1.00 17.43  ? 105 PRO A N    1 
ATOM   971  C CA   . PRO A 1 105 ? -0.188  -14.779 0.165   1.00 20.81  ? 105 PRO A CA   1 
ATOM   972  C C    . PRO A 1 105 ? 0.235   -14.517 -1.294  1.00 16.29  ? 105 PRO A C    1 
ATOM   973  O O    . PRO A 1 105 ? -0.289  -15.153 -2.215  1.00 67.01  ? 105 PRO A O    1 
ATOM   974  C CB   . PRO A 1 105 ? 0.379   -16.110 0.713   1.00 14.35  ? 105 PRO A CB   1 
ATOM   975  C CG   . PRO A 1 105 ? -0.723  -16.642 1.621   1.00 51.94  ? 105 PRO A CG   1 
ATOM   976  C CD   . PRO A 1 105 ? -1.964  -16.302 0.837   1.00 12.90  ? 105 PRO A CD   1 
ATOM   977  N N    . PHE A 1 106 ? 1.166   -13.582 -1.504  1.00 19.89  ? 106 PHE A N    1 
ATOM   978  C CA   . PHE A 1 106 ? 1.625   -13.231 -2.863  1.00 36.09  ? 106 PHE A CA   1 
ATOM   979  C C    . PHE A 1 106 ? 3.043   -13.660 -3.180  1.00 18.55  ? 106 PHE A C    1 
ATOM   980  O O    . PHE A 1 106 ? 3.739   -14.254 -2.341  1.00 22.82  ? 106 PHE A O    1 
ATOM   981  C CB   . PHE A 1 106 ? 1.501   -11.714 -3.127  1.00 9.52   ? 106 PHE A CB   1 
ATOM   982  C CG   . PHE A 1 106 ? 2.079   -10.839 -2.032  1.00 12.52  ? 106 PHE A CG   1 
ATOM   983  C CD1  . PHE A 1 106 ? 3.419   -10.928 -1.683  1.00 11.26  ? 106 PHE A CD1  1 
ATOM   984  C CD2  . PHE A 1 106 ? 1.265   -9.945  -1.338  1.00 8.80   ? 106 PHE A CD2  1 
ATOM   985  C CE1  . PHE A 1 106 ? 3.950   -10.144 -0.655  1.00 10.43  ? 106 PHE A CE1  1 
ATOM   986  C CE2  . PHE A 1 106 ? 1.783   -9.173  -0.330  1.00 8.01   ? 106 PHE A CE2  1 
ATOM   987  C CZ   . PHE A 1 106 ? 3.131   -9.269  0.023   1.00 9.40   ? 106 PHE A CZ   1 
ATOM   988  H H    . PHE A 1 106 ? 1.586   -13.145 -0.735  1.00 0.00   ? 106 PHE A H    1 
ATOM   989  N N    . ASP A 1 107 ? 3.476   -13.367 -4.397  1.00 20.06  ? 107 ASP A N    1 
ATOM   990  C CA   . ASP A 1 107 ? 4.847   -13.685 -4.806  1.00 12.23  ? 107 ASP A CA   1 
ATOM   991  C C    . ASP A 1 107 ? 5.610   -12.367 -4.675  1.00 17.22  ? 107 ASP A C    1 
ATOM   992  O O    . ASP A 1 107 ? 5.360   -11.428 -5.437  1.00 24.52  ? 107 ASP A O    1 
ATOM   993  C CB   . ASP A 1 107 ? 4.882   -14.178 -6.258  1.00 38.12  ? 107 ASP A CB   1 
ATOM   994  C CG   . ASP A 1 107 ? 6.257   -14.642 -6.697  1.00 27.69  ? 107 ASP A CG   1 
ATOM   995  O OD1  . ASP A 1 107 ? 7.195   -14.596 -5.875  1.00 40.28  ? 107 ASP A OD1  1 
ATOM   996  O OD2  . ASP A 1 107 ? 6.395   -15.063 -7.873  1.00 44.60  ? 107 ASP A OD2  1 
ATOM   997  H H    . ASP A 1 107 ? 2.855   -12.942 -5.029  1.00 0.00   ? 107 ASP A H    1 
ATOM   998  N N    . ILE A 1 108 ? 6.575   -12.325 -3.755  1.00 13.17  ? 108 ILE A N    1 
ATOM   999  C CA   . ILE A 1 108 ? 7.360   -11.112 -3.507  1.00 20.88  ? 108 ILE A CA   1 
ATOM   1000 C C    . ILE A 1 108 ? 8.038   -10.602 -4.775  1.00 14.23  ? 108 ILE A C    1 
ATOM   1001 O O    . ILE A 1 108 ? 8.329   -9.412  -4.901  1.00 50.80  ? 108 ILE A O    1 
ATOM   1002 C CB   . ILE A 1 108 ? 8.393   -11.345 -2.410  1.00 13.76  ? 108 ILE A CB   1 
ATOM   1003 C CG1  . ILE A 1 108 ? 9.230   -10.083 -2.152  1.00 28.13  ? 108 ILE A CG1  1 
ATOM   1004 C CG2  . ILE A 1 108 ? 9.216   -12.509 -2.774  1.00 14.14  ? 108 ILE A CG2  1 
ATOM   1005 C CD1  . ILE A 1 108 ? 8.478   -8.921  -1.527  1.00 12.43  ? 108 ILE A CD1  1 
ATOM   1006 H H    . ILE A 1 108 ? 6.744   -13.139 -3.237  1.00 0.00   ? 108 ILE A H    1 
ATOM   1007 N N    . ASP A 1 109 ? 8.191   -11.489 -5.751  1.00 32.19  ? 109 ASP A N    1 
ATOM   1008 C CA   . ASP A 1 109 ? 8.817   -11.122 -7.009  1.00 30.98  ? 109 ASP A CA   1 
ATOM   1009 C C    . ASP A 1 109 ? 7.797   -10.366 -7.841  1.00 54.78  ? 109 ASP A C    1 
ATOM   1010 O O    . ASP A 1 109 ? 8.122   -9.430  -8.563  1.00 31.63  ? 109 ASP A O    1 
ATOM   1011 C CB   . ASP A 1 109 ? 9.329   -12.377 -7.733  1.00 20.91  ? 109 ASP A CB   1 
ATOM   1012 C CG   . ASP A 1 109 ? 10.666  -12.855 -7.194  1.00 46.48  ? 109 ASP A CG   1 
ATOM   1013 O OD1  . ASP A 1 109 ? 11.482  -11.995 -6.769  1.00 15.68  ? 109 ASP A OD1  1 
ATOM   1014 O OD2  . ASP A 1 109 ? 10.897  -14.086 -7.205  1.00 36.01  ? 109 ASP A OD2  1 
ATOM   1015 H H    . ASP A 1 109 ? 7.898   -12.405 -5.634  1.00 0.00   ? 109 ASP A H    1 
ATOM   1016 N N    . GLU A 1 110 ? 6.540   -10.727 -7.658  1.00 17.35  ? 110 GLU A N    1 
ATOM   1017 C CA   . GLU A 1 110 ? 5.478   -10.094 -8.385  1.00 5.41   ? 110 GLU A CA   1 
ATOM   1018 C C    . GLU A 1 110 ? 5.233   -8.693  -7.860  1.00 8.25   ? 110 GLU A C    1 
ATOM   1019 O O    . GLU A 1 110 ? 4.886   -7.799  -8.624  1.00 37.53  ? 110 GLU A O    1 
ATOM   1020 C CB   . GLU A 1 110 ? 4.205   -10.944 -8.308  1.00 34.15  ? 110 GLU A CB   1 
ATOM   1021 C CG   . GLU A 1 110 ? 4.147   -12.070 -9.354  1.00 21.36  ? 110 GLU A CG   1 
ATOM   1022 C CD   . GLU A 1 110 ? 2.832   -12.882 -9.318  1.00 74.29  ? 110 GLU A CD   1 
ATOM   1023 O OE1  . GLU A 1 110 ? 1.718   -12.296 -9.235  1.00 34.47  ? 110 GLU A OE1  1 
ATOM   1024 O OE2  . GLU A 1 110 ? 2.923   -14.130 -9.396  1.00 84.07  ? 110 GLU A OE2  1 
ATOM   1025 H H    . GLU A 1 110 ? 6.336   -11.428 -7.024  1.00 0.00   ? 110 GLU A H    1 
ATOM   1026 N N    . ILE A 1 111 ? 5.395   -8.493  -6.560  1.00 28.65  ? 111 ILE A N    1 
ATOM   1027 C CA   . ILE A 1 111 ? 5.183   -7.168  -6.011  1.00 18.39  ? 111 ILE A CA   1 
ATOM   1028 C C    . ILE A 1 111 ? 6.356   -6.335  -6.428  1.00 28.48  ? 111 ILE A C    1 
ATOM   1029 O O    . ILE A 1 111 ? 6.193   -5.208  -6.908  1.00 37.59  ? 111 ILE A O    1 
ATOM   1030 C CB   . ILE A 1 111 ? 5.136   -7.170  -4.510  1.00 4.85   ? 111 ILE A CB   1 
ATOM   1031 C CG1  . ILE A 1 111 ? 4.176   -8.248  -4.041  1.00 6.80   ? 111 ILE A CG1  1 
ATOM   1032 C CG2  . ILE A 1 111 ? 4.593   -5.833  -4.012  1.00 23.66  ? 111 ILE A CG2  1 
ATOM   1033 C CD1  . ILE A 1 111 ? 2.750   -7.923  -4.278  1.00 43.78  ? 111 ILE A CD1  1 
ATOM   1034 H H    . ILE A 1 111 ? 5.674   -9.234  -5.988  1.00 0.00   ? 111 ILE A H    1 
ATOM   1035 N N    . ARG A 1 112 ? 7.539   -6.922  -6.303  1.00 13.67  ? 112 ARG A N    1 
ATOM   1036 C CA   . ARG A 1 112 ? 8.767   -6.230  -6.661  1.00 12.37  ? 112 ARG A CA   1 
ATOM   1037 C C    . ARG A 1 112 ? 8.668   -5.773  -8.126  1.00 20.55  ? 112 ARG A C    1 
ATOM   1038 O O    . ARG A 1 112 ? 8.974   -4.631  -8.446  1.00 34.93  ? 112 ARG A O    1 
ATOM   1039 C CB   . ARG A 1 112 ? 9.949   -7.154  -6.423  1.00 6.83   ? 112 ARG A CB   1 
ATOM   1040 C CG   . ARG A 1 112 ? 11.266  -6.469  -6.347  1.00 42.71  ? 112 ARG A CG   1 
ATOM   1041 C CD   . ARG A 1 112 ? 12.396  -7.493  -6.378  1.00 44.32  ? 112 ARG A CD   1 
ATOM   1042 N NE   . ARG A 1 112 ? 13.666  -6.893  -5.969  1.00 53.18  ? 112 ARG A NE   1 
ATOM   1043 C CZ   . ARG A 1 112 ? 14.558  -7.484  -5.174  1.00 84.23  ? 112 ARG A CZ   1 
ATOM   1044 N NH1  . ARG A 1 112 ? 14.337  -8.717  -4.713  1.00 79.39  ? 112 ARG A NH1  1 
ATOM   1045 N NH2  . ARG A 1 112 ? 15.616  -6.800  -4.744  1.00 61.16  ? 112 ARG A NH2  1 
ATOM   1046 H H    . ARG A 1 112 ? 7.603   -7.834  -5.939  1.00 0.00   ? 112 ARG A H    1 
ATOM   1047 H HE   . ARG A 1 112 ? 13.860  -6.004  -6.323  1.00 0.00   ? 112 ARG A HE   1 
ATOM   1048 H HH11 . ARG A 1 112 ? 13.500  -9.210  -4.953  1.00 0.00   ? 112 ARG A HH11 1 
ATOM   1049 H HH12 . ARG A 1 112 ? 15.006  -9.147  -4.110  1.00 0.00   ? 112 ARG A HH12 1 
ATOM   1050 H HH21 . ARG A 1 112 ? 15.728  -5.847  -5.023  1.00 0.00   ? 112 ARG A HH21 1 
ATOM   1051 H HH22 . ARG A 1 112 ? 16.286  -7.233  -4.142  1.00 0.00   ? 112 ARG A HH22 1 
ATOM   1052 N N    . ASP A 1 113 ? 8.167   -6.623  -9.013  1.00 13.86  ? 113 ASP A N    1 
ATOM   1053 C CA   . ASP A 1 113 ? 8.018   -6.210  -10.423 1.00 10.94  ? 113 ASP A CA   1 
ATOM   1054 C C    . ASP A 1 113 ? 6.949   -5.133  -10.693 1.00 6.10   ? 113 ASP A C    1 
ATOM   1055 O O    . ASP A 1 113 ? 7.087   -4.346  -11.620 1.00 50.77  ? 113 ASP A O    1 
ATOM   1056 C CB   . ASP A 1 113 ? 7.755   -7.421  -11.337 1.00 34.65  ? 113 ASP A CB   1 
ATOM   1057 C CG   . ASP A 1 113 ? 9.011   -8.240  -11.616 1.00 71.70  ? 113 ASP A CG   1 
ATOM   1058 O OD1  . ASP A 1 113 ? 10.078  -7.988  -10.991 1.00 90.75  ? 113 ASP A OD1  1 
ATOM   1059 O OD2  . ASP A 1 113 ? 8.919   -9.149  -12.468 1.00 87.12  ? 113 ASP A OD2  1 
ATOM   1060 H H    . ASP A 1 113 ? 7.924   -7.524  -8.730  1.00 0.00   ? 113 ASP A H    1 
ATOM   1061 N N    . ALA A 1 114 ? 5.898   -5.085  -9.880  1.00 18.63  ? 114 ALA A N    1 
ATOM   1062 C CA   . ALA A 1 114 ? 4.851   -4.109  -10.070 1.00 1.00   ? 114 ALA A CA   1 
ATOM   1063 C C    . ALA A 1 114 ? 5.202   -2.722  -9.618  1.00 1.00   ? 114 ALA A C    1 
ATOM   1064 O O    . ALA A 1 114 ? 4.743   -1.753  -10.209 1.00 29.88  ? 114 ALA A O    1 
ATOM   1065 C CB   . ALA A 1 114 ? 3.634   -4.539  -9.382  1.00 6.04   ? 114 ALA A CB   1 
ATOM   1066 H H    . ALA A 1 114 ? 5.813   -5.730  -9.151  1.00 0.00   ? 114 ALA A H    1 
ATOM   1067 N N    . VAL A 1 115 ? 5.978   -2.598  -8.554  1.00 14.92  ? 115 VAL A N    1 
ATOM   1068 C CA   . VAL A 1 115 ? 6.322   -1.267  -8.081  1.00 22.10  ? 115 VAL A CA   1 
ATOM   1069 C C    . VAL A 1 115 ? 7.289   -0.622  -9.025  1.00 14.70  ? 115 VAL A C    1 
ATOM   1070 O O    . VAL A 1 115 ? 7.260   0.576   -9.216  1.00 57.23  ? 115 VAL A O    1 
ATOM   1071 C CB   . VAL A 1 115 ? 6.850   -1.240  -6.628  1.00 1.00   ? 115 VAL A CB   1 
ATOM   1072 C CG1  . VAL A 1 115 ? 5.926   -2.033  -5.769  1.00 14.43  ? 115 VAL A CG1  1 
ATOM   1073 C CG2  . VAL A 1 115 ? 8.240   -1.751  -6.535  1.00 27.54  ? 115 VAL A CG2  1 
ATOM   1074 H H    . VAL A 1 115 ? 6.294   -3.404  -8.093  1.00 0.00   ? 115 VAL A H    1 
ATOM   1075 N N    . LYS A 1 116 ? 8.092   -1.437  -9.683  1.00 17.68  ? 116 LYS A N    1 
ATOM   1076 C CA   . LYS A 1 116 ? 9.055   -0.928  -10.636 1.00 31.28  ? 116 LYS A CA   1 
ATOM   1077 C C    . LYS A 1 116 ? 8.396   -0.567  -11.973 1.00 5.63   ? 116 LYS A C    1 
ATOM   1078 O O    . LYS A 1 116 ? 8.897   0.273   -12.715 1.00 65.73  ? 116 LYS A O    1 
ATOM   1079 C CB   . LYS A 1 116 ? 10.194  -1.935  -10.768 1.00 19.40  ? 116 LYS A CB   1 
ATOM   1080 C CG   . LYS A 1 116 ? 10.961  -2.056  -9.431  1.00 28.02  ? 116 LYS A CG   1 
ATOM   1081 C CD   . LYS A 1 116 ? 11.757  -3.331  -9.313  1.00 49.00  ? 116 LYS A CD   1 
ATOM   1082 C CE   . LYS A 1 116 ? 12.836  -3.421  -10.377 1.00 60.00  ? 116 LYS A CE   1 
ATOM   1083 N NZ   . LYS A 1 116 ? 13.345  -4.824  -10.542 1.00 76.20  ? 116 LYS A NZ   1 
ATOM   1084 H H    . LYS A 1 116 ? 8.069   -2.396  -9.504  1.00 0.00   ? 116 LYS A H    1 
ATOM   1085 H HZ1  . LYS A 1 116 ? 13.748  -5.163  -9.645  1.00 0.00   ? 116 LYS A HZ1  1 
ATOM   1086 H HZ2  . LYS A 1 116 ? 12.561  -5.447  -10.824 1.00 0.00   ? 116 LYS A HZ2  1 
ATOM   1087 H HZ3  . LYS A 1 116 ? 14.080  -4.848  -11.278 1.00 0.00   ? 116 LYS A HZ3  1 
ATOM   1088 N N    . LYS A 1 117 ? 7.228   -1.149  -12.222 1.00 12.44  ? 117 LYS A N    1 
ATOM   1089 C CA   . LYS A 1 117 ? 6.465   -0.904  -13.436 1.00 5.42   ? 117 LYS A CA   1 
ATOM   1090 C C    . LYS A 1 117 ? 5.592   0.359   -13.258 1.00 26.27  ? 117 LYS A C    1 
ATOM   1091 O O    . LYS A 1 117 ? 5.394   1.137   -14.197 1.00 62.57  ? 117 LYS A O    1 
ATOM   1092 C CB   . LYS A 1 117 ? 5.590   -2.139  -13.769 1.00 33.73  ? 117 LYS A CB   1 
ATOM   1093 C CG   . LYS A 1 117 ? 4.406   -1.889  -14.718 1.00 22.05  ? 117 LYS A CG   1 
ATOM   1094 C CD   . LYS A 1 117 ? 3.291   -2.912  -14.506 1.00 31.64  ? 117 LYS A CD   1 
ATOM   1095 C CE   . LYS A 1 117 ? 2.131   -2.765  -15.511 1.00 43.00  ? 117 LYS A CE   1 
ATOM   1096 N NZ   . LYS A 1 117 ? 1.306   -1.526  -15.352 1.00 46.93  ? 117 LYS A NZ   1 
ATOM   1097 H H    . LYS A 1 117 ? 6.881   -1.788  -11.568 1.00 0.00   ? 117 LYS A H    1 
ATOM   1098 H HZ1  . LYS A 1 117 ? 1.917   -0.686  -15.453 1.00 0.00   ? 117 LYS A HZ1  1 
ATOM   1099 H HZ2  . LYS A 1 117 ? 0.565   -1.494  -16.079 1.00 0.00   ? 117 LYS A HZ2  1 
ATOM   1100 H HZ3  . LYS A 1 117 ? 0.870   -1.519  -14.415 1.00 0.00   ? 117 LYS A HZ3  1 
ATOM   1101 N N    . TYR A 1 118 ? 5.055   0.550   -12.061 1.00 31.41  ? 118 TYR A N    1 
ATOM   1102 C CA   . TYR A 1 118 ? 4.245   1.725   -11.788 1.00 15.72  ? 118 TYR A CA   1 
ATOM   1103 C C    . TYR A 1 118 ? 5.078   2.876   -11.231 1.00 34.15  ? 118 TYR A C    1 
ATOM   1104 O O    . TYR A 1 118 ? 4.851   4.035   -11.574 1.00 65.35  ? 118 TYR A O    1 
ATOM   1105 C CB   . TYR A 1 118 ? 3.145   1.395   -10.784 1.00 17.14  ? 118 TYR A CB   1 
ATOM   1106 C CG   . TYR A 1 118 ? 2.041   0.571   -11.350 1.00 22.97  ? 118 TYR A CG   1 
ATOM   1107 C CD1  . TYR A 1 118 ? 1.218   1.087   -12.347 1.00 66.59  ? 118 TYR A CD1  1 
ATOM   1108 C CD2  . TYR A 1 118 ? 1.829   -0.743  -10.920 1.00 25.28  ? 118 TYR A CD2  1 
ATOM   1109 C CE1  . TYR A 1 118 ? 0.212   0.322   -12.914 1.00 36.83  ? 118 TYR A CE1  1 
ATOM   1110 C CE2  . TYR A 1 118 ? 0.827   -1.520  -11.477 1.00 24.99  ? 118 TYR A CE2  1 
ATOM   1111 C CZ   . TYR A 1 118 ? 0.017   -0.975  -12.485 1.00 30.42  ? 118 TYR A CZ   1 
ATOM   1112 O OH   . TYR A 1 118 ? -0.981  -1.707  -13.091 1.00 58.01  ? 118 TYR A OH   1 
ATOM   1113 H H    . TYR A 1 118 ? 5.172   -0.120  -11.356 1.00 0.00   ? 118 TYR A H    1 
ATOM   1114 H HH   . TYR A 1 118 ? -0.980  -2.605  -12.754 1.00 0.00   ? 118 TYR A HH   1 
ATOM   1115 N N    . LEU A 1 119 ? 6.061   2.546   -10.400 1.00 25.69  ? 119 LEU A N    1 
ATOM   1116 C CA   . LEU A 1 119 ? 6.906   3.541   -9.753  1.00 9.48   ? 119 LEU A CA   1 
ATOM   1117 C C    . LEU A 1 119 ? 8.359   3.345   -10.136 1.00 29.70  ? 119 LEU A C    1 
ATOM   1118 O O    . LEU A 1 119 ? 9.201   3.033   -9.287  1.00 34.79  ? 119 LEU A O    1 
ATOM   1119 C CB   . LEU A 1 119 ? 6.723   3.460   -8.214  1.00 33.34  ? 119 LEU A CB   1 
ATOM   1120 C CG   . LEU A 1 119 ? 6.901   4.625   -7.207  1.00 21.12  ? 119 LEU A CG   1 
ATOM   1121 C CD1  . LEU A 1 119 ? 8.284   4.734   -6.700  1.00 31.51  ? 119 LEU A CD1  1 
ATOM   1122 C CD2  . LEU A 1 119 ? 6.454   5.936   -7.791  1.00 18.54  ? 119 LEU A CD2  1 
ATOM   1123 H H    . LEU A 1 119 ? 6.236   1.605   -10.252 1.00 0.00   ? 119 LEU A H    1 
ATOM   1124 N N    . PRO A 1 120 ? 8.691   3.607   -11.408 1.00 30.14  ? 120 PRO A N    1 
ATOM   1125 C CA   . PRO A 1 120 ? 10.037  3.484   -11.981 1.00 31.10  ? 120 PRO A CA   1 
ATOM   1126 C C    . PRO A 1 120 ? 11.066  4.365   -11.253 1.00 34.67  ? 120 PRO A C    1 
ATOM   1127 O O    . PRO A 1 120 ? 10.924  5.591   -11.171 1.00 31.14  ? 120 PRO A O    1 
ATOM   1128 C CB   . PRO A 1 120 ? 9.836   3.961   -13.422 1.00 36.81  ? 120 PRO A CB   1 
ATOM   1129 C CG   . PRO A 1 120 ? 8.355   3.767   -13.667 1.00 46.98  ? 120 PRO A CG   1 
ATOM   1130 C CD   . PRO A 1 120 ? 7.780   4.232   -12.385 1.00 54.32  ? 120 PRO A CD   1 
ATOM   1131 N N    . LEU A 1 121 ? 12.089  3.727   -10.710 1.00 58.98  ? 121 LEU A N    1 
ATOM   1132 C CA   . LEU A 1 121 ? 13.131  4.443   -9.995  1.00 45.69  ? 121 LEU A CA   1 
ATOM   1133 C C    . LEU A 1 121 ? 14.310  4.732   -10.931 1.00 28.28  ? 121 LEU A C    1 
ATOM   1134 O O    . LEU A 1 121 ? 14.193  5.509   -11.888 1.00 64.19  ? 121 LEU A O    1 
ATOM   1135 C CB   . LEU A 1 121 ? 13.586  3.626   -8.781  1.00 23.01  ? 121 LEU A CB   1 
ATOM   1136 C CG   . LEU A 1 121 ? 14.615  4.211   -7.816  1.00 59.23  ? 121 LEU A CG   1 
ATOM   1137 C CD1  . LEU A 1 121 ? 13.952  5.136   -6.785  1.00 60.21  ? 121 LEU A CD1  1 
ATOM   1138 C CD2  . LEU A 1 121 ? 15.300  3.056   -7.132  1.00 33.47  ? 121 LEU A CD2  1 
ATOM   1139 H H    . LEU A 1 121 ? 12.118  2.752   -10.790 1.00 0.00   ? 121 LEU A H    1 
HETATM 1140 O O    . HOH B 2 .   ? 1.535   -14.634 4.675   1.00 41.91  ? 131 HOH A O    1 
HETATM 1141 H H1   . HOH B 2 .   ? 0.838   -14.894 4.061   1.00 0.00   ? 131 HOH A H1   1 
HETATM 1142 H H2   . HOH B 2 .   ? 1.287   -13.750 4.889   1.00 0.00   ? 131 HOH A H2   1 
HETATM 1143 O O    . HOH B 2 .   ? -11.947 5.866   13.093  1.00 42.30  ? 132 HOH A O    1 
HETATM 1144 H H1   . HOH B 2 .   ? -11.934 6.728   13.500  1.00 0.00   ? 132 HOH A H1   1 
HETATM 1145 H H2   . HOH B 2 .   ? -12.466 5.983   12.294  1.00 0.00   ? 132 HOH A H2   1 
HETATM 1146 O O    . HOH B 2 .   ? -2.342  -13.905 4.667   1.00 32.52  ? 133 HOH A O    1 
HETATM 1147 H H1   . HOH B 2 .   ? -1.979  -13.427 3.928   1.00 0.00   ? 133 HOH A H1   1 
HETATM 1148 H H2   . HOH B 2 .   ? -1.741  -13.806 5.387   1.00 0.00   ? 133 HOH A H2   1 
HETATM 1149 O O    . HOH B 2 .   ? 2.263   -2.950  16.221  1.00 39.01  ? 134 HOH A O    1 
HETATM 1150 H H1   . HOH B 2 .   ? 1.955   -3.857  16.014  1.00 0.00   ? 134 HOH A H1   1 
HETATM 1151 H H2   . HOH B 2 .   ? 2.885   -3.109  16.925  1.00 0.00   ? 134 HOH A H2   1 
HETATM 1152 O O    . HOH B 2 .   ? 4.735   -4.820  14.813  1.00 42.11  ? 135 HOH A O    1 
HETATM 1153 H H1   . HOH B 2 .   ? 5.658   -4.687  15.069  1.00 0.00   ? 135 HOH A H1   1 
HETATM 1154 H H2   . HOH B 2 .   ? 4.292   -4.090  15.255  1.00 0.00   ? 135 HOH A H2   1 
HETATM 1155 O O    . HOH B 2 .   ? -2.643  -5.146  15.873  1.00 40.02  ? 136 HOH A O    1 
HETATM 1156 H H1   . HOH B 2 .   ? -1.958  -4.635  15.430  1.00 0.00   ? 136 HOH A H1   1 
HETATM 1157 H H2   . HOH B 2 .   ? -2.777  -4.652  16.684  1.00 0.00   ? 136 HOH A H2   1 
HETATM 1158 O O    . HOH B 2 .   ? -8.078  12.667  5.940   1.00 51.75  ? 137 HOH A O    1 
HETATM 1159 H H1   . HOH B 2 .   ? -7.602  12.330  5.177   1.00 0.00   ? 137 HOH A H1   1 
HETATM 1160 H H2   . HOH B 2 .   ? -8.989  12.430  5.766   1.00 0.00   ? 137 HOH A H2   1 
HETATM 1161 O O    . HOH B 2 .   ? -12.272 12.897  -3.200  1.00 55.94  ? 138 HOH A O    1 
HETATM 1162 H H1   . HOH B 2 .   ? -11.931 13.555  -3.803  1.00 0.00   ? 138 HOH A H1   1 
HETATM 1163 H H2   . HOH B 2 .   ? -13.219 12.910  -3.331  1.00 0.00   ? 138 HOH A H2   1 
HETATM 1164 O O    . HOH B 2 .   ? -8.999  15.976  -2.101  1.00 36.08  ? 139 HOH A O    1 
HETATM 1165 H H1   . HOH B 2 .   ? -9.522  16.229  -2.842  1.00 0.00   ? 139 HOH A H1   1 
HETATM 1166 H H2   . HOH B 2 .   ? -8.647  15.102  -2.292  1.00 0.00   ? 139 HOH A H2   1 
HETATM 1167 O O    . HOH B 2 .   ? -7.157  14.619  -9.683  1.00 42.10  ? 140 HOH A O    1 
HETATM 1168 H H1   . HOH B 2 .   ? -7.725  14.682  -10.475 1.00 0.00   ? 140 HOH A H1   1 
HETATM 1169 H H2   . HOH B 2 .   ? -7.171  13.676  -9.511  1.00 0.00   ? 140 HOH A H2   1 
HETATM 1170 O O    . HOH B 2 .   ? -8.056  -3.033  -7.819  1.00 30.92  ? 141 HOH A O    1 
HETATM 1171 H H1   . HOH B 2 .   ? -8.623  -2.903  -8.581  1.00 0.00   ? 141 HOH A H1   1 
HETATM 1172 H H2   . HOH B 2 .   ? -7.205  -2.714  -8.118  1.00 0.00   ? 141 HOH A H2   1 
HETATM 1173 O O    . HOH B 2 .   ? -0.737  -12.667 -5.444  1.00 31.63  ? 142 HOH A O    1 
HETATM 1174 H H1   . HOH B 2 .   ? -0.820  -13.031 -4.544  1.00 0.00   ? 142 HOH A H1   1 
HETATM 1175 H H2   . HOH B 2 .   ? -1.176  -11.829 -5.363  1.00 0.00   ? 142 HOH A H2   1 
HETATM 1176 O O    . HOH B 2 .   ? 4.511   5.943   12.677  1.00 50.03  ? 143 HOH A O    1 
HETATM 1177 H H1   . HOH B 2 .   ? 5.130   5.246   12.425  1.00 0.00   ? 143 HOH A H1   1 
HETATM 1178 H H2   . HOH B 2 .   ? 4.851   6.278   13.497  1.00 0.00   ? 143 HOH A H2   1 
HETATM 1179 O O    . HOH B 2 .   ? 14.533  -9.045  7.425   1.00 48.52  ? 144 HOH A O    1 
HETATM 1180 H H1   . HOH B 2 .   ? 15.068  -8.325  7.075   1.00 0.00   ? 144 HOH A H1   1 
HETATM 1181 H H2   . HOH B 2 .   ? 15.189  -9.618  7.818   1.00 0.00   ? 144 HOH A H2   1 
HETATM 1182 O O    . HOH B 2 .   ? 2.179   -12.518 1.190   1.00 18.80  ? 145 HOH A O    1 
HETATM 1183 H H1   . HOH B 2 .   ? 3.132   -12.409 1.138   1.00 0.00   ? 145 HOH A H1   1 
HETATM 1184 H H2   . HOH B 2 .   ? 1.934   -12.201 2.072   1.00 0.00   ? 145 HOH A H2   1 
HETATM 1185 O O    . HOH B 2 .   ? 0.505   -12.482 3.382   1.00 18.61  ? 146 HOH A O    1 
HETATM 1186 H H1   . HOH B 2 .   ? -0.371  -12.200 3.638   1.00 0.00   ? 146 HOH A H1   1 
HETATM 1187 H H2   . HOH B 2 .   ? 1.021   -11.956 4.026   1.00 0.00   ? 146 HOH A H2   1 
HETATM 1188 O O    . HOH B 2 .   ? 0.424   -5.269  16.495  1.00 54.28  ? 147 HOH A O    1 
HETATM 1189 H H1   . HOH B 2 .   ? -0.107  -6.038  16.784  1.00 0.00   ? 147 HOH A H1   1 
HETATM 1190 H H2   . HOH B 2 .   ? 0.235   -5.224  15.563  1.00 0.00   ? 147 HOH A H2   1 
HETATM 1191 O O    . HOH B 2 .   ? -15.995 -8.567  -0.746  1.00 38.60  ? 148 HOH A O    1 
HETATM 1192 H H1   . HOH B 2 .   ? -15.622 -8.912  0.092   1.00 0.00   ? 148 HOH A H1   1 
HETATM 1193 H H2   . HOH B 2 .   ? -16.901 -8.456  -0.391  1.00 0.00   ? 148 HOH A H2   1 
HETATM 1194 O O    . HOH B 2 .   ? 15.532  -6.343  8.266   1.00 62.15  ? 149 HOH A O    1 
HETATM 1195 H H1   . HOH B 2 .   ? 15.119  -5.477  8.219   1.00 0.00   ? 149 HOH A H1   1 
HETATM 1196 H H2   . HOH B 2 .   ? 14.755  -6.920  8.221   1.00 0.00   ? 149 HOH A H2   1 
HETATM 1197 O O    . HOH B 2 .   ? -8.702  4.008   16.618  1.00 39.49  ? 150 HOH A O    1 
HETATM 1198 H H1   . HOH B 2 .   ? -9.578  4.393   16.803  1.00 0.00   ? 150 HOH A H1   1 
HETATM 1199 H H2   . HOH B 2 .   ? -8.143  4.596   17.122  1.00 0.00   ? 150 HOH A H2   1 
# 
